data_2CQX
#
_entry.id   2CQX
#
_entity_poly.entity_id   1
_entity_poly.type   'polypeptide(L)'
_entity_poly.pdbx_seq_one_letter_code
;GSSGSSGGIKDSPVNKVEPNDTLEKVFVSVTKYPDEKRLKGLSKQLDWSVRKIQCWFRHRRNQDKPSGPSSG
;
_entity_poly.pdbx_strand_id   A
#
# COMPACT_ATOMS: atom_id res chain seq x y z
N GLY A 1 31.30 -30.05 13.07
CA GLY A 1 30.63 -29.97 11.79
C GLY A 1 30.08 -28.60 11.49
N SER A 2 29.02 -28.54 10.69
CA SER A 2 28.40 -27.27 10.33
C SER A 2 27.13 -27.50 9.52
N SER A 3 26.46 -26.41 9.17
CA SER A 3 25.22 -26.48 8.39
C SER A 3 24.78 -25.10 7.92
N GLY A 4 23.74 -25.06 7.12
CA GLY A 4 23.24 -23.79 6.61
C GLY A 4 21.73 -23.80 6.43
N SER A 5 21.23 -22.87 5.62
CA SER A 5 19.79 -22.77 5.36
C SER A 5 19.52 -22.20 3.98
N SER A 6 18.39 -22.55 3.41
CA SER A 6 18.01 -22.09 2.08
C SER A 6 16.50 -21.91 1.97
N GLY A 7 16.07 -21.12 0.99
CA GLY A 7 14.65 -20.88 0.80
C GLY A 7 14.27 -20.81 -0.67
N GLY A 8 13.36 -19.90 -1.00
CA GLY A 8 12.91 -19.76 -2.38
C GLY A 8 11.44 -19.40 -2.48
N ILE A 9 10.60 -20.43 -2.59
CA ILE A 9 9.16 -20.21 -2.70
C ILE A 9 8.57 -19.71 -1.38
N LYS A 10 7.79 -18.63 -1.46
CA LYS A 10 7.18 -18.06 -0.27
C LYS A 10 5.69 -17.81 -0.51
N ASP A 11 4.96 -17.48 0.56
CA ASP A 11 3.54 -17.22 0.47
C ASP A 11 3.27 -15.89 -0.23
N SER A 12 2.02 -15.68 -0.62
CA SER A 12 1.64 -14.45 -1.31
C SER A 12 0.30 -13.94 -0.80
N PRO A 13 0.13 -12.60 -0.80
CA PRO A 13 -1.10 -11.95 -0.34
C PRO A 13 -2.26 -12.20 -1.28
N VAL A 14 -3.34 -12.77 -0.76
CA VAL A 14 -4.53 -13.06 -1.54
C VAL A 14 -5.45 -11.84 -1.60
N ASN A 15 -5.96 -11.44 -0.44
CA ASN A 15 -6.87 -10.30 -0.36
C ASN A 15 -6.12 -9.00 -0.64
N LYS A 16 -6.78 -8.09 -1.36
CA LYS A 16 -6.18 -6.80 -1.70
C LYS A 16 -6.49 -5.76 -0.64
N VAL A 17 -5.48 -4.98 -0.25
CA VAL A 17 -5.64 -3.94 0.76
C VAL A 17 -6.81 -3.03 0.41
N GLU A 18 -6.83 -2.53 -0.82
CA GLU A 18 -7.89 -1.64 -1.27
C GLU A 18 -7.91 -1.55 -2.79
N PRO A 19 -9.05 -1.09 -3.35
CA PRO A 19 -9.22 -0.94 -4.79
C PRO A 19 -8.37 0.19 -5.37
N ASN A 20 -7.57 0.81 -4.51
CA ASN A 20 -6.71 1.91 -4.94
C ASN A 20 -5.41 1.38 -5.53
N ASP A 21 -5.45 0.14 -6.02
CA ASP A 21 -4.27 -0.47 -6.61
C ASP A 21 -3.53 0.51 -7.51
N THR A 22 -4.28 1.35 -8.21
CA THR A 22 -3.70 2.34 -9.10
C THR A 22 -2.43 2.93 -8.52
N LEU A 23 -2.33 2.92 -7.19
CA LEU A 23 -1.16 3.46 -6.51
C LEU A 23 0.02 2.49 -6.60
N GLU A 24 -0.24 1.22 -6.28
CA GLU A 24 0.79 0.20 -6.33
C GLU A 24 1.73 0.44 -7.52
N LYS A 25 1.18 0.95 -8.61
CA LYS A 25 1.97 1.23 -9.81
C LYS A 25 2.85 2.45 -9.60
N VAL A 26 2.22 3.62 -9.50
CA VAL A 26 2.95 4.86 -9.31
C VAL A 26 4.03 4.71 -8.25
N PHE A 27 3.75 3.93 -7.22
CA PHE A 27 4.71 3.70 -6.14
C PHE A 27 6.05 3.25 -6.71
N VAL A 28 6.02 2.31 -7.64
CA VAL A 28 7.23 1.80 -8.25
C VAL A 28 7.38 2.30 -9.69
N SER A 29 6.49 3.21 -10.08
CA SER A 29 6.52 3.77 -11.42
C SER A 29 7.14 5.17 -11.40
N VAL A 30 6.67 6.01 -10.48
CA VAL A 30 7.17 7.37 -10.37
C VAL A 30 8.01 7.55 -9.10
N THR A 31 7.51 7.02 -7.99
CA THR A 31 8.21 7.11 -6.72
C THR A 31 7.47 6.33 -5.63
N LYS A 32 8.23 5.71 -4.74
CA LYS A 32 7.66 4.93 -3.66
C LYS A 32 7.04 5.84 -2.60
N TYR A 33 7.54 7.07 -2.53
CA TYR A 33 7.05 8.04 -1.56
C TYR A 33 6.71 9.37 -2.24
N PRO A 34 5.52 9.43 -2.85
CA PRO A 34 5.05 10.63 -3.55
C PRO A 34 4.73 11.77 -2.59
N ASP A 35 4.35 12.92 -3.15
CA ASP A 35 4.01 14.09 -2.34
C ASP A 35 2.62 14.59 -2.69
N GLU A 36 2.07 15.44 -1.82
CA GLU A 36 0.75 16.00 -2.02
C GLU A 36 0.49 16.25 -3.51
N LYS A 37 1.40 16.98 -4.15
CA LYS A 37 1.27 17.28 -5.57
C LYS A 37 0.61 16.12 -6.31
N ARG A 38 1.07 14.91 -6.04
CA ARG A 38 0.54 13.72 -6.69
C ARG A 38 -0.83 13.36 -6.11
N LEU A 39 -0.91 13.35 -4.78
CA LEU A 39 -2.16 13.01 -4.11
C LEU A 39 -3.32 13.85 -4.64
N LYS A 40 -3.01 15.07 -5.05
CA LYS A 40 -4.02 15.97 -5.59
C LYS A 40 -4.85 15.27 -6.66
N GLY A 41 -4.19 14.57 -7.58
CA GLY A 41 -4.88 13.87 -8.63
C GLY A 41 -5.68 12.68 -8.12
N LEU A 42 -4.97 11.68 -7.61
CA LEU A 42 -5.61 10.49 -7.08
C LEU A 42 -6.85 10.85 -6.26
N SER A 43 -6.73 11.89 -5.45
CA SER A 43 -7.84 12.33 -4.61
C SER A 43 -9.16 12.25 -5.37
N LYS A 44 -9.15 12.68 -6.62
CA LYS A 44 -10.35 12.65 -7.46
C LYS A 44 -10.46 11.32 -8.20
N GLN A 45 -9.35 10.89 -8.80
CA GLN A 45 -9.33 9.63 -9.53
C GLN A 45 -10.03 8.52 -8.75
N LEU A 46 -9.55 8.29 -7.52
CA LEU A 46 -10.13 7.26 -6.68
C LEU A 46 -11.08 7.87 -5.64
N ASP A 47 -11.58 9.07 -5.94
CA ASP A 47 -12.50 9.76 -5.05
C ASP A 47 -12.06 9.60 -3.60
N TRP A 48 -10.75 9.66 -3.37
CA TRP A 48 -10.20 9.53 -2.02
C TRP A 48 -9.67 10.86 -1.52
N SER A 49 -9.11 10.86 -0.32
CA SER A 49 -8.57 12.07 0.28
C SER A 49 -7.05 12.00 0.39
N VAL A 50 -6.38 13.12 0.11
CA VAL A 50 -4.93 13.18 0.18
C VAL A 50 -4.40 12.38 1.36
N ARG A 51 -5.06 12.54 2.51
CA ARG A 51 -4.66 11.84 3.72
C ARG A 51 -4.97 10.35 3.63
N LYS A 52 -6.24 10.04 3.39
CA LYS A 52 -6.68 8.65 3.27
C LYS A 52 -5.74 7.85 2.37
N ILE A 53 -5.41 8.43 1.22
CA ILE A 53 -4.52 7.77 0.27
C ILE A 53 -3.15 7.50 0.90
N GLN A 54 -2.50 8.55 1.39
CA GLN A 54 -1.19 8.42 2.02
C GLN A 54 -1.09 7.11 2.79
N CYS A 55 -2.02 6.89 3.70
CA CYS A 55 -2.04 5.67 4.51
C CYS A 55 -1.84 4.44 3.63
N TRP A 56 -2.55 4.38 2.51
CA TRP A 56 -2.45 3.26 1.59
C TRP A 56 -1.00 3.04 1.16
N PHE A 57 -0.34 4.13 0.78
CA PHE A 57 1.06 4.06 0.34
C PHE A 57 1.94 3.44 1.42
N ARG A 58 1.87 4.03 2.62
CA ARG A 58 2.67 3.53 3.75
C ARG A 58 2.46 2.04 3.96
N HIS A 59 1.20 1.61 3.84
CA HIS A 59 0.86 0.21 4.02
C HIS A 59 1.45 -0.65 2.91
N ARG A 60 1.41 -0.12 1.68
CA ARG A 60 1.93 -0.83 0.53
C ARG A 60 3.27 -1.49 0.85
N ARG A 61 4.26 -0.68 1.20
CA ARG A 61 5.58 -1.20 1.54
C ARG A 61 5.48 -2.40 2.46
N ASN A 62 4.77 -2.22 3.58
CA ASN A 62 4.60 -3.28 4.55
C ASN A 62 4.24 -4.60 3.86
N GLN A 63 3.21 -4.55 3.03
CA GLN A 63 2.76 -5.75 2.31
C GLN A 63 3.89 -6.31 1.44
N ASP A 64 4.56 -5.42 0.70
CA ASP A 64 5.65 -5.82 -0.17
C ASP A 64 6.74 -6.55 0.62
N LYS A 65 7.30 -5.87 1.61
CA LYS A 65 8.35 -6.44 2.44
C LYS A 65 7.96 -7.85 2.91
N PRO A 66 8.98 -8.65 3.29
CA PRO A 66 8.77 -10.01 3.76
C PRO A 66 8.08 -10.07 5.12
N SER A 67 7.95 -8.91 5.77
CA SER A 67 7.32 -8.82 7.08
C SER A 67 5.84 -8.44 6.94
N GLY A 68 4.98 -9.26 7.52
CA GLY A 68 3.55 -9.00 7.46
C GLY A 68 2.72 -10.22 7.83
N PRO A 69 2.71 -10.55 9.13
CA PRO A 69 1.95 -11.71 9.63
C PRO A 69 0.45 -11.49 9.57
N SER A 70 0.05 -10.23 9.41
CA SER A 70 -1.37 -9.88 9.35
C SER A 70 -2.12 -10.83 8.42
N SER A 71 -2.90 -11.72 9.01
CA SER A 71 -3.67 -12.69 8.24
C SER A 71 -5.17 -12.39 8.33
N GLY A 72 -5.64 -11.48 7.49
CA GLY A 72 -7.05 -11.12 7.50
C GLY A 72 -7.64 -11.12 8.89
N GLY A 1 5.33 -1.77 21.59
CA GLY A 1 3.92 -1.50 21.80
C GLY A 1 3.61 -1.18 23.25
N SER A 2 2.68 -0.26 23.47
CA SER A 2 2.29 0.14 24.82
C SER A 2 1.31 -0.87 25.42
N SER A 3 0.24 -1.15 24.70
CA SER A 3 -0.78 -2.08 25.16
C SER A 3 -0.50 -3.49 24.64
N GLY A 4 -1.06 -4.49 25.31
CA GLY A 4 -0.85 -5.87 24.90
C GLY A 4 -1.14 -6.85 26.02
N SER A 5 -1.76 -7.97 25.67
CA SER A 5 -2.10 -9.00 26.65
C SER A 5 -1.62 -10.37 26.18
N SER A 6 -2.06 -10.78 25.00
CA SER A 6 -1.68 -12.07 24.44
C SER A 6 -0.20 -12.09 24.08
N GLY A 7 0.57 -12.90 24.80
CA GLY A 7 2.00 -13.00 24.55
C GLY A 7 2.30 -13.42 23.13
N GLY A 8 3.05 -12.58 22.41
CA GLY A 8 3.39 -12.88 21.04
C GLY A 8 2.18 -12.99 20.14
N ILE A 9 1.91 -11.92 19.39
CA ILE A 9 0.76 -11.90 18.48
C ILE A 9 1.19 -11.48 17.08
N LYS A 10 0.46 -11.97 16.08
CA LYS A 10 0.75 -11.64 14.69
C LYS A 10 -0.54 -11.54 13.87
N ASP A 11 -0.69 -10.44 13.16
CA ASP A 11 -1.88 -10.22 12.34
C ASP A 11 -1.49 -9.60 10.99
N SER A 12 -2.21 -9.98 9.94
CA SER A 12 -1.95 -9.47 8.60
C SER A 12 -3.20 -9.52 7.75
N PRO A 13 -3.31 -8.58 6.80
CA PRO A 13 -4.46 -8.49 5.89
C PRO A 13 -4.49 -9.65 4.89
N VAL A 14 -5.56 -10.46 4.97
CA VAL A 14 -5.70 -11.60 4.06
C VAL A 14 -6.04 -11.14 2.65
N ASN A 15 -7.12 -10.37 2.53
CA ASN A 15 -7.55 -9.86 1.22
C ASN A 15 -6.86 -8.54 0.90
N LYS A 16 -6.85 -8.19 -0.38
CA LYS A 16 -6.23 -6.95 -0.82
C LYS A 16 -6.48 -5.82 0.19
N VAL A 17 -5.47 -4.98 0.38
CA VAL A 17 -5.58 -3.87 1.31
C VAL A 17 -6.73 -2.94 0.93
N GLU A 18 -6.77 -2.52 -0.33
CA GLU A 18 -7.82 -1.64 -0.82
C GLU A 18 -7.85 -1.62 -2.35
N PRO A 19 -8.98 -1.16 -2.91
CA PRO A 19 -9.16 -1.09 -4.36
C PRO A 19 -8.29 -0.01 -5.00
N ASN A 20 -7.46 0.64 -4.18
CA ASN A 20 -6.57 1.69 -4.66
C ASN A 20 -5.30 1.11 -5.25
N ASP A 21 -5.38 -0.14 -5.69
CA ASP A 21 -4.23 -0.82 -6.28
C ASP A 21 -3.50 0.09 -7.28
N THR A 22 -4.28 0.89 -8.00
CA THR A 22 -3.72 1.80 -8.99
C THR A 22 -2.44 2.46 -8.47
N LEU A 23 -2.40 2.70 -7.16
CA LEU A 23 -1.23 3.32 -6.55
C LEU A 23 -0.02 2.39 -6.61
N GLU A 24 -0.26 1.11 -6.35
CA GLU A 24 0.82 0.12 -6.38
C GLU A 24 1.75 0.36 -7.58
N LYS A 25 1.17 0.85 -8.68
CA LYS A 25 1.94 1.11 -9.88
C LYS A 25 2.75 2.40 -9.73
N VAL A 26 2.05 3.53 -9.68
CA VAL A 26 2.71 4.82 -9.53
C VAL A 26 3.79 4.78 -8.46
N PHE A 27 3.53 4.02 -7.40
CA PHE A 27 4.48 3.89 -6.30
C PHE A 27 5.84 3.42 -6.81
N VAL A 28 5.83 2.42 -7.67
CA VAL A 28 7.05 1.87 -8.24
C VAL A 28 7.22 2.29 -9.69
N SER A 29 6.33 3.15 -10.16
CA SER A 29 6.37 3.63 -11.54
C SER A 29 6.93 5.05 -11.60
N VAL A 30 6.41 5.92 -10.75
CA VAL A 30 6.85 7.31 -10.70
C VAL A 30 7.74 7.56 -9.48
N THR A 31 7.31 7.07 -8.33
CA THR A 31 8.06 7.24 -7.09
C THR A 31 7.41 6.48 -5.95
N LYS A 32 8.24 5.93 -5.06
CA LYS A 32 7.75 5.17 -3.92
C LYS A 32 7.25 6.10 -2.82
N TYR A 33 7.91 7.24 -2.68
CA TYR A 33 7.53 8.23 -1.67
C TYR A 33 6.95 9.48 -2.33
N PRO A 34 5.66 9.42 -2.67
CA PRO A 34 4.96 10.54 -3.30
C PRO A 34 4.75 11.72 -2.34
N ASP A 35 4.27 12.83 -2.87
CA ASP A 35 4.02 14.02 -2.07
C ASP A 35 2.60 14.53 -2.27
N GLU A 36 2.09 15.26 -1.28
CA GLU A 36 0.74 15.81 -1.36
C GLU A 36 0.39 16.22 -2.79
N LYS A 37 1.35 16.84 -3.47
CA LYS A 37 1.15 17.28 -4.84
C LYS A 37 0.52 16.17 -5.68
N ARG A 38 1.18 15.02 -5.72
CA ARG A 38 0.70 13.88 -6.49
C ARG A 38 -0.62 13.37 -5.92
N LEU A 39 -0.76 13.43 -4.60
CA LEU A 39 -1.97 12.98 -3.93
C LEU A 39 -3.20 13.71 -4.47
N LYS A 40 -3.06 15.01 -4.70
CA LYS A 40 -4.15 15.82 -5.24
C LYS A 40 -4.77 15.16 -6.46
N GLY A 41 -3.94 14.52 -7.27
CA GLY A 41 -4.43 13.87 -8.46
C GLY A 41 -5.23 12.61 -8.16
N LEU A 42 -4.62 11.69 -7.41
CA LEU A 42 -5.29 10.45 -7.05
C LEU A 42 -6.58 10.73 -6.29
N SER A 43 -6.51 11.61 -5.30
CA SER A 43 -7.69 11.96 -4.51
C SER A 43 -8.94 11.99 -5.37
N LYS A 44 -8.87 12.66 -6.51
CA LYS A 44 -9.99 12.76 -7.43
C LYS A 44 -10.12 11.49 -8.27
N GLN A 45 -8.99 10.89 -8.62
CA GLN A 45 -8.98 9.68 -9.41
C GLN A 45 -9.78 8.57 -8.73
N LEU A 46 -9.37 8.21 -7.52
CA LEU A 46 -10.05 7.17 -6.76
C LEU A 46 -11.05 7.78 -5.78
N ASP A 47 -11.56 8.96 -6.11
CA ASP A 47 -12.52 9.64 -5.26
C ASP A 47 -12.14 9.51 -3.79
N TRP A 48 -10.84 9.55 -3.52
CA TRP A 48 -10.34 9.43 -2.15
C TRP A 48 -9.86 10.79 -1.63
N SER A 49 -9.29 10.79 -0.43
CA SER A 49 -8.79 12.02 0.18
C SER A 49 -7.27 12.04 0.17
N VAL A 50 -6.70 13.23 -0.01
CA VAL A 50 -5.26 13.40 -0.04
C VAL A 50 -4.60 12.70 1.15
N ARG A 51 -5.30 12.67 2.27
CA ARG A 51 -4.79 12.03 3.48
C ARG A 51 -5.05 10.53 3.45
N LYS A 52 -6.28 10.15 3.11
CA LYS A 52 -6.66 8.74 3.04
C LYS A 52 -5.68 7.97 2.17
N ILE A 53 -5.40 8.51 0.99
CA ILE A 53 -4.47 7.87 0.06
C ILE A 53 -3.10 7.65 0.68
N GLN A 54 -2.49 8.74 1.12
CA GLN A 54 -1.17 8.68 1.75
C GLN A 54 -1.05 7.43 2.62
N CYS A 55 -2.04 7.20 3.47
CA CYS A 55 -2.03 6.05 4.36
C CYS A 55 -1.80 4.76 3.57
N TRP A 56 -2.53 4.60 2.47
CA TRP A 56 -2.40 3.42 1.64
C TRP A 56 -0.95 3.20 1.23
N PHE A 57 -0.35 4.23 0.64
CA PHE A 57 1.04 4.15 0.20
C PHE A 57 1.93 3.57 1.29
N ARG A 58 1.93 4.22 2.45
CA ARG A 58 2.73 3.78 3.57
C ARG A 58 2.43 2.33 3.92
N HIS A 59 1.19 1.91 3.65
CA HIS A 59 0.77 0.55 3.94
C HIS A 59 1.37 -0.44 2.95
N ARG A 60 0.98 -0.32 1.69
CA ARG A 60 1.48 -1.20 0.64
C ARG A 60 2.95 -1.55 0.89
N ARG A 61 3.77 -0.53 1.11
CA ARG A 61 5.19 -0.73 1.35
C ARG A 61 5.43 -2.01 2.15
N ASN A 62 4.78 -2.11 3.31
CA ASN A 62 4.92 -3.28 4.16
C ASN A 62 4.57 -4.55 3.40
N GLN A 63 3.39 -4.58 2.81
CA GLN A 63 2.94 -5.75 2.05
C GLN A 63 4.01 -6.18 1.05
N ASP A 64 4.56 -5.23 0.31
CA ASP A 64 5.59 -5.52 -0.68
C ASP A 64 6.74 -6.31 -0.05
N LYS A 65 7.31 -5.76 1.02
CA LYS A 65 8.42 -6.40 1.71
C LYS A 65 7.93 -7.64 2.47
N PRO A 66 8.81 -8.64 2.58
CA PRO A 66 8.51 -9.89 3.28
C PRO A 66 8.37 -9.70 4.79
N SER A 67 7.13 -9.65 5.27
CA SER A 67 6.87 -9.47 6.69
C SER A 67 6.51 -10.80 7.35
N GLY A 68 6.97 -10.97 8.59
CA GLY A 68 6.69 -12.20 9.31
C GLY A 68 7.70 -12.47 10.41
N PRO A 69 7.41 -13.49 11.24
CA PRO A 69 8.30 -13.87 12.34
C PRO A 69 9.60 -14.50 11.86
N SER A 70 9.50 -15.35 10.84
CA SER A 70 10.68 -16.02 10.29
C SER A 70 10.85 -15.68 8.81
N SER A 71 11.70 -14.70 8.54
CA SER A 71 11.96 -14.27 7.16
C SER A 71 13.27 -14.84 6.65
N GLY A 72 13.36 -15.04 5.34
CA GLY A 72 14.56 -15.58 4.75
C GLY A 72 15.81 -14.83 5.17
N GLY A 1 -5.42 23.19 10.25
CA GLY A 1 -5.71 21.79 9.94
C GLY A 1 -5.90 21.57 8.45
N SER A 2 -7.03 22.00 7.92
CA SER A 2 -7.33 21.82 6.50
C SER A 2 -6.90 20.44 6.02
N SER A 3 -7.17 19.42 6.83
CA SER A 3 -6.81 18.06 6.49
C SER A 3 -7.94 17.37 5.74
N GLY A 4 -9.13 17.39 6.32
CA GLY A 4 -10.28 16.76 5.69
C GLY A 4 -10.03 15.32 5.33
N SER A 5 -9.71 14.51 6.33
CA SER A 5 -9.43 13.09 6.12
C SER A 5 -10.65 12.24 6.47
N SER A 6 -11.44 11.89 5.45
CA SER A 6 -12.63 11.09 5.66
C SER A 6 -12.34 9.61 5.40
N GLY A 7 -12.25 8.83 6.49
CA GLY A 7 -11.97 7.42 6.37
C GLY A 7 -13.10 6.55 6.90
N GLY A 8 -13.12 5.29 6.49
CA GLY A 8 -14.16 4.38 6.94
C GLY A 8 -14.11 3.04 6.24
N ILE A 9 -14.08 1.97 7.02
CA ILE A 9 -14.02 0.62 6.46
C ILE A 9 -14.79 -0.36 7.33
N LYS A 10 -15.13 -1.52 6.76
CA LYS A 10 -15.86 -2.55 7.48
C LYS A 10 -15.09 -3.86 7.50
N ASP A 11 -14.71 -4.32 6.31
CA ASP A 11 -13.96 -5.57 6.19
C ASP A 11 -13.16 -5.60 4.89
N SER A 12 -11.89 -5.98 4.98
CA SER A 12 -11.02 -6.03 3.81
C SER A 12 -9.92 -7.07 4.01
N PRO A 13 -9.66 -7.87 2.96
CA PRO A 13 -8.62 -8.91 3.00
C PRO A 13 -7.21 -8.32 3.02
N VAL A 14 -6.24 -9.16 3.36
CA VAL A 14 -4.85 -8.72 3.43
C VAL A 14 -4.22 -8.65 2.04
N ASN A 15 -4.73 -9.48 1.12
CA ASN A 15 -4.22 -9.51 -0.24
C ASN A 15 -4.65 -8.24 -1.00
N LYS A 16 -5.91 -7.87 -0.87
CA LYS A 16 -6.43 -6.69 -1.54
C LYS A 16 -6.70 -5.58 -0.54
N VAL A 17 -5.63 -4.98 -0.01
CA VAL A 17 -5.75 -3.90 0.96
C VAL A 17 -6.89 -2.96 0.59
N GLU A 18 -6.88 -2.48 -0.65
CA GLU A 18 -7.92 -1.58 -1.13
C GLU A 18 -7.94 -1.53 -2.66
N PRO A 19 -9.06 -1.04 -3.23
CA PRO A 19 -9.22 -0.93 -4.67
C PRO A 19 -8.34 0.16 -5.28
N ASN A 20 -7.51 0.77 -4.43
CA ASN A 20 -6.62 1.83 -4.89
C ASN A 20 -5.33 1.25 -5.45
N ASP A 21 -5.41 0.01 -5.93
CA ASP A 21 -4.24 -0.67 -6.51
C ASP A 21 -3.49 0.26 -7.44
N THR A 22 -4.22 1.03 -8.22
CA THR A 22 -3.62 1.97 -9.17
C THR A 22 -2.34 2.56 -8.61
N LEU A 23 -2.30 2.74 -7.29
CA LEU A 23 -1.13 3.29 -6.63
C LEU A 23 0.04 2.32 -6.68
N GLU A 24 -0.22 1.06 -6.34
CA GLU A 24 0.81 0.04 -6.35
C GLU A 24 1.77 0.23 -7.53
N LYS A 25 1.24 0.75 -8.63
CA LYS A 25 2.03 0.99 -9.82
C LYS A 25 2.85 2.28 -9.69
N VAL A 26 2.17 3.42 -9.66
CA VAL A 26 2.83 4.70 -9.54
C VAL A 26 3.90 4.67 -8.46
N PHE A 27 3.62 3.95 -7.38
CA PHE A 27 4.57 3.83 -6.28
C PHE A 27 5.95 3.43 -6.78
N VAL A 28 5.98 2.42 -7.66
CA VAL A 28 7.24 1.95 -8.22
C VAL A 28 7.39 2.38 -9.68
N SER A 29 6.46 3.21 -10.14
CA SER A 29 6.49 3.71 -11.51
C SER A 29 7.04 5.12 -11.58
N VAL A 30 6.52 5.99 -10.72
CA VAL A 30 6.96 7.38 -10.68
C VAL A 30 7.78 7.66 -9.43
N THR A 31 7.31 7.17 -8.29
CA THR A 31 7.99 7.37 -7.02
C THR A 31 7.34 6.55 -5.91
N LYS A 32 8.16 6.03 -5.00
CA LYS A 32 7.67 5.24 -3.89
C LYS A 32 7.09 6.13 -2.79
N TYR A 33 7.68 7.32 -2.63
CA TYR A 33 7.23 8.26 -1.62
C TYR A 33 6.69 9.53 -2.27
N PRO A 34 5.43 9.46 -2.73
CA PRO A 34 4.77 10.60 -3.38
C PRO A 34 4.45 11.72 -2.38
N ASP A 35 4.20 12.92 -2.92
CA ASP A 35 3.88 14.06 -2.09
C ASP A 35 2.50 14.62 -2.43
N GLU A 36 1.99 15.49 -1.57
CA GLU A 36 0.68 16.09 -1.77
C GLU A 36 0.40 16.32 -3.27
N LYS A 37 1.41 16.82 -3.97
CA LYS A 37 1.29 17.08 -5.40
C LYS A 37 0.61 15.91 -6.10
N ARG A 38 1.22 14.74 -6.05
CA ARG A 38 0.67 13.55 -6.69
C ARG A 38 -0.68 13.18 -6.06
N LEU A 39 -0.77 13.30 -4.75
CA LEU A 39 -2.00 12.98 -4.03
C LEU A 39 -3.18 13.72 -4.63
N LYS A 40 -2.97 14.98 -5.01
CA LYS A 40 -4.01 15.79 -5.60
C LYS A 40 -4.78 15.01 -6.66
N GLY A 41 -4.04 14.35 -7.56
CA GLY A 41 -4.68 13.57 -8.60
C GLY A 41 -5.45 12.39 -8.07
N LEU A 42 -4.73 11.44 -7.47
CA LEU A 42 -5.35 10.25 -6.91
C LEU A 42 -6.59 10.60 -6.11
N SER A 43 -6.54 11.73 -5.40
CA SER A 43 -7.66 12.18 -4.59
C SER A 43 -8.95 12.21 -5.42
N LYS A 44 -8.84 12.69 -6.65
CA LYS A 44 -9.99 12.77 -7.55
C LYS A 44 -10.20 11.46 -8.29
N GLN A 45 -9.12 10.92 -8.85
CA GLN A 45 -9.18 9.67 -9.58
C GLN A 45 -9.96 8.61 -8.80
N LEU A 46 -9.52 8.35 -7.57
CA LEU A 46 -10.18 7.37 -6.72
C LEU A 46 -11.10 8.05 -5.70
N ASP A 47 -11.50 9.27 -6.01
CA ASP A 47 -12.38 10.03 -5.13
C ASP A 47 -11.99 9.83 -3.67
N TRP A 48 -10.69 9.88 -3.40
CA TRP A 48 -10.18 9.71 -2.04
C TRP A 48 -9.67 11.03 -1.48
N SER A 49 -9.14 10.99 -0.26
CA SER A 49 -8.62 12.17 0.39
C SER A 49 -7.09 12.11 0.50
N VAL A 50 -6.45 13.25 0.27
CA VAL A 50 -4.99 13.33 0.33
C VAL A 50 -4.46 12.60 1.56
N ARG A 51 -5.26 12.57 2.62
CA ARG A 51 -4.86 11.91 3.86
C ARG A 51 -5.15 10.41 3.78
N LYS A 52 -6.37 10.06 3.38
CA LYS A 52 -6.77 8.66 3.26
C LYS A 52 -5.78 7.88 2.41
N ILE A 53 -5.42 8.45 1.25
CA ILE A 53 -4.48 7.80 0.34
C ILE A 53 -3.14 7.57 1.03
N GLN A 54 -2.57 8.63 1.57
CA GLN A 54 -1.28 8.55 2.25
C GLN A 54 -1.16 7.24 3.03
N CYS A 55 -2.23 6.89 3.75
CA CYS A 55 -2.24 5.67 4.55
C CYS A 55 -1.98 4.45 3.67
N TRP A 56 -2.64 4.41 2.51
CA TRP A 56 -2.47 3.30 1.58
C TRP A 56 -1.01 3.12 1.19
N PHE A 57 -0.41 4.19 0.65
CA PHE A 57 0.98 4.15 0.23
C PHE A 57 1.87 3.60 1.34
N ARG A 58 1.66 4.09 2.56
CA ARG A 58 2.44 3.65 3.70
C ARG A 58 2.28 2.16 3.94
N HIS A 59 1.05 1.66 3.74
CA HIS A 59 0.76 0.25 3.92
C HIS A 59 1.48 -0.60 2.87
N ARG A 60 1.44 -0.13 1.62
CA ARG A 60 2.08 -0.86 0.53
C ARG A 60 3.53 -1.20 0.88
N ARG A 61 4.29 -0.19 1.27
CA ARG A 61 5.70 -0.39 1.63
C ARG A 61 5.86 -1.61 2.53
N ASN A 62 5.18 -1.60 3.67
CA ASN A 62 5.24 -2.71 4.61
C ASN A 62 5.05 -4.04 3.90
N GLN A 63 4.04 -4.10 3.04
CA GLN A 63 3.75 -5.32 2.29
C GLN A 63 4.99 -5.83 1.57
N ASP A 64 5.75 -4.91 1.00
CA ASP A 64 6.97 -5.28 0.28
C ASP A 64 7.71 -6.41 1.00
N LYS A 65 7.61 -6.43 2.31
CA LYS A 65 8.26 -7.45 3.12
C LYS A 65 7.25 -8.24 3.94
N PRO A 66 6.62 -9.23 3.31
CA PRO A 66 5.61 -10.08 3.96
C PRO A 66 6.22 -11.00 5.01
N SER A 67 5.54 -11.15 6.14
CA SER A 67 6.02 -12.00 7.23
C SER A 67 4.99 -13.08 7.57
N GLY A 68 5.48 -14.22 8.04
CA GLY A 68 4.60 -15.31 8.39
C GLY A 68 4.83 -15.82 9.80
N PRO A 69 4.46 -15.00 10.80
CA PRO A 69 4.62 -15.35 12.21
C PRO A 69 3.69 -16.48 12.64
N SER A 70 2.89 -16.98 11.70
CA SER A 70 1.95 -18.05 11.98
C SER A 70 2.59 -19.10 12.89
N SER A 71 1.96 -19.34 14.04
CA SER A 71 2.46 -20.33 14.99
C SER A 71 3.11 -21.51 14.27
N GLY A 72 4.08 -22.15 14.93
CA GLY A 72 4.75 -23.29 14.33
C GLY A 72 5.21 -24.29 15.37
N GLY A 1 -17.95 2.61 15.09
CA GLY A 1 -18.87 1.49 15.23
C GLY A 1 -18.44 0.53 16.31
N SER A 2 -19.07 -0.64 16.34
CA SER A 2 -18.75 -1.66 17.33
C SER A 2 -17.95 -2.80 16.71
N SER A 3 -16.64 -2.80 16.96
CA SER A 3 -15.76 -3.84 16.42
C SER A 3 -15.78 -5.08 17.31
N GLY A 4 -15.18 -6.16 16.82
CA GLY A 4 -15.13 -7.39 17.57
C GLY A 4 -13.74 -8.00 17.61
N SER A 5 -13.34 -8.61 16.49
CA SER A 5 -12.03 -9.24 16.40
C SER A 5 -10.97 -8.24 15.96
N SER A 6 -10.04 -7.94 16.84
CA SER A 6 -8.97 -6.99 16.54
C SER A 6 -7.62 -7.70 16.44
N GLY A 7 -6.88 -7.40 15.38
CA GLY A 7 -5.58 -8.02 15.19
C GLY A 7 -5.63 -9.19 14.21
N GLY A 8 -4.55 -9.96 14.16
CA GLY A 8 -4.49 -11.09 13.27
C GLY A 8 -4.00 -12.35 13.96
N ILE A 9 -4.90 -13.09 14.58
CA ILE A 9 -4.55 -14.31 15.28
C ILE A 9 -4.28 -15.45 14.29
N LYS A 10 -4.71 -15.25 13.06
CA LYS A 10 -4.51 -16.26 12.02
C LYS A 10 -3.96 -15.63 10.74
N ASP A 11 -3.09 -16.36 10.05
CA ASP A 11 -2.50 -15.86 8.81
C ASP A 11 -3.58 -15.56 7.78
N SER A 12 -4.07 -14.33 7.78
CA SER A 12 -5.11 -13.91 6.85
C SER A 12 -4.75 -14.33 5.42
N PRO A 13 -5.78 -14.71 4.64
CA PRO A 13 -5.60 -15.14 3.26
C PRO A 13 -5.21 -13.98 2.34
N VAL A 14 -4.76 -14.32 1.13
CA VAL A 14 -4.35 -13.32 0.16
C VAL A 14 -5.51 -12.40 -0.22
N ASN A 15 -5.37 -11.12 0.10
CA ASN A 15 -6.41 -10.14 -0.21
C ASN A 15 -5.80 -8.85 -0.75
N LYS A 16 -6.66 -7.89 -1.08
CA LYS A 16 -6.22 -6.61 -1.61
C LYS A 16 -6.46 -5.49 -0.59
N VAL A 17 -5.36 -4.93 -0.07
CA VAL A 17 -5.46 -3.85 0.90
C VAL A 17 -6.63 -2.93 0.59
N GLU A 18 -6.69 -2.45 -0.65
CA GLU A 18 -7.76 -1.55 -1.07
C GLU A 18 -7.86 -1.50 -2.59
N PRO A 19 -9.01 -1.03 -3.09
CA PRO A 19 -9.25 -0.92 -4.54
C PRO A 19 -8.41 0.19 -5.18
N ASN A 20 -7.56 0.82 -4.37
CA ASN A 20 -6.71 1.90 -4.86
C ASN A 20 -5.44 1.34 -5.48
N ASP A 21 -5.52 0.11 -6.00
CA ASP A 21 -4.38 -0.53 -6.62
C ASP A 21 -3.62 0.44 -7.53
N THR A 22 -4.38 1.29 -8.24
CA THR A 22 -3.80 2.26 -9.14
C THR A 22 -2.50 2.83 -8.57
N LEU A 23 -2.43 2.92 -7.25
CA LEU A 23 -1.24 3.45 -6.58
C LEU A 23 -0.07 2.49 -6.72
N GLU A 24 -0.33 1.21 -6.45
CA GLU A 24 0.70 0.18 -6.54
C GLU A 24 1.64 0.47 -7.71
N LYS A 25 1.08 0.89 -8.84
CA LYS A 25 1.86 1.19 -10.02
C LYS A 25 2.73 2.42 -9.80
N VAL A 26 2.08 3.58 -9.69
CA VAL A 26 2.79 4.83 -9.47
C VAL A 26 3.88 4.67 -8.41
N PHE A 27 3.61 3.86 -7.40
CA PHE A 27 4.56 3.62 -6.33
C PHE A 27 5.92 3.20 -6.90
N VAL A 28 5.89 2.26 -7.83
CA VAL A 28 7.12 1.77 -8.46
C VAL A 28 7.26 2.30 -9.88
N SER A 29 6.36 3.20 -10.27
CA SER A 29 6.38 3.78 -11.60
C SER A 29 6.97 5.18 -11.59
N VAL A 30 6.50 6.00 -10.65
CA VAL A 30 6.99 7.37 -10.52
C VAL A 30 7.82 7.54 -9.25
N THR A 31 7.31 7.02 -8.14
CA THR A 31 8.00 7.12 -6.87
C THR A 31 7.27 6.34 -5.77
N LYS A 32 8.02 5.77 -4.85
CA LYS A 32 7.44 5.01 -3.75
C LYS A 32 6.81 5.94 -2.70
N TYR A 33 7.43 7.11 -2.53
CA TYR A 33 6.93 8.09 -1.57
C TYR A 33 6.57 9.40 -2.26
N PRO A 34 5.35 9.45 -2.81
CA PRO A 34 4.85 10.64 -3.51
C PRO A 34 4.57 11.80 -2.56
N ASP A 35 4.32 12.98 -3.12
CA ASP A 35 4.03 14.15 -2.32
C ASP A 35 2.64 14.70 -2.62
N GLU A 36 2.11 15.50 -1.70
CA GLU A 36 0.79 16.09 -1.87
C GLU A 36 0.52 16.43 -3.33
N LYS A 37 1.40 17.22 -3.92
CA LYS A 37 1.27 17.62 -5.32
C LYS A 37 0.64 16.50 -6.15
N ARG A 38 1.15 15.28 -5.97
CA ARG A 38 0.65 14.13 -6.70
C ARG A 38 -0.69 13.66 -6.12
N LEU A 39 -0.76 13.57 -4.80
CA LEU A 39 -1.99 13.14 -4.13
C LEU A 39 -3.19 13.88 -4.68
N LYS A 40 -3.01 15.16 -5.00
CA LYS A 40 -4.08 15.98 -5.53
C LYS A 40 -4.82 15.24 -6.65
N GLY A 41 -4.07 14.58 -7.51
CA GLY A 41 -4.67 13.85 -8.61
C GLY A 41 -5.44 12.62 -8.14
N LEU A 42 -4.72 11.65 -7.59
CA LEU A 42 -5.34 10.43 -7.09
C LEU A 42 -6.59 10.74 -6.29
N SER A 43 -6.49 11.74 -5.43
CA SER A 43 -7.61 12.15 -4.59
C SER A 43 -8.92 12.12 -5.38
N LYS A 44 -8.88 12.64 -6.59
CA LYS A 44 -10.05 12.68 -7.45
C LYS A 44 -10.23 11.37 -8.20
N GLN A 45 -9.14 10.89 -8.80
CA GLN A 45 -9.16 9.64 -9.54
C GLN A 45 -9.94 8.56 -8.80
N LEU A 46 -9.48 8.24 -7.58
CA LEU A 46 -10.14 7.23 -6.77
C LEU A 46 -11.05 7.88 -5.73
N ASP A 47 -11.57 9.05 -6.06
CA ASP A 47 -12.46 9.78 -5.17
C ASP A 47 -12.02 9.59 -3.71
N TRP A 48 -10.72 9.66 -3.48
CA TRP A 48 -10.18 9.50 -2.13
C TRP A 48 -9.67 10.83 -1.60
N SER A 49 -9.07 10.80 -0.41
CA SER A 49 -8.54 12.00 0.23
C SER A 49 -7.02 11.89 0.40
N VAL A 50 -6.33 13.00 0.15
CA VAL A 50 -4.88 13.04 0.29
C VAL A 50 -4.42 12.24 1.50
N ARG A 51 -5.23 12.28 2.57
CA ARG A 51 -4.90 11.56 3.80
C ARG A 51 -5.07 10.06 3.61
N LYS A 52 -6.28 9.66 3.22
CA LYS A 52 -6.59 8.24 3.01
C LYS A 52 -5.56 7.60 2.08
N ILE A 53 -5.31 8.25 0.95
CA ILE A 53 -4.34 7.74 -0.02
C ILE A 53 -2.98 7.51 0.62
N GLN A 54 -2.51 8.51 1.36
CA GLN A 54 -1.22 8.42 2.03
C GLN A 54 -1.13 7.15 2.87
N CYS A 55 -2.20 6.85 3.60
CA CYS A 55 -2.24 5.66 4.45
C CYS A 55 -2.08 4.40 3.61
N TRP A 56 -2.40 4.51 2.33
CA TRP A 56 -2.31 3.37 1.43
C TRP A 56 -0.86 3.13 1.01
N PHE A 57 -0.08 4.20 0.96
CA PHE A 57 1.33 4.10 0.57
C PHE A 57 2.17 3.57 1.72
N ARG A 58 1.86 4.01 2.93
CA ARG A 58 2.58 3.57 4.12
C ARG A 58 2.34 2.09 4.39
N HIS A 59 1.08 1.69 4.38
CA HIS A 59 0.71 0.30 4.63
C HIS A 59 1.35 -0.62 3.59
N ARG A 60 1.66 -0.07 2.43
CA ARG A 60 2.28 -0.84 1.35
C ARG A 60 3.68 -1.30 1.74
N ARG A 61 4.60 -0.36 1.86
CA ARG A 61 5.97 -0.67 2.23
C ARG A 61 6.02 -1.81 3.23
N ASN A 62 5.08 -1.80 4.18
CA ASN A 62 5.03 -2.84 5.21
C ASN A 62 4.52 -4.15 4.62
N GLN A 63 3.48 -4.06 3.78
CA GLN A 63 2.90 -5.24 3.16
C GLN A 63 3.88 -5.87 2.17
N ASP A 64 4.33 -5.07 1.20
CA ASP A 64 5.27 -5.55 0.20
C ASP A 64 6.26 -6.53 0.80
N LYS A 65 6.77 -6.20 1.97
CA LYS A 65 7.74 -7.06 2.67
C LYS A 65 7.02 -8.11 3.51
N PRO A 66 7.58 -9.32 3.55
CA PRO A 66 7.02 -10.44 4.32
C PRO A 66 7.15 -10.23 5.82
N SER A 67 6.25 -10.84 6.58
CA SER A 67 6.26 -10.72 8.03
C SER A 67 7.13 -11.80 8.66
N GLY A 68 7.61 -11.53 9.88
CA GLY A 68 8.45 -12.49 10.57
C GLY A 68 8.90 -11.99 11.92
N PRO A 69 9.93 -11.13 11.93
CA PRO A 69 10.48 -10.56 13.16
C PRO A 69 9.52 -9.58 13.83
N SER A 70 9.84 -9.18 15.05
CA SER A 70 9.00 -8.25 15.80
C SER A 70 9.73 -6.93 16.04
N SER A 71 9.04 -5.82 15.77
CA SER A 71 9.63 -4.49 15.95
C SER A 71 9.48 -4.03 17.40
N GLY A 72 10.59 -3.56 17.98
CA GLY A 72 10.56 -3.09 19.35
C GLY A 72 11.08 -1.67 19.48
N GLY A 1 21.06 -25.70 13.26
CA GLY A 1 20.09 -26.76 13.46
C GLY A 1 19.09 -26.87 12.32
N SER A 2 18.12 -25.96 12.30
CA SER A 2 17.10 -25.95 11.26
C SER A 2 17.40 -24.90 10.20
N SER A 3 17.36 -25.31 8.94
CA SER A 3 17.64 -24.40 7.83
C SER A 3 16.47 -24.35 6.86
N GLY A 4 15.65 -23.30 6.98
CA GLY A 4 14.50 -23.15 6.10
C GLY A 4 13.40 -24.14 6.43
N SER A 5 12.16 -23.71 6.24
CA SER A 5 11.01 -24.56 6.52
C SER A 5 10.18 -24.80 5.26
N SER A 6 9.73 -23.71 4.64
CA SER A 6 8.93 -23.79 3.43
C SER A 6 9.26 -22.65 2.47
N GLY A 7 9.64 -23.01 1.25
CA GLY A 7 9.98 -22.00 0.26
C GLY A 7 8.78 -21.19 -0.18
N GLY A 8 7.90 -21.82 -0.96
CA GLY A 8 6.71 -21.12 -1.44
C GLY A 8 6.91 -20.50 -2.80
N ILE A 9 5.84 -19.96 -3.37
CA ILE A 9 5.91 -19.32 -4.68
C ILE A 9 5.61 -17.84 -4.59
N LYS A 10 4.74 -17.47 -3.66
CA LYS A 10 4.36 -16.07 -3.46
C LYS A 10 4.19 -15.36 -4.80
N ASP A 11 3.66 -16.07 -5.78
CA ASP A 11 3.44 -15.51 -7.10
C ASP A 11 2.69 -14.19 -7.02
N SER A 12 1.50 -14.24 -6.41
CA SER A 12 0.67 -13.04 -6.27
C SER A 12 -0.17 -13.12 -5.00
N PRO A 13 -0.36 -11.96 -4.34
CA PRO A 13 -1.13 -11.86 -3.11
C PRO A 13 -2.63 -12.09 -3.34
N VAL A 14 -3.19 -13.08 -2.64
CA VAL A 14 -4.61 -13.39 -2.77
C VAL A 14 -5.47 -12.31 -2.16
N ASN A 15 -5.04 -11.80 -1.01
CA ASN A 15 -5.78 -10.75 -0.31
C ASN A 15 -5.55 -9.39 -0.97
N LYS A 16 -6.35 -8.41 -0.57
CA LYS A 16 -6.24 -7.06 -1.12
C LYS A 16 -6.52 -6.01 -0.05
N VAL A 17 -5.74 -4.93 -0.07
CA VAL A 17 -5.91 -3.86 0.90
C VAL A 17 -7.04 -2.92 0.49
N GLU A 18 -7.01 -2.46 -0.75
CA GLU A 18 -8.03 -1.56 -1.27
C GLU A 18 -8.01 -1.53 -2.79
N PRO A 19 -9.12 -1.06 -3.38
CA PRO A 19 -9.25 -0.96 -4.84
C PRO A 19 -8.36 0.12 -5.43
N ASN A 20 -7.56 0.76 -4.57
CA ASN A 20 -6.66 1.82 -5.02
C ASN A 20 -5.36 1.24 -5.54
N ASP A 21 -5.41 -0.01 -6.01
CA ASP A 21 -4.23 -0.68 -6.54
C ASP A 21 -3.45 0.25 -7.48
N THR A 22 -4.18 1.08 -8.21
CA THR A 22 -3.57 2.02 -9.14
C THR A 22 -2.29 2.61 -8.56
N LEU A 23 -2.30 2.84 -7.26
CA LEU A 23 -1.14 3.41 -6.58
C LEU A 23 0.05 2.46 -6.64
N GLU A 24 -0.22 1.17 -6.44
CA GLU A 24 0.83 0.15 -6.47
C GLU A 24 1.80 0.41 -7.62
N LYS A 25 1.26 0.82 -8.77
CA LYS A 25 2.08 1.10 -9.94
C LYS A 25 2.92 2.36 -9.73
N VAL A 26 2.26 3.51 -9.65
CA VAL A 26 2.94 4.79 -9.45
C VAL A 26 4.01 4.67 -8.37
N PHE A 27 3.71 3.90 -7.33
CA PHE A 27 4.63 3.71 -6.23
C PHE A 27 6.01 3.31 -6.74
N VAL A 28 6.03 2.35 -7.66
CA VAL A 28 7.29 1.87 -8.24
C VAL A 28 7.46 2.37 -9.67
N SER A 29 6.55 3.24 -10.11
CA SER A 29 6.59 3.78 -11.45
C SER A 29 7.17 5.20 -11.45
N VAL A 30 6.65 6.04 -10.56
CA VAL A 30 7.12 7.42 -10.45
C VAL A 30 7.93 7.63 -9.19
N THR A 31 7.43 7.09 -8.07
CA THR A 31 8.12 7.22 -6.79
C THR A 31 7.42 6.40 -5.71
N LYS A 32 8.20 5.85 -4.79
CA LYS A 32 7.66 5.05 -3.70
C LYS A 32 6.87 5.91 -2.73
N TYR A 33 7.26 7.17 -2.61
CA TYR A 33 6.59 8.11 -1.72
C TYR A 33 6.30 9.43 -2.42
N PRO A 34 5.14 9.50 -3.09
CA PRO A 34 4.71 10.70 -3.82
C PRO A 34 4.35 11.85 -2.87
N ASP A 35 4.56 13.07 -3.34
CA ASP A 35 4.25 14.26 -2.55
C ASP A 35 2.81 14.70 -2.76
N GLU A 36 2.30 15.51 -1.84
CA GLU A 36 0.93 16.00 -1.92
C GLU A 36 0.58 16.35 -3.37
N LYS A 37 1.55 16.87 -4.10
CA LYS A 37 1.35 17.27 -5.49
C LYS A 37 0.55 16.20 -6.24
N ARG A 38 1.07 14.97 -6.22
CA ARG A 38 0.40 13.86 -6.91
C ARG A 38 -0.92 13.52 -6.23
N LEU A 39 -0.92 13.49 -4.90
CA LEU A 39 -2.13 13.18 -4.15
C LEU A 39 -3.33 13.92 -4.71
N LYS A 40 -3.17 15.21 -4.94
CA LYS A 40 -4.24 16.03 -5.50
C LYS A 40 -4.99 15.29 -6.60
N GLY A 41 -4.24 14.59 -7.45
CA GLY A 41 -4.85 13.85 -8.53
C GLY A 41 -5.55 12.59 -8.04
N LEU A 42 -4.78 11.64 -7.53
CA LEU A 42 -5.33 10.39 -7.04
C LEU A 42 -6.57 10.64 -6.18
N SER A 43 -6.57 11.76 -5.47
CA SER A 43 -7.68 12.11 -4.61
C SER A 43 -8.99 12.16 -5.40
N LYS A 44 -8.92 12.69 -6.61
CA LYS A 44 -10.09 12.79 -7.47
C LYS A 44 -10.33 11.48 -8.21
N GLN A 45 -9.27 10.93 -8.80
CA GLN A 45 -9.37 9.68 -9.53
C GLN A 45 -10.12 8.62 -8.72
N LEU A 46 -9.64 8.37 -7.51
CA LEU A 46 -10.26 7.39 -6.63
C LEU A 46 -11.15 8.07 -5.59
N ASP A 47 -11.61 9.28 -5.90
CA ASP A 47 -12.46 10.03 -5.00
C ASP A 47 -12.03 9.82 -3.55
N TRP A 48 -10.73 9.90 -3.31
CA TRP A 48 -10.19 9.72 -1.96
C TRP A 48 -9.65 11.04 -1.41
N SER A 49 -9.06 10.98 -0.22
CA SER A 49 -8.51 12.17 0.42
C SER A 49 -6.99 12.09 0.49
N VAL A 50 -6.34 13.25 0.42
CA VAL A 50 -4.88 13.31 0.48
C VAL A 50 -4.35 12.54 1.67
N ARG A 51 -5.17 12.41 2.70
CA ARG A 51 -4.77 11.69 3.90
C ARG A 51 -5.11 10.21 3.79
N LYS A 52 -6.24 9.90 3.16
CA LYS A 52 -6.68 8.52 2.98
C LYS A 52 -5.74 7.78 2.03
N ILE A 53 -5.30 8.45 0.98
CA ILE A 53 -4.40 7.85 0.00
C ILE A 53 -3.07 7.48 0.64
N GLN A 54 -2.51 8.42 1.41
CA GLN A 54 -1.24 8.18 2.09
C GLN A 54 -1.27 6.89 2.88
N CYS A 55 -2.32 6.72 3.69
CA CYS A 55 -2.46 5.52 4.50
C CYS A 55 -2.33 4.26 3.66
N TRP A 56 -2.56 4.40 2.36
CA TRP A 56 -2.46 3.27 1.44
C TRP A 56 -1.01 2.99 1.08
N PHE A 57 -0.26 4.05 0.80
CA PHE A 57 1.15 3.91 0.44
C PHE A 57 1.97 3.40 1.61
N ARG A 58 1.73 3.99 2.79
CA ARG A 58 2.45 3.60 3.99
C ARG A 58 2.33 2.09 4.23
N HIS A 59 1.10 1.58 4.13
CA HIS A 59 0.85 0.16 4.35
C HIS A 59 1.60 -0.68 3.31
N ARG A 60 1.51 -0.27 2.05
CA ARG A 60 2.17 -1.00 0.97
C ARG A 60 3.57 -1.42 1.39
N ARG A 61 4.44 -0.44 1.64
CA ARG A 61 5.81 -0.72 2.04
C ARG A 61 5.88 -1.96 2.93
N ASN A 62 5.09 -1.95 4.01
CA ASN A 62 5.07 -3.07 4.94
C ASN A 62 4.61 -4.35 4.24
N GLN A 63 3.46 -4.27 3.57
CA GLN A 63 2.91 -5.42 2.86
C GLN A 63 3.98 -6.09 2.00
N ASP A 64 4.77 -5.27 1.30
CA ASP A 64 5.83 -5.78 0.43
C ASP A 64 6.87 -6.53 1.25
N LYS A 65 7.35 -5.91 2.32
CA LYS A 65 8.36 -6.51 3.18
C LYS A 65 7.89 -6.51 4.64
N PRO A 66 7.06 -7.50 4.99
CA PRO A 66 6.54 -7.64 6.36
C PRO A 66 7.60 -8.06 7.35
N SER A 67 8.50 -8.92 6.91
CA SER A 67 9.58 -9.41 7.77
C SER A 67 9.11 -9.56 9.21
N GLY A 68 7.92 -10.14 9.38
CA GLY A 68 7.37 -10.32 10.71
C GLY A 68 6.40 -11.48 10.77
N PRO A 69 6.94 -12.70 10.95
CA PRO A 69 6.12 -13.92 11.03
C PRO A 69 5.29 -13.98 12.31
N SER A 70 4.05 -13.53 12.23
CA SER A 70 3.16 -13.53 13.38
C SER A 70 2.14 -14.65 13.28
N SER A 71 2.34 -15.70 14.08
CA SER A 71 1.43 -16.84 14.07
C SER A 71 0.06 -16.46 14.62
N GLY A 72 -0.97 -16.59 13.78
CA GLY A 72 -2.32 -16.25 14.20
C GLY A 72 -3.18 -17.48 14.38
N GLY A 1 22.18 -16.31 -1.52
CA GLY A 1 20.86 -15.75 -1.76
C GLY A 1 19.97 -16.71 -2.53
N SER A 2 18.99 -17.29 -1.84
CA SER A 2 18.07 -18.23 -2.45
C SER A 2 17.65 -17.76 -3.84
N SER A 3 17.66 -18.67 -4.81
CA SER A 3 17.29 -18.35 -6.18
C SER A 3 15.79 -18.14 -6.30
N GLY A 4 15.03 -19.17 -5.95
CA GLY A 4 13.58 -19.07 -6.03
C GLY A 4 13.08 -19.01 -7.46
N SER A 5 12.70 -20.17 -8.00
CA SER A 5 12.20 -20.24 -9.37
C SER A 5 10.71 -19.92 -9.43
N SER A 6 10.31 -18.89 -8.69
CA SER A 6 8.92 -18.47 -8.65
C SER A 6 8.75 -17.06 -9.20
N GLY A 7 7.61 -16.80 -9.83
CA GLY A 7 7.34 -15.49 -10.38
C GLY A 7 5.93 -15.36 -10.93
N GLY A 8 5.54 -14.15 -11.27
CA GLY A 8 4.21 -13.91 -11.81
C GLY A 8 3.87 -12.44 -11.89
N ILE A 9 2.57 -12.13 -11.94
CA ILE A 9 2.11 -10.75 -12.03
C ILE A 9 2.04 -10.12 -10.65
N LYS A 10 1.30 -10.76 -9.75
CA LYS A 10 1.15 -10.26 -8.38
C LYS A 10 1.99 -11.07 -7.41
N ASP A 11 2.79 -10.38 -6.61
CA ASP A 11 3.65 -11.04 -5.63
C ASP A 11 3.04 -10.96 -4.23
N SER A 12 1.74 -11.22 -4.15
CA SER A 12 1.04 -11.18 -2.87
C SER A 12 -0.07 -12.23 -2.83
N PRO A 13 -0.20 -12.90 -1.67
CA PRO A 13 -1.21 -13.95 -1.47
C PRO A 13 -2.62 -13.37 -1.39
N VAL A 14 -3.23 -13.16 -2.55
CA VAL A 14 -4.58 -12.61 -2.62
C VAL A 14 -4.78 -11.50 -1.60
N ASN A 15 -3.71 -10.74 -1.34
CA ASN A 15 -3.76 -9.66 -0.38
C ASN A 15 -4.15 -8.35 -1.07
N LYS A 16 -5.44 -8.01 -1.01
CA LYS A 16 -5.95 -6.79 -1.62
C LYS A 16 -6.19 -5.72 -0.57
N VAL A 17 -5.12 -5.05 -0.14
CA VAL A 17 -5.22 -4.00 0.87
C VAL A 17 -6.42 -3.09 0.58
N GLU A 18 -6.50 -2.60 -0.65
CA GLU A 18 -7.60 -1.72 -1.04
C GLU A 18 -7.71 -1.64 -2.57
N PRO A 19 -8.88 -1.19 -3.05
CA PRO A 19 -9.14 -1.05 -4.49
C PRO A 19 -8.33 0.07 -5.13
N ASN A 20 -7.47 0.70 -4.33
CA ASN A 20 -6.64 1.79 -4.81
C ASN A 20 -5.37 1.25 -5.47
N ASP A 21 -5.44 0.01 -5.96
CA ASP A 21 -4.30 -0.62 -6.61
C ASP A 21 -3.59 0.37 -7.54
N THR A 22 -4.37 1.15 -8.27
CA THR A 22 -3.81 2.13 -9.20
C THR A 22 -2.51 2.72 -8.64
N LEU A 23 -2.45 2.87 -7.33
CA LEU A 23 -1.27 3.43 -6.68
C LEU A 23 -0.07 2.48 -6.81
N GLU A 24 -0.29 1.22 -6.49
CA GLU A 24 0.76 0.22 -6.57
C GLU A 24 1.68 0.50 -7.76
N LYS A 25 1.09 0.90 -8.88
CA LYS A 25 1.87 1.22 -10.07
C LYS A 25 2.70 2.48 -9.89
N VAL A 26 2.00 3.62 -9.79
CA VAL A 26 2.67 4.90 -9.60
C VAL A 26 3.77 4.80 -8.55
N PHE A 27 3.53 4.00 -7.51
CA PHE A 27 4.50 3.81 -6.45
C PHE A 27 5.86 3.39 -7.01
N VAL A 28 5.85 2.42 -7.91
CA VAL A 28 7.07 1.93 -8.53
C VAL A 28 7.19 2.40 -9.98
N SER A 29 6.27 3.27 -10.38
CA SER A 29 6.28 3.81 -11.73
C SER A 29 6.83 5.23 -11.76
N VAL A 30 6.33 6.07 -10.85
CA VAL A 30 6.78 7.45 -10.76
C VAL A 30 7.70 7.66 -9.57
N THR A 31 7.30 7.12 -8.42
CA THR A 31 8.09 7.24 -7.20
C THR A 31 7.48 6.43 -6.07
N LYS A 32 8.32 6.02 -5.12
CA LYS A 32 7.87 5.22 -3.98
C LYS A 32 7.29 6.12 -2.90
N TYR A 33 7.92 7.29 -2.71
CA TYR A 33 7.47 8.24 -1.69
C TYR A 33 6.93 9.51 -2.34
N PRO A 34 5.66 9.46 -2.78
CA PRO A 34 5.00 10.61 -3.43
C PRO A 34 4.73 11.74 -2.45
N ASP A 35 4.34 12.89 -2.98
CA ASP A 35 4.04 14.06 -2.16
C ASP A 35 2.65 14.61 -2.47
N GLU A 36 2.20 15.56 -1.67
CA GLU A 36 0.89 16.17 -1.86
C GLU A 36 0.59 16.36 -3.35
N LYS A 37 1.58 16.85 -4.08
CA LYS A 37 1.43 17.07 -5.52
C LYS A 37 0.72 15.90 -6.19
N ARG A 38 1.24 14.70 -5.96
CA ARG A 38 0.64 13.49 -6.54
C ARG A 38 -0.68 13.16 -5.86
N LEU A 39 -0.68 13.20 -4.53
CA LEU A 39 -1.88 12.90 -3.75
C LEU A 39 -3.10 13.65 -4.32
N LYS A 40 -2.86 14.85 -4.80
CA LYS A 40 -3.92 15.67 -5.37
C LYS A 40 -4.64 14.93 -6.49
N GLY A 41 -3.89 14.48 -7.48
CA GLY A 41 -4.48 13.75 -8.60
C GLY A 41 -5.27 12.55 -8.14
N LEU A 42 -4.57 11.54 -7.62
CA LEU A 42 -5.22 10.32 -7.15
C LEU A 42 -6.46 10.65 -6.33
N SER A 43 -6.32 11.57 -5.38
CA SER A 43 -7.44 11.97 -4.53
C SER A 43 -8.72 12.08 -5.34
N LYS A 44 -8.60 12.54 -6.58
CA LYS A 44 -9.75 12.70 -7.45
C LYS A 44 -10.03 11.41 -8.22
N GLN A 45 -8.98 10.82 -8.78
CA GLN A 45 -9.11 9.58 -9.54
C GLN A 45 -9.92 8.55 -8.76
N LEU A 46 -9.43 8.17 -7.60
CA LEU A 46 -10.10 7.19 -6.76
C LEU A 46 -11.04 7.88 -5.77
N ASP A 47 -11.52 9.07 -6.14
CA ASP A 47 -12.42 9.83 -5.28
C ASP A 47 -12.05 9.67 -3.81
N TRP A 48 -10.75 9.69 -3.54
CA TRP A 48 -10.25 9.54 -2.17
C TRP A 48 -9.75 10.88 -1.63
N SER A 49 -9.22 10.86 -0.41
CA SER A 49 -8.72 12.07 0.22
C SER A 49 -7.20 12.00 0.38
N VAL A 50 -6.55 13.17 0.34
CA VAL A 50 -5.10 13.23 0.48
C VAL A 50 -4.63 12.48 1.72
N ARG A 51 -5.44 12.53 2.78
CA ARG A 51 -5.10 11.85 4.02
C ARG A 51 -5.43 10.36 3.93
N LYS A 52 -6.52 10.03 3.24
CA LYS A 52 -6.94 8.65 3.08
C LYS A 52 -5.92 7.87 2.25
N ILE A 53 -5.52 8.42 1.12
CA ILE A 53 -4.55 7.78 0.25
C ILE A 53 -3.23 7.53 0.98
N GLN A 54 -2.69 8.58 1.57
CA GLN A 54 -1.43 8.47 2.31
C GLN A 54 -1.34 7.15 3.05
N CYS A 55 -2.41 6.80 3.76
CA CYS A 55 -2.46 5.56 4.52
C CYS A 55 -2.10 4.37 3.63
N TRP A 56 -2.66 4.34 2.43
CA TRP A 56 -2.39 3.25 1.49
C TRP A 56 -0.89 3.11 1.24
N PHE A 57 -0.26 4.19 0.80
CA PHE A 57 1.17 4.17 0.53
C PHE A 57 1.96 3.74 1.76
N ARG A 58 1.49 4.15 2.93
CA ARG A 58 2.15 3.81 4.18
C ARG A 58 2.01 2.32 4.48
N HIS A 59 0.84 1.76 4.17
CA HIS A 59 0.58 0.35 4.40
C HIS A 59 1.39 -0.52 3.44
N ARG A 60 1.69 0.03 2.27
CA ARG A 60 2.46 -0.71 1.27
C ARG A 60 3.89 -0.95 1.75
N ARG A 61 4.66 0.13 1.87
CA ARG A 61 6.04 0.04 2.32
C ARG A 61 6.19 -1.02 3.40
N ASN A 62 5.23 -1.06 4.33
CA ASN A 62 5.26 -2.02 5.42
C ASN A 62 4.96 -3.43 4.91
N GLN A 63 3.96 -3.54 4.04
CA GLN A 63 3.58 -4.83 3.47
C GLN A 63 4.72 -5.43 2.67
N ASP A 64 5.14 -4.71 1.63
CA ASP A 64 6.23 -5.17 0.78
C ASP A 64 7.30 -5.88 1.59
N LYS A 65 7.71 -5.26 2.69
CA LYS A 65 8.73 -5.83 3.57
C LYS A 65 8.30 -7.18 4.10
N PRO A 66 9.24 -8.14 4.17
CA PRO A 66 8.98 -9.48 4.66
C PRO A 66 8.70 -9.51 6.16
N SER A 67 8.94 -8.38 6.81
CA SER A 67 8.73 -8.28 8.26
C SER A 67 7.52 -9.10 8.69
N GLY A 68 7.75 -10.03 9.62
CA GLY A 68 6.67 -10.87 10.11
C GLY A 68 7.18 -12.16 10.71
N PRO A 69 7.55 -12.11 12.00
CA PRO A 69 8.06 -13.29 12.72
C PRO A 69 6.98 -14.33 12.97
N SER A 70 5.74 -13.87 13.10
CA SER A 70 4.61 -14.76 13.35
C SER A 70 4.55 -15.86 12.30
N SER A 71 3.76 -16.89 12.56
CA SER A 71 3.61 -18.01 11.64
C SER A 71 2.17 -18.50 11.61
N GLY A 72 1.92 -19.54 10.81
CA GLY A 72 0.58 -20.07 10.70
C GLY A 72 0.38 -20.86 9.42
N GLY A 1 22.09 -14.79 19.02
CA GLY A 1 20.90 -15.44 18.50
C GLY A 1 20.81 -15.40 16.99
N SER A 2 20.06 -16.32 16.41
CA SER A 2 19.90 -16.37 14.96
C SER A 2 18.51 -16.90 14.58
N SER A 3 17.68 -16.02 14.03
CA SER A 3 16.33 -16.40 13.63
C SER A 3 16.36 -17.17 12.32
N GLY A 4 15.22 -17.78 11.97
CA GLY A 4 15.14 -18.54 10.74
C GLY A 4 13.71 -18.96 10.43
N SER A 5 13.52 -19.58 9.26
CA SER A 5 12.21 -20.03 8.83
C SER A 5 11.23 -18.84 8.74
N SER A 6 11.70 -17.74 8.18
CA SER A 6 10.88 -16.55 8.03
C SER A 6 10.05 -16.61 6.75
N GLY A 7 10.70 -16.99 5.66
CA GLY A 7 10.01 -17.09 4.39
C GLY A 7 9.70 -18.52 4.00
N GLY A 8 8.47 -18.75 3.55
CA GLY A 8 8.06 -20.09 3.16
C GLY A 8 7.05 -20.08 2.03
N ILE A 9 6.80 -21.25 1.45
CA ILE A 9 5.84 -21.37 0.36
C ILE A 9 4.52 -20.70 0.71
N LYS A 10 4.04 -19.85 -0.20
CA LYS A 10 2.78 -19.15 0.01
C LYS A 10 1.60 -20.13 0.01
N ASP A 11 0.71 -19.98 0.99
CA ASP A 11 -0.45 -20.85 1.09
C ASP A 11 -1.73 -20.08 0.78
N SER A 12 -2.02 -19.05 1.59
CA SER A 12 -3.21 -18.25 1.39
C SER A 12 -3.10 -17.39 0.12
N PRO A 13 -4.24 -17.09 -0.49
CA PRO A 13 -4.30 -16.29 -1.71
C PRO A 13 -3.94 -14.82 -1.46
N VAL A 14 -3.60 -14.12 -2.53
CA VAL A 14 -3.23 -12.71 -2.43
C VAL A 14 -4.35 -11.89 -1.79
N ASN A 15 -3.97 -10.91 -0.99
CA ASN A 15 -4.94 -10.05 -0.31
C ASN A 15 -4.96 -8.66 -0.92
N LYS A 16 -6.15 -8.09 -1.06
CA LYS A 16 -6.31 -6.75 -1.63
C LYS A 16 -6.65 -5.74 -0.55
N VAL A 17 -5.64 -5.00 -0.11
CA VAL A 17 -5.84 -3.98 0.93
C VAL A 17 -6.99 -3.05 0.57
N GLU A 18 -6.94 -2.47 -0.62
CA GLU A 18 -7.97 -1.56 -1.09
C GLU A 18 -8.00 -1.50 -2.61
N PRO A 19 -9.11 -1.00 -3.16
CA PRO A 19 -9.29 -0.86 -4.61
C PRO A 19 -8.40 0.22 -5.21
N ASN A 20 -7.56 0.83 -4.36
CA ASN A 20 -6.66 1.87 -4.80
C ASN A 20 -5.37 1.28 -5.40
N ASP A 21 -5.49 0.07 -5.92
CA ASP A 21 -4.34 -0.61 -6.52
C ASP A 21 -3.58 0.33 -7.44
N THR A 22 -4.30 1.11 -8.22
CA THR A 22 -3.70 2.05 -9.16
C THR A 22 -2.40 2.62 -8.59
N LEU A 23 -2.36 2.78 -7.28
CA LEU A 23 -1.17 3.31 -6.61
C LEU A 23 -0.02 2.32 -6.68
N GLU A 24 -0.28 1.08 -6.30
CA GLU A 24 0.73 0.04 -6.33
C GLU A 24 1.70 0.24 -7.50
N LYS A 25 1.16 0.72 -8.62
CA LYS A 25 1.96 0.96 -9.81
C LYS A 25 2.78 2.24 -9.67
N VAL A 26 2.10 3.38 -9.62
CA VAL A 26 2.76 4.67 -9.48
C VAL A 26 3.86 4.61 -8.42
N PHE A 27 3.60 3.87 -7.35
CA PHE A 27 4.56 3.74 -6.26
C PHE A 27 5.93 3.34 -6.81
N VAL A 28 5.95 2.36 -7.70
CA VAL A 28 7.20 1.89 -8.29
C VAL A 28 7.32 2.35 -9.74
N SER A 29 6.39 3.19 -10.17
CA SER A 29 6.40 3.70 -11.54
C SER A 29 6.94 5.13 -11.58
N VAL A 30 6.43 5.98 -10.71
CA VAL A 30 6.86 7.37 -10.64
C VAL A 30 7.69 7.63 -9.39
N THR A 31 7.24 7.09 -8.26
CA THR A 31 7.95 7.27 -7.00
C THR A 31 7.29 6.47 -5.88
N LYS A 32 8.11 5.90 -5.00
CA LYS A 32 7.61 5.10 -3.89
C LYS A 32 7.03 6.01 -2.80
N TYR A 33 7.67 7.15 -2.58
CA TYR A 33 7.22 8.10 -1.56
C TYR A 33 6.77 9.41 -2.21
N PRO A 34 5.54 9.43 -2.73
CA PRO A 34 4.97 10.61 -3.38
C PRO A 34 4.66 11.72 -2.38
N ASP A 35 4.30 12.89 -2.91
CA ASP A 35 3.98 14.03 -2.06
C ASP A 35 2.59 14.58 -2.39
N GLU A 36 2.07 15.42 -1.50
CA GLU A 36 0.74 16.01 -1.70
C GLU A 36 0.49 16.31 -3.17
N LYS A 37 1.47 16.94 -3.81
CA LYS A 37 1.36 17.28 -5.23
C LYS A 37 0.71 16.15 -6.01
N ARG A 38 1.26 14.95 -5.89
CA ARG A 38 0.73 13.79 -6.59
C ARG A 38 -0.65 13.40 -6.05
N LEU A 39 -0.75 13.32 -4.73
CA LEU A 39 -2.01 12.97 -4.08
C LEU A 39 -3.16 13.77 -4.66
N LYS A 40 -2.89 15.03 -5.01
CA LYS A 40 -3.91 15.90 -5.58
C LYS A 40 -4.66 15.20 -6.70
N GLY A 41 -3.93 14.41 -7.49
CA GLY A 41 -4.54 13.69 -8.60
C GLY A 41 -5.34 12.49 -8.14
N LEU A 42 -4.65 11.52 -7.55
CA LEU A 42 -5.31 10.31 -7.06
C LEU A 42 -6.57 10.65 -6.27
N SER A 43 -6.53 11.77 -5.56
CA SER A 43 -7.66 12.21 -4.75
C SER A 43 -8.95 12.18 -5.58
N LYS A 44 -8.88 12.70 -6.79
CA LYS A 44 -10.04 12.74 -7.68
C LYS A 44 -10.22 11.39 -8.38
N GLN A 45 -9.14 10.87 -8.95
CA GLN A 45 -9.18 9.59 -9.64
C GLN A 45 -9.97 8.56 -8.84
N LEU A 46 -9.55 8.33 -7.60
CA LEU A 46 -10.21 7.38 -6.73
C LEU A 46 -11.11 8.09 -5.71
N ASP A 47 -11.53 9.30 -6.06
CA ASP A 47 -12.41 10.08 -5.19
C ASP A 47 -12.07 9.85 -3.72
N TRP A 48 -10.78 9.90 -3.40
CA TRP A 48 -10.31 9.69 -2.03
C TRP A 48 -9.78 10.99 -1.43
N SER A 49 -9.32 10.91 -0.19
CA SER A 49 -8.79 12.08 0.51
C SER A 49 -7.27 12.00 0.62
N VAL A 50 -6.60 13.09 0.27
CA VAL A 50 -5.14 13.16 0.33
C VAL A 50 -4.61 12.38 1.53
N ARG A 51 -5.37 12.41 2.63
CA ARG A 51 -4.97 11.70 3.85
C ARG A 51 -5.23 10.20 3.71
N LYS A 52 -6.47 9.84 3.42
CA LYS A 52 -6.85 8.44 3.28
C LYS A 52 -5.85 7.71 2.38
N ILE A 53 -5.52 8.31 1.24
CA ILE A 53 -4.58 7.72 0.31
C ILE A 53 -3.20 7.54 0.94
N GLN A 54 -2.64 8.64 1.41
CA GLN A 54 -1.32 8.61 2.03
C GLN A 54 -1.14 7.34 2.87
N CYS A 55 -2.19 6.95 3.58
CA CYS A 55 -2.16 5.76 4.41
C CYS A 55 -1.92 4.51 3.57
N TRP A 56 -2.62 4.42 2.44
CA TRP A 56 -2.49 3.29 1.55
C TRP A 56 -1.03 3.09 1.13
N PHE A 57 -0.38 4.18 0.74
CA PHE A 57 1.01 4.13 0.31
C PHE A 57 1.89 3.58 1.42
N ARG A 58 1.89 4.25 2.57
CA ARG A 58 2.70 3.83 3.71
C ARG A 58 2.52 2.33 3.96
N HIS A 59 1.31 1.85 3.80
CA HIS A 59 1.01 0.44 4.02
C HIS A 59 1.74 -0.43 3.00
N ARG A 60 1.76 0.02 1.75
CA ARG A 60 2.43 -0.71 0.68
C ARG A 60 3.87 -1.03 1.05
N ARG A 61 4.59 -0.01 1.53
CA ARG A 61 5.98 -0.19 1.92
C ARG A 61 6.15 -1.42 2.80
N ASN A 62 5.45 -1.44 3.92
CA ASN A 62 5.53 -2.56 4.86
C ASN A 62 5.17 -3.87 4.16
N GLN A 63 4.02 -3.90 3.51
CA GLN A 63 3.56 -5.09 2.81
C GLN A 63 4.66 -5.64 1.91
N ASP A 64 5.32 -4.75 1.16
CA ASP A 64 6.39 -5.15 0.26
C ASP A 64 7.59 -5.67 1.04
N LYS A 65 7.97 -4.95 2.09
CA LYS A 65 9.10 -5.34 2.92
C LYS A 65 8.66 -5.57 4.36
N PRO A 66 8.10 -6.76 4.63
CA PRO A 66 7.63 -7.13 5.96
C PRO A 66 8.78 -7.35 6.93
N SER A 67 8.58 -6.93 8.18
CA SER A 67 9.60 -7.08 9.21
C SER A 67 8.97 -7.42 10.56
N GLY A 68 9.53 -8.42 11.23
CA GLY A 68 9.01 -8.82 12.53
C GLY A 68 9.06 -10.33 12.73
N PRO A 69 10.23 -10.83 13.16
CA PRO A 69 10.45 -12.26 13.40
C PRO A 69 9.68 -12.76 14.61
N SER A 70 9.17 -13.99 14.52
CA SER A 70 8.42 -14.59 15.61
C SER A 70 9.35 -15.23 16.63
N SER A 71 9.07 -15.00 17.91
CA SER A 71 9.89 -15.57 18.98
C SER A 71 9.19 -16.77 19.62
N GLY A 72 8.61 -17.62 18.78
CA GLY A 72 7.93 -18.79 19.28
C GLY A 72 8.86 -19.76 20.00
N GLY A 1 18.85 -37.64 1.59
CA GLY A 1 18.25 -37.75 2.91
C GLY A 1 16.75 -37.93 2.87
N SER A 2 16.08 -37.07 2.12
CA SER A 2 14.63 -37.13 1.99
C SER A 2 14.22 -37.95 0.77
N SER A 3 14.81 -37.62 -0.38
CA SER A 3 14.51 -38.33 -1.62
C SER A 3 13.04 -38.17 -1.98
N GLY A 4 12.50 -36.96 -1.81
CA GLY A 4 11.11 -36.71 -2.12
C GLY A 4 10.70 -35.28 -1.84
N SER A 5 10.26 -34.58 -2.87
CA SER A 5 9.84 -33.19 -2.73
C SER A 5 8.34 -33.04 -2.99
N SER A 6 7.60 -32.70 -1.94
CA SER A 6 6.16 -32.53 -2.04
C SER A 6 5.63 -31.65 -0.93
N GLY A 7 4.49 -31.01 -1.16
CA GLY A 7 3.90 -30.14 -0.16
C GLY A 7 2.53 -29.62 -0.58
N GLY A 8 1.48 -30.27 -0.09
CA GLY A 8 0.13 -29.85 -0.44
C GLY A 8 -0.42 -28.83 0.54
N ILE A 9 0.29 -27.72 0.71
CA ILE A 9 -0.13 -26.67 1.62
C ILE A 9 0.14 -25.29 1.04
N LYS A 10 -0.68 -24.32 1.44
CA LYS A 10 -0.53 -22.95 0.95
C LYS A 10 -0.03 -22.03 2.05
N ASP A 11 0.25 -20.78 1.69
CA ASP A 11 0.75 -19.80 2.65
C ASP A 11 -0.41 -19.03 3.27
N SER A 12 -1.24 -18.43 2.42
CA SER A 12 -2.38 -17.65 2.87
C SER A 12 -3.27 -17.24 1.71
N PRO A 13 -4.56 -17.02 1.99
CA PRO A 13 -5.54 -16.62 0.98
C PRO A 13 -5.32 -15.21 0.48
N VAL A 14 -4.95 -15.08 -0.80
CA VAL A 14 -4.70 -13.78 -1.40
C VAL A 14 -5.63 -12.72 -0.82
N ASN A 15 -5.06 -11.79 -0.06
CA ASN A 15 -5.83 -10.72 0.56
C ASN A 15 -5.40 -9.37 0.02
N LYS A 16 -6.38 -8.50 -0.25
CA LYS A 16 -6.10 -7.17 -0.76
C LYS A 16 -6.30 -6.11 0.32
N VAL A 17 -5.75 -4.92 0.11
CA VAL A 17 -5.87 -3.83 1.06
C VAL A 17 -7.01 -2.89 0.68
N GLU A 18 -7.00 -2.43 -0.58
CA GLU A 18 -8.02 -1.52 -1.07
C GLU A 18 -8.02 -1.47 -2.60
N PRO A 19 -9.13 -0.99 -3.17
CA PRO A 19 -9.27 -0.88 -4.63
C PRO A 19 -8.37 0.21 -5.22
N ASN A 20 -7.56 0.82 -4.37
CA ASN A 20 -6.66 1.88 -4.81
C ASN A 20 -5.36 1.30 -5.36
N ASP A 21 -5.43 0.05 -5.81
CA ASP A 21 -4.27 -0.63 -6.38
C ASP A 21 -3.51 0.30 -7.32
N THR A 22 -4.24 1.07 -8.11
CA THR A 22 -3.64 2.00 -9.06
C THR A 22 -2.34 2.58 -8.50
N LEU A 23 -2.32 2.83 -7.19
CA LEU A 23 -1.14 3.38 -6.54
C LEU A 23 0.03 2.41 -6.60
N GLU A 24 -0.24 1.15 -6.27
CA GLU A 24 0.79 0.12 -6.29
C GLU A 24 1.74 0.32 -7.46
N LYS A 25 1.19 0.77 -8.58
CA LYS A 25 1.99 1.01 -9.78
C LYS A 25 2.83 2.28 -9.64
N VAL A 26 2.16 3.42 -9.60
CA VAL A 26 2.85 4.71 -9.46
C VAL A 26 3.95 4.62 -8.40
N PHE A 27 3.67 3.90 -7.33
CA PHE A 27 4.63 3.74 -6.23
C PHE A 27 5.99 3.32 -6.76
N VAL A 28 6.00 2.33 -7.65
CA VAL A 28 7.23 1.83 -8.24
C VAL A 28 7.37 2.28 -9.69
N SER A 29 6.45 3.12 -10.14
CA SER A 29 6.46 3.63 -11.50
C SER A 29 7.04 5.04 -11.56
N VAL A 30 6.55 5.91 -10.69
CA VAL A 30 7.01 7.29 -10.63
C VAL A 30 7.86 7.54 -9.39
N THR A 31 7.39 7.03 -8.25
CA THR A 31 8.11 7.20 -7.00
C THR A 31 7.43 6.41 -5.87
N LYS A 32 8.24 5.87 -4.97
CA LYS A 32 7.72 5.10 -3.85
C LYS A 32 7.23 6.02 -2.73
N TYR A 33 7.67 7.27 -2.77
CA TYR A 33 7.27 8.26 -1.77
C TYR A 33 6.76 9.53 -2.43
N PRO A 34 5.48 9.50 -2.83
CA PRO A 34 4.83 10.64 -3.48
C PRO A 34 4.60 11.81 -2.52
N ASP A 35 4.33 12.98 -3.07
CA ASP A 35 4.09 14.17 -2.26
C ASP A 35 2.68 14.70 -2.46
N GLU A 36 2.16 15.39 -1.45
CA GLU A 36 0.82 15.95 -1.52
C GLU A 36 0.50 16.44 -2.93
N LYS A 37 1.53 16.85 -3.66
CA LYS A 37 1.37 17.34 -5.02
C LYS A 37 0.63 16.33 -5.88
N ARG A 38 1.17 15.13 -5.98
CA ARG A 38 0.56 14.07 -6.77
C ARG A 38 -0.76 13.61 -6.15
N LEU A 39 -0.81 13.61 -4.83
CA LEU A 39 -2.02 13.20 -4.10
C LEU A 39 -3.24 13.96 -4.61
N LYS A 40 -3.02 15.18 -5.07
CA LYS A 40 -4.10 16.01 -5.59
C LYS A 40 -4.89 15.27 -6.66
N GLY A 41 -4.17 14.66 -7.61
CA GLY A 41 -4.82 13.93 -8.68
C GLY A 41 -5.57 12.72 -8.17
N LEU A 42 -4.83 11.75 -7.65
CA LEU A 42 -5.42 10.52 -7.12
C LEU A 42 -6.68 10.83 -6.32
N SER A 43 -6.59 11.85 -5.47
CA SER A 43 -7.73 12.25 -4.64
C SER A 43 -9.03 12.17 -5.43
N LYS A 44 -8.99 12.61 -6.68
CA LYS A 44 -10.17 12.58 -7.54
C LYS A 44 -10.27 11.26 -8.29
N GLN A 45 -9.14 10.79 -8.81
CA GLN A 45 -9.10 9.54 -9.55
C GLN A 45 -9.86 8.44 -8.80
N LEU A 46 -9.50 8.24 -7.53
CA LEU A 46 -10.13 7.23 -6.71
C LEU A 46 -11.07 7.87 -5.68
N ASP A 47 -11.58 9.06 -6.01
CA ASP A 47 -12.49 9.77 -5.12
C ASP A 47 -12.07 9.59 -3.67
N TRP A 48 -10.77 9.70 -3.40
CA TRP A 48 -10.25 9.54 -2.05
C TRP A 48 -9.74 10.87 -1.50
N SER A 49 -9.22 10.84 -0.28
CA SER A 49 -8.69 12.05 0.35
C SER A 49 -7.17 11.99 0.44
N VAL A 50 -6.54 13.15 0.24
CA VAL A 50 -5.07 13.24 0.30
C VAL A 50 -4.53 12.44 1.47
N ARG A 51 -5.22 12.51 2.60
CA ARG A 51 -4.80 11.80 3.81
C ARG A 51 -5.03 10.30 3.66
N LYS A 52 -6.28 9.93 3.38
CA LYS A 52 -6.64 8.52 3.22
C LYS A 52 -5.66 7.82 2.29
N ILE A 53 -5.44 8.39 1.11
CA ILE A 53 -4.53 7.82 0.14
C ILE A 53 -3.15 7.57 0.76
N GLN A 54 -2.52 8.64 1.22
CA GLN A 54 -1.20 8.54 1.83
C GLN A 54 -1.09 7.27 2.67
N CYS A 55 -2.08 7.05 3.53
CA CYS A 55 -2.09 5.88 4.41
C CYS A 55 -1.90 4.61 3.59
N TRP A 56 -2.61 4.51 2.47
CA TRP A 56 -2.52 3.34 1.61
C TRP A 56 -1.08 3.09 1.17
N PHE A 57 -0.39 4.16 0.78
CA PHE A 57 1.00 4.06 0.35
C PHE A 57 1.87 3.46 1.43
N ARG A 58 1.75 3.99 2.65
CA ARG A 58 2.53 3.50 3.78
C ARG A 58 2.33 2.00 3.97
N HIS A 59 1.08 1.56 3.92
CA HIS A 59 0.77 0.15 4.08
C HIS A 59 1.43 -0.69 2.99
N ARG A 60 1.31 -0.23 1.75
CA ARG A 60 1.89 -0.94 0.61
C ARG A 60 3.28 -1.45 0.95
N ARG A 61 4.21 -0.52 1.17
CA ARG A 61 5.59 -0.88 1.50
C ARG A 61 5.63 -2.15 2.36
N ASN A 62 5.06 -2.06 3.55
CA ASN A 62 5.04 -3.20 4.47
C ASN A 62 4.51 -4.45 3.77
N GLN A 63 3.45 -4.26 2.98
CA GLN A 63 2.85 -5.38 2.25
C GLN A 63 3.83 -6.00 1.27
N ASP A 64 4.57 -5.14 0.56
CA ASP A 64 5.55 -5.60 -0.41
C ASP A 64 6.49 -6.61 0.21
N LYS A 65 6.91 -6.36 1.44
CA LYS A 65 7.81 -7.25 2.16
C LYS A 65 7.57 -8.70 1.76
N PRO A 66 8.37 -9.21 0.81
CA PRO A 66 8.25 -10.59 0.32
C PRO A 66 8.69 -11.60 1.37
N SER A 67 9.05 -11.12 2.55
CA SER A 67 9.49 -11.99 3.63
C SER A 67 8.74 -13.32 3.61
N GLY A 68 9.47 -14.39 3.34
CA GLY A 68 8.87 -15.71 3.29
C GLY A 68 9.86 -16.82 3.59
N PRO A 69 10.06 -17.10 4.88
CA PRO A 69 10.99 -18.15 5.33
C PRO A 69 10.48 -19.55 5.00
N SER A 70 10.80 -20.02 3.81
CA SER A 70 10.37 -21.35 3.38
C SER A 70 11.58 -22.27 3.18
N SER A 71 11.70 -23.28 4.03
CA SER A 71 12.80 -24.22 3.94
C SER A 71 12.74 -25.01 2.64
N GLY A 72 11.57 -25.54 2.32
CA GLY A 72 11.41 -26.31 1.10
C GLY A 72 10.46 -27.48 1.28
N GLY A 1 29.48 -15.70 13.06
CA GLY A 1 28.69 -15.57 11.84
C GLY A 1 27.25 -15.99 12.04
N SER A 2 26.49 -15.99 10.95
CA SER A 2 25.08 -16.36 11.01
C SER A 2 24.52 -16.60 9.60
N SER A 3 23.31 -17.13 9.54
CA SER A 3 22.66 -17.40 8.26
C SER A 3 21.22 -17.82 8.45
N GLY A 4 20.49 -17.99 7.35
CA GLY A 4 19.10 -18.38 7.42
C GLY A 4 18.22 -17.62 6.45
N SER A 5 17.75 -16.45 6.86
CA SER A 5 16.90 -15.63 6.01
C SER A 5 15.99 -16.50 5.15
N SER A 6 15.45 -17.55 5.75
CA SER A 6 14.56 -18.47 5.05
C SER A 6 13.32 -18.78 5.88
N GLY A 7 12.35 -19.45 5.26
CA GLY A 7 11.13 -19.80 5.96
C GLY A 7 9.89 -19.59 5.11
N GLY A 8 8.74 -20.00 5.64
CA GLY A 8 7.50 -19.85 4.90
C GLY A 8 6.28 -20.00 5.78
N ILE A 9 5.96 -21.24 6.15
CA ILE A 9 4.82 -21.52 7.00
C ILE A 9 3.70 -20.51 6.76
N LYS A 10 3.44 -20.20 5.50
CA LYS A 10 2.39 -19.25 5.13
C LYS A 10 1.46 -19.83 4.08
N ASP A 11 0.25 -20.18 4.50
CA ASP A 11 -0.74 -20.76 3.59
C ASP A 11 -2.05 -19.97 3.65
N SER A 12 -2.28 -19.14 2.65
CA SER A 12 -3.50 -18.33 2.59
C SER A 12 -3.67 -17.70 1.21
N PRO A 13 -4.93 -17.42 0.84
CA PRO A 13 -5.25 -16.80 -0.45
C PRO A 13 -4.79 -15.35 -0.53
N VAL A 14 -4.64 -14.85 -1.76
CA VAL A 14 -4.22 -13.48 -1.97
C VAL A 14 -5.34 -12.49 -1.63
N ASN A 15 -5.00 -11.48 -0.84
CA ASN A 15 -5.98 -10.48 -0.44
C ASN A 15 -5.47 -9.07 -0.76
N LYS A 16 -6.36 -8.22 -1.27
CA LYS A 16 -6.01 -6.86 -1.63
C LYS A 16 -6.38 -5.90 -0.51
N VAL A 17 -5.48 -4.97 -0.20
CA VAL A 17 -5.72 -3.99 0.85
C VAL A 17 -6.89 -3.08 0.50
N GLU A 18 -6.83 -2.47 -0.69
CA GLU A 18 -7.88 -1.58 -1.14
C GLU A 18 -7.89 -1.49 -2.67
N PRO A 19 -9.01 -0.98 -3.22
CA PRO A 19 -9.17 -0.84 -4.68
C PRO A 19 -8.29 0.26 -5.25
N ASN A 20 -7.45 0.85 -4.40
CA ASN A 20 -6.55 1.92 -4.82
C ASN A 20 -5.28 1.34 -5.41
N ASP A 21 -5.35 0.10 -5.89
CA ASP A 21 -4.20 -0.57 -6.48
C ASP A 21 -3.46 0.37 -7.42
N THR A 22 -4.20 1.15 -8.19
CA THR A 22 -3.61 2.09 -9.13
C THR A 22 -2.31 2.67 -8.59
N LEU A 23 -2.25 2.84 -7.28
CA LEU A 23 -1.06 3.39 -6.63
C LEU A 23 0.10 2.41 -6.71
N GLU A 24 -0.15 1.15 -6.34
CA GLU A 24 0.88 0.12 -6.37
C GLU A 24 1.82 0.33 -7.54
N LYS A 25 1.28 0.83 -8.65
CA LYS A 25 2.07 1.08 -9.85
C LYS A 25 2.93 2.33 -9.68
N VAL A 26 2.28 3.49 -9.62
CA VAL A 26 2.98 4.76 -9.46
C VAL A 26 4.08 4.64 -8.41
N PHE A 27 3.81 3.89 -7.34
CA PHE A 27 4.78 3.70 -6.27
C PHE A 27 6.13 3.28 -6.82
N VAL A 28 6.11 2.31 -7.74
CA VAL A 28 7.34 1.82 -8.35
C VAL A 28 7.47 2.28 -9.79
N SER A 29 6.54 3.16 -10.20
CA SER A 29 6.55 3.68 -11.56
C SER A 29 7.13 5.09 -11.60
N VAL A 30 6.67 5.95 -10.70
CA VAL A 30 7.15 7.31 -10.63
C VAL A 30 7.99 7.54 -9.38
N THR A 31 7.52 7.03 -8.26
CA THR A 31 8.24 7.17 -7.00
C THR A 31 7.55 6.39 -5.88
N LYS A 32 8.36 5.82 -4.98
CA LYS A 32 7.82 5.05 -3.86
C LYS A 32 7.25 5.97 -2.78
N TYR A 33 7.81 7.16 -2.68
CA TYR A 33 7.34 8.14 -1.69
C TYR A 33 6.82 9.40 -2.37
N PRO A 34 5.57 9.34 -2.84
CA PRO A 34 4.92 10.48 -3.51
C PRO A 34 4.62 11.61 -2.56
N ASP A 35 4.41 12.80 -3.12
CA ASP A 35 4.10 13.99 -2.31
C ASP A 35 2.69 14.49 -2.60
N GLU A 36 2.14 15.24 -1.66
CA GLU A 36 0.79 15.79 -1.81
C GLU A 36 0.53 16.21 -3.25
N LYS A 37 1.53 16.80 -3.88
CA LYS A 37 1.42 17.25 -5.27
C LYS A 37 0.67 16.22 -6.11
N ARG A 38 1.08 14.95 -5.99
CA ARG A 38 0.45 13.87 -6.74
C ARG A 38 -0.91 13.52 -6.14
N LEU A 39 -0.96 13.42 -4.82
CA LEU A 39 -2.20 13.08 -4.12
C LEU A 39 -3.36 13.90 -4.67
N LYS A 40 -3.09 15.14 -5.02
CA LYS A 40 -4.11 16.04 -5.56
C LYS A 40 -4.90 15.34 -6.66
N GLY A 41 -4.20 14.63 -7.53
CA GLY A 41 -4.86 13.94 -8.62
C GLY A 41 -5.61 12.71 -8.15
N LEU A 42 -4.89 11.74 -7.62
CA LEU A 42 -5.50 10.50 -7.14
C LEU A 42 -6.75 10.80 -6.32
N SER A 43 -6.68 11.84 -5.50
CA SER A 43 -7.80 12.23 -4.65
C SER A 43 -9.11 12.18 -5.44
N LYS A 44 -9.09 12.69 -6.66
CA LYS A 44 -10.26 12.70 -7.52
C LYS A 44 -10.42 11.38 -8.24
N GLN A 45 -9.32 10.88 -8.82
CA GLN A 45 -9.33 9.62 -9.54
C GLN A 45 -10.04 8.54 -8.73
N LEU A 46 -9.58 8.30 -7.52
CA LEU A 46 -10.17 7.30 -6.64
C LEU A 46 -11.11 7.94 -5.63
N ASP A 47 -11.60 9.13 -5.96
CA ASP A 47 -12.50 9.85 -5.07
C ASP A 47 -12.10 9.66 -3.61
N TRP A 48 -10.80 9.76 -3.34
CA TRP A 48 -10.29 9.61 -1.99
C TRP A 48 -9.75 10.93 -1.45
N SER A 49 -9.21 10.89 -0.23
CA SER A 49 -8.68 12.09 0.39
C SER A 49 -7.16 12.02 0.48
N VAL A 50 -6.50 13.16 0.31
CA VAL A 50 -5.04 13.23 0.38
C VAL A 50 -4.51 12.51 1.61
N ARG A 51 -5.31 12.53 2.68
CA ARG A 51 -4.91 11.89 3.93
C ARG A 51 -5.19 10.38 3.87
N LYS A 52 -6.37 10.02 3.38
CA LYS A 52 -6.75 8.62 3.27
C LYS A 52 -5.78 7.85 2.40
N ILE A 53 -5.48 8.40 1.22
CA ILE A 53 -4.56 7.77 0.29
C ILE A 53 -3.19 7.54 0.94
N GLN A 54 -2.62 8.61 1.48
CA GLN A 54 -1.31 8.52 2.13
C GLN A 54 -1.19 7.23 2.94
N CYS A 55 -2.24 6.90 3.68
CA CYS A 55 -2.25 5.70 4.49
C CYS A 55 -2.00 4.46 3.63
N TRP A 56 -2.64 4.42 2.47
CA TRP A 56 -2.49 3.29 1.56
C TRP A 56 -1.02 3.10 1.17
N PHE A 57 -0.38 4.18 0.73
CA PHE A 57 1.01 4.13 0.32
C PHE A 57 1.88 3.57 1.43
N ARG A 58 1.73 4.12 2.64
CA ARG A 58 2.50 3.67 3.79
C ARG A 58 2.33 2.17 4.01
N HIS A 59 1.08 1.71 3.96
CA HIS A 59 0.78 0.30 4.16
C HIS A 59 1.41 -0.55 3.08
N ARG A 60 1.20 -0.17 1.82
CA ARG A 60 1.76 -0.90 0.69
C ARG A 60 3.19 -1.35 0.98
N ARG A 61 4.06 -0.39 1.25
CA ARG A 61 5.46 -0.68 1.56
C ARG A 61 5.58 -1.90 2.46
N ASN A 62 4.88 -1.87 3.59
CA ASN A 62 4.90 -2.97 4.54
C ASN A 62 4.51 -4.29 3.87
N GLN A 63 3.45 -4.24 3.07
CA GLN A 63 2.98 -5.42 2.36
C GLN A 63 4.02 -5.92 1.38
N ASP A 64 4.70 -5.00 0.72
CA ASP A 64 5.74 -5.34 -0.25
C ASP A 64 6.87 -6.12 0.41
N LYS A 65 7.25 -5.68 1.61
CA LYS A 65 8.32 -6.33 2.35
C LYS A 65 7.82 -7.62 3.01
N PRO A 66 8.71 -8.63 3.05
CA PRO A 66 8.39 -9.92 3.65
C PRO A 66 8.24 -9.85 5.17
N SER A 67 8.95 -8.90 5.77
CA SER A 67 8.91 -8.72 7.22
C SER A 67 7.59 -8.07 7.65
N GLY A 68 6.90 -8.71 8.59
CA GLY A 68 5.63 -8.18 9.07
C GLY A 68 5.05 -9.01 10.18
N PRO A 69 5.53 -8.79 11.42
CA PRO A 69 5.05 -9.52 12.60
C PRO A 69 3.63 -9.14 12.97
N SER A 70 2.69 -10.03 12.69
CA SER A 70 1.28 -9.80 12.99
C SER A 70 0.92 -8.33 12.77
N SER A 71 1.44 -7.76 11.69
CA SER A 71 1.18 -6.37 11.37
C SER A 71 0.37 -6.25 10.07
N GLY A 72 0.85 -6.91 9.02
CA GLY A 72 0.17 -6.88 7.74
C GLY A 72 0.68 -7.93 6.78
N GLY A 1 -6.95 -6.25 6.01
CA GLY A 1 -7.58 -5.35 6.96
C GLY A 1 -8.46 -6.08 7.96
N SER A 2 -9.27 -7.02 7.46
CA SER A 2 -10.16 -7.78 8.32
C SER A 2 -9.37 -8.70 9.25
N SER A 3 -9.75 -8.72 10.52
CA SER A 3 -9.07 -9.55 11.51
C SER A 3 -8.72 -10.92 10.92
N GLY A 4 -7.51 -11.38 11.18
CA GLY A 4 -7.07 -12.67 10.68
C GLY A 4 -6.98 -12.70 9.16
N SER A 5 -7.70 -13.63 8.54
CA SER A 5 -7.68 -13.76 7.09
C SER A 5 -6.28 -14.10 6.58
N SER A 6 -5.61 -15.00 7.28
CA SER A 6 -4.26 -15.40 6.91
C SER A 6 -4.22 -16.89 6.53
N GLY A 7 -3.54 -17.18 5.43
CA GLY A 7 -3.44 -18.56 4.98
C GLY A 7 -2.01 -19.07 4.98
N GLY A 8 -1.76 -20.14 4.24
CA GLY A 8 -0.43 -20.71 4.18
C GLY A 8 -0.11 -21.30 2.82
N ILE A 9 1.16 -21.24 2.44
CA ILE A 9 1.60 -21.77 1.16
C ILE A 9 0.91 -21.05 0.00
N LYS A 10 0.95 -19.72 0.03
CA LYS A 10 0.33 -18.92 -1.02
C LYS A 10 1.38 -18.20 -1.85
N ASP A 11 1.39 -18.48 -3.16
CA ASP A 11 2.35 -17.85 -4.07
C ASP A 11 1.92 -16.43 -4.41
N SER A 12 0.65 -16.26 -4.74
CA SER A 12 0.12 -14.96 -5.10
C SER A 12 -0.79 -14.41 -4.00
N PRO A 13 -0.80 -13.08 -3.83
CA PRO A 13 -1.62 -12.42 -2.81
C PRO A 13 -3.11 -12.47 -3.14
N VAL A 14 -3.84 -13.31 -2.41
CA VAL A 14 -5.28 -13.45 -2.64
C VAL A 14 -6.04 -12.25 -2.10
N ASN A 15 -5.84 -11.95 -0.82
CA ASN A 15 -6.50 -10.82 -0.18
C ASN A 15 -5.97 -9.50 -0.71
N LYS A 16 -6.81 -8.48 -0.69
CA LYS A 16 -6.42 -7.15 -1.17
C LYS A 16 -6.61 -6.10 -0.08
N VAL A 17 -5.76 -5.07 -0.10
CA VAL A 17 -5.85 -3.99 0.87
C VAL A 17 -6.97 -3.02 0.54
N GLU A 18 -6.98 -2.54 -0.71
CA GLU A 18 -8.00 -1.60 -1.16
C GLU A 18 -8.01 -1.52 -2.68
N PRO A 19 -9.13 -1.01 -3.23
CA PRO A 19 -9.30 -0.85 -4.68
C PRO A 19 -8.39 0.24 -5.26
N ASN A 20 -7.56 0.82 -4.40
CA ASN A 20 -6.64 1.87 -4.84
C ASN A 20 -5.38 1.27 -5.43
N ASP A 21 -5.47 0.04 -5.91
CA ASP A 21 -4.33 -0.64 -6.51
C ASP A 21 -3.54 0.31 -7.42
N THR A 22 -4.27 1.13 -8.17
CA THR A 22 -3.63 2.08 -9.09
C THR A 22 -2.33 2.62 -8.50
N LEU A 23 -2.31 2.80 -7.18
CA LEU A 23 -1.13 3.32 -6.50
C LEU A 23 0.02 2.32 -6.60
N GLU A 24 -0.27 1.05 -6.32
CA GLU A 24 0.75 0.01 -6.37
C GLU A 24 1.72 0.25 -7.53
N LYS A 25 1.18 0.74 -8.65
CA LYS A 25 2.00 1.01 -9.82
C LYS A 25 2.82 2.27 -9.63
N VAL A 26 2.15 3.41 -9.56
CA VAL A 26 2.82 4.69 -9.37
C VAL A 26 3.93 4.59 -8.33
N PHE A 27 3.67 3.80 -7.29
CA PHE A 27 4.65 3.61 -6.22
C PHE A 27 6.01 3.22 -6.78
N VAL A 28 6.01 2.27 -7.71
CA VAL A 28 7.26 1.82 -8.33
C VAL A 28 7.36 2.32 -9.77
N SER A 29 6.43 3.18 -10.16
CA SER A 29 6.42 3.74 -11.51
C SER A 29 6.96 5.17 -11.51
N VAL A 30 6.45 5.99 -10.59
CA VAL A 30 6.88 7.38 -10.50
C VAL A 30 7.69 7.61 -9.21
N THR A 31 7.15 7.12 -8.10
CA THR A 31 7.82 7.27 -6.81
C THR A 31 7.08 6.51 -5.72
N LYS A 32 7.83 5.96 -4.78
CA LYS A 32 7.25 5.21 -3.66
C LYS A 32 6.62 6.15 -2.64
N TYR A 33 7.27 7.29 -2.41
CA TYR A 33 6.78 8.27 -1.46
C TYR A 33 6.40 9.57 -2.16
N PRO A 34 5.19 9.59 -2.73
CA PRO A 34 4.67 10.77 -3.44
C PRO A 34 4.36 11.92 -2.50
N ASP A 35 4.17 13.12 -3.07
CA ASP A 35 3.87 14.30 -2.28
C ASP A 35 2.49 14.85 -2.64
N GLU A 36 1.97 15.73 -1.79
CA GLU A 36 0.66 16.33 -2.00
C GLU A 36 0.44 16.61 -3.49
N LYS A 37 1.37 17.33 -4.11
CA LYS A 37 1.27 17.68 -5.51
C LYS A 37 0.64 16.53 -6.30
N ARG A 38 1.19 15.33 -6.15
CA ARG A 38 0.68 14.16 -6.85
C ARG A 38 -0.66 13.72 -6.26
N LEU A 39 -0.71 13.58 -4.95
CA LEU A 39 -1.93 13.16 -4.26
C LEU A 39 -3.14 13.93 -4.81
N LYS A 40 -2.95 15.22 -5.08
CA LYS A 40 -4.02 16.05 -5.59
C LYS A 40 -4.79 15.32 -6.69
N GLY A 41 -4.07 14.71 -7.61
CA GLY A 41 -4.71 13.98 -8.70
C GLY A 41 -5.47 12.76 -8.21
N LEU A 42 -4.75 11.76 -7.71
CA LEU A 42 -5.36 10.54 -7.22
C LEU A 42 -6.60 10.85 -6.39
N SER A 43 -6.52 11.92 -5.59
CA SER A 43 -7.65 12.32 -4.75
C SER A 43 -8.96 12.23 -5.51
N LYS A 44 -8.94 12.69 -6.77
CA LYS A 44 -10.14 12.65 -7.60
C LYS A 44 -10.27 11.31 -8.30
N GLN A 45 -9.18 10.84 -8.89
CA GLN A 45 -9.18 9.56 -9.59
C GLN A 45 -9.92 8.50 -8.79
N LEU A 46 -9.48 8.29 -7.56
CA LEU A 46 -10.09 7.30 -6.69
C LEU A 46 -11.00 7.96 -5.66
N ASP A 47 -11.47 9.16 -5.98
CA ASP A 47 -12.35 9.91 -5.08
C ASP A 47 -11.94 9.71 -3.63
N TRP A 48 -10.64 9.79 -3.36
CA TRP A 48 -10.12 9.61 -2.02
C TRP A 48 -9.58 10.93 -1.47
N SER A 49 -9.02 10.88 -0.26
CA SER A 49 -8.47 12.07 0.37
C SER A 49 -6.94 11.98 0.47
N VAL A 50 -6.29 13.12 0.30
CA VAL A 50 -4.83 13.18 0.36
C VAL A 50 -4.30 12.45 1.59
N ARG A 51 -5.08 12.46 2.66
CA ARG A 51 -4.70 11.80 3.90
C ARG A 51 -4.98 10.31 3.83
N LYS A 52 -6.18 9.96 3.35
CA LYS A 52 -6.57 8.56 3.22
C LYS A 52 -5.60 7.80 2.33
N ILE A 53 -5.36 8.32 1.13
CA ILE A 53 -4.44 7.69 0.19
C ILE A 53 -3.10 7.40 0.83
N GLN A 54 -2.46 8.44 1.35
CA GLN A 54 -1.16 8.30 2.00
C GLN A 54 -1.09 7.01 2.81
N CYS A 55 -2.09 6.80 3.66
CA CYS A 55 -2.14 5.59 4.48
C CYS A 55 -1.93 4.34 3.63
N TRP A 56 -2.61 4.28 2.49
CA TRP A 56 -2.51 3.14 1.60
C TRP A 56 -1.05 2.87 1.23
N PHE A 57 -0.37 3.91 0.75
CA PHE A 57 1.03 3.78 0.36
C PHE A 57 1.86 3.16 1.49
N ARG A 58 1.83 3.80 2.65
CA ARG A 58 2.58 3.31 3.80
C ARG A 58 2.41 1.80 3.97
N HIS A 59 1.15 1.36 4.06
CA HIS A 59 0.86 -0.06 4.21
C HIS A 59 1.61 -0.89 3.18
N ARG A 60 1.62 -0.42 1.94
CA ARG A 60 2.31 -1.12 0.86
C ARG A 60 3.74 -1.45 1.26
N ARG A 61 4.50 -0.44 1.65
CA ARG A 61 5.88 -0.62 2.05
C ARG A 61 6.04 -1.89 2.89
N ASN A 62 5.12 -2.10 3.82
CA ASN A 62 5.16 -3.26 4.69
C ASN A 62 4.69 -4.51 3.94
N GLN A 63 3.53 -4.42 3.32
CA GLN A 63 2.97 -5.55 2.56
C GLN A 63 4.02 -6.15 1.64
N ASP A 64 4.85 -5.29 1.05
CA ASP A 64 5.90 -5.73 0.15
C ASP A 64 6.83 -6.73 0.83
N LYS A 65 7.19 -6.44 2.07
CA LYS A 65 8.08 -7.31 2.84
C LYS A 65 7.27 -8.26 3.72
N PRO A 66 7.54 -9.56 3.59
CA PRO A 66 6.85 -10.60 4.37
C PRO A 66 7.25 -10.57 5.84
N SER A 67 6.25 -10.65 6.72
CA SER A 67 6.49 -10.62 8.16
C SER A 67 7.02 -11.97 8.63
N GLY A 68 8.33 -12.17 8.52
CA GLY A 68 8.94 -13.42 8.94
C GLY A 68 10.39 -13.25 9.34
N PRO A 69 10.83 -14.04 10.33
CA PRO A 69 12.20 -13.99 10.83
C PRO A 69 13.21 -14.54 9.82
N SER A 70 13.89 -13.65 9.12
CA SER A 70 14.87 -14.04 8.12
C SER A 70 15.93 -12.96 7.94
N SER A 71 16.95 -13.27 7.16
CA SER A 71 18.04 -12.33 6.90
C SER A 71 17.86 -11.63 5.56
N GLY A 72 17.53 -10.35 5.60
CA GLY A 72 17.34 -9.59 4.37
C GLY A 72 18.65 -9.16 3.74
N GLY A 1 -11.59 -4.49 2.08
CA GLY A 1 -12.93 -4.83 2.51
C GLY A 1 -13.32 -4.12 3.79
N SER A 2 -14.62 -4.10 4.09
CA SER A 2 -15.12 -3.45 5.29
C SER A 2 -14.24 -3.77 6.49
N SER A 3 -14.33 -2.94 7.52
CA SER A 3 -13.54 -3.12 8.74
C SER A 3 -13.44 -4.60 9.09
N GLY A 4 -12.28 -5.01 9.60
CA GLY A 4 -12.07 -6.39 9.97
C GLY A 4 -11.46 -7.21 8.85
N SER A 5 -10.29 -7.80 9.12
CA SER A 5 -9.60 -8.61 8.13
C SER A 5 -10.56 -9.58 7.44
N SER A 6 -10.18 -10.05 6.27
CA SER A 6 -11.00 -10.98 5.51
C SER A 6 -11.22 -12.28 6.29
N GLY A 7 -12.41 -12.42 6.87
CA GLY A 7 -12.72 -13.61 7.64
C GLY A 7 -12.83 -14.85 6.77
N GLY A 8 -12.91 -16.01 7.41
CA GLY A 8 -13.02 -17.26 6.66
C GLY A 8 -11.69 -17.97 6.55
N ILE A 9 -10.99 -17.75 5.44
CA ILE A 9 -9.71 -18.38 5.20
C ILE A 9 -8.55 -17.45 5.56
N LYS A 10 -7.81 -17.81 6.60
CA LYS A 10 -6.69 -17.00 7.05
C LYS A 10 -5.75 -16.67 5.88
N ASP A 11 -5.44 -15.39 5.71
CA ASP A 11 -4.57 -14.95 4.63
C ASP A 11 -5.04 -15.50 3.28
N SER A 12 -6.36 -15.59 3.12
CA SER A 12 -6.93 -16.10 1.88
C SER A 12 -6.11 -15.67 0.68
N PRO A 13 -6.09 -16.51 -0.37
CA PRO A 13 -5.34 -16.25 -1.59
C PRO A 13 -5.94 -15.10 -2.40
N VAL A 14 -5.09 -14.33 -3.08
CA VAL A 14 -5.54 -13.22 -3.89
C VAL A 14 -6.11 -12.09 -3.01
N ASN A 15 -5.38 -11.77 -1.95
CA ASN A 15 -5.81 -10.72 -1.02
C ASN A 15 -5.76 -9.35 -1.70
N LYS A 16 -6.32 -8.35 -1.05
CA LYS A 16 -6.34 -6.98 -1.59
C LYS A 16 -6.64 -5.97 -0.48
N VAL A 17 -5.68 -5.08 -0.24
CA VAL A 17 -5.84 -4.05 0.78
C VAL A 17 -6.99 -3.11 0.43
N GLU A 18 -6.96 -2.58 -0.78
CA GLU A 18 -8.00 -1.66 -1.24
C GLU A 18 -8.00 -1.55 -2.76
N PRO A 19 -9.11 -1.05 -3.31
CA PRO A 19 -9.26 -0.88 -4.77
C PRO A 19 -8.37 0.23 -5.32
N ASN A 20 -7.56 0.81 -4.44
CA ASN A 20 -6.66 1.88 -4.84
C ASN A 20 -5.37 1.33 -5.44
N ASP A 21 -5.44 0.10 -5.94
CA ASP A 21 -4.29 -0.55 -6.55
C ASP A 21 -3.54 0.42 -7.47
N THR A 22 -4.29 1.26 -8.16
CA THR A 22 -3.70 2.23 -9.07
C THR A 22 -2.42 2.81 -8.50
N LEU A 23 -2.31 2.82 -7.18
CA LEU A 23 -1.12 3.34 -6.50
C LEU A 23 0.04 2.37 -6.61
N GLU A 24 -0.23 1.10 -6.29
CA GLU A 24 0.80 0.07 -6.35
C GLU A 24 1.77 0.33 -7.51
N LYS A 25 1.23 0.84 -8.61
CA LYS A 25 2.04 1.14 -9.79
C LYS A 25 2.85 2.41 -9.58
N VAL A 26 2.16 3.54 -9.51
CA VAL A 26 2.82 4.83 -9.31
C VAL A 26 3.89 4.74 -8.24
N PHE A 27 3.63 3.94 -7.21
CA PHE A 27 4.58 3.77 -6.12
C PHE A 27 5.95 3.36 -6.65
N VAL A 28 5.97 2.38 -7.54
CA VAL A 28 7.21 1.90 -8.14
C VAL A 28 7.36 2.37 -9.57
N SER A 29 6.43 3.21 -10.01
CA SER A 29 6.46 3.74 -11.38
C SER A 29 7.01 5.16 -11.40
N VAL A 30 6.50 6.00 -10.49
CA VAL A 30 6.94 7.39 -10.41
C VAL A 30 7.83 7.60 -9.20
N THR A 31 7.41 7.08 -8.05
CA THR A 31 8.16 7.21 -6.81
C THR A 31 7.53 6.41 -5.69
N LYS A 32 8.35 6.01 -4.72
CA LYS A 32 7.87 5.23 -3.58
C LYS A 32 7.04 6.10 -2.63
N TYR A 33 7.45 7.36 -2.49
CA TYR A 33 6.75 8.29 -1.62
C TYR A 33 6.46 9.60 -2.34
N PRO A 34 5.27 9.68 -2.95
CA PRO A 34 4.83 10.87 -3.68
C PRO A 34 4.56 12.06 -2.76
N ASP A 35 4.28 13.22 -3.36
CA ASP A 35 3.99 14.43 -2.59
C ASP A 35 2.59 14.94 -2.91
N GLU A 36 2.13 15.89 -2.10
CA GLU A 36 0.81 16.48 -2.28
C GLU A 36 0.47 16.61 -3.76
N LYS A 37 1.34 17.28 -4.51
CA LYS A 37 1.14 17.47 -5.94
C LYS A 37 0.48 16.25 -6.56
N ARG A 38 1.11 15.09 -6.40
CA ARG A 38 0.58 13.84 -6.95
C ARG A 38 -0.73 13.47 -6.26
N LEU A 39 -0.73 13.52 -4.94
CA LEU A 39 -1.92 13.18 -4.16
C LEU A 39 -3.15 13.88 -4.71
N LYS A 40 -3.00 15.16 -5.06
CA LYS A 40 -4.10 15.94 -5.60
C LYS A 40 -4.87 15.14 -6.65
N GLY A 41 -4.13 14.53 -7.57
CA GLY A 41 -4.76 13.74 -8.61
C GLY A 41 -5.47 12.52 -8.07
N LEU A 42 -4.71 11.61 -7.47
CA LEU A 42 -5.27 10.39 -6.90
C LEU A 42 -6.53 10.69 -6.08
N SER A 43 -6.50 11.81 -5.35
CA SER A 43 -7.62 12.21 -4.52
C SER A 43 -8.91 12.25 -5.34
N LYS A 44 -8.79 12.66 -6.60
CA LYS A 44 -9.95 12.75 -7.49
C LYS A 44 -10.16 11.42 -8.22
N GLN A 45 -9.09 10.90 -8.80
CA GLN A 45 -9.16 9.63 -9.53
C GLN A 45 -9.94 8.58 -8.73
N LEU A 46 -9.46 8.29 -7.53
CA LEU A 46 -10.09 7.30 -6.67
C LEU A 46 -11.02 7.98 -5.65
N ASP A 47 -11.43 9.21 -5.98
CA ASP A 47 -12.32 9.97 -5.10
C ASP A 47 -11.95 9.74 -3.63
N TRP A 48 -10.67 9.81 -3.34
CA TRP A 48 -10.18 9.62 -1.98
C TRP A 48 -9.63 10.93 -1.41
N SER A 49 -9.14 10.86 -0.17
CA SER A 49 -8.58 12.04 0.49
C SER A 49 -7.06 11.96 0.57
N VAL A 50 -6.41 13.09 0.34
CA VAL A 50 -4.95 13.15 0.37
C VAL A 50 -4.40 12.34 1.54
N ARG A 51 -5.07 12.41 2.68
CA ARG A 51 -4.65 11.68 3.87
C ARG A 51 -4.96 10.19 3.73
N LYS A 52 -6.24 9.87 3.48
CA LYS A 52 -6.66 8.49 3.33
C LYS A 52 -5.72 7.73 2.40
N ILE A 53 -5.42 8.33 1.25
CA ILE A 53 -4.53 7.71 0.28
C ILE A 53 -3.17 7.41 0.89
N GLN A 54 -2.53 8.44 1.42
CA GLN A 54 -1.22 8.28 2.05
C GLN A 54 -1.14 6.98 2.83
N CYS A 55 -2.14 6.73 3.66
CA CYS A 55 -2.19 5.52 4.46
C CYS A 55 -1.97 4.28 3.60
N TRP A 56 -2.66 4.23 2.47
CA TRP A 56 -2.55 3.10 1.55
C TRP A 56 -1.10 2.86 1.16
N PHE A 57 -0.39 3.94 0.84
CA PHE A 57 1.01 3.85 0.45
C PHE A 57 1.85 3.23 1.57
N ARG A 58 1.67 3.75 2.78
CA ARG A 58 2.42 3.25 3.94
C ARG A 58 2.21 1.75 4.11
N HIS A 59 0.98 1.30 3.87
CA HIS A 59 0.65 -0.12 4.01
C HIS A 59 1.28 -0.93 2.88
N ARG A 60 1.33 -0.34 1.68
CA ARG A 60 1.90 -1.00 0.52
C ARG A 60 3.31 -1.51 0.83
N ARG A 61 4.18 -0.61 1.26
CA ARG A 61 5.55 -0.96 1.57
C ARG A 61 5.61 -2.30 2.30
N ASN A 62 4.76 -2.47 3.29
CA ASN A 62 4.71 -3.71 4.06
C ASN A 62 4.39 -4.90 3.17
N GLN A 63 3.36 -4.74 2.34
CA GLN A 63 2.95 -5.81 1.42
C GLN A 63 4.13 -6.30 0.58
N ASP A 64 5.01 -5.37 0.23
CA ASP A 64 6.18 -5.71 -0.58
C ASP A 64 6.73 -7.08 -0.19
N LYS A 65 6.73 -7.38 1.11
CA LYS A 65 7.21 -8.65 1.59
C LYS A 65 6.13 -9.39 2.38
N PRO A 66 5.92 -10.67 2.04
CA PRO A 66 4.91 -11.51 2.71
C PRO A 66 5.29 -11.85 4.14
N SER A 67 6.50 -12.34 4.32
CA SER A 67 6.99 -12.70 5.66
C SER A 67 6.77 -11.57 6.64
N GLY A 68 7.01 -11.85 7.92
CA GLY A 68 6.84 -10.84 8.95
C GLY A 68 5.62 -11.09 9.81
N PRO A 69 5.74 -12.05 10.75
CA PRO A 69 4.64 -12.41 11.65
C PRO A 69 4.34 -11.30 12.67
N SER A 70 5.16 -10.25 12.65
CA SER A 70 4.97 -9.14 13.56
C SER A 70 3.59 -8.51 13.40
N SER A 71 2.89 -8.35 14.52
CA SER A 71 1.56 -7.77 14.51
C SER A 71 1.62 -6.25 14.51
N GLY A 72 0.58 -5.61 13.99
CA GLY A 72 0.54 -4.16 13.94
C GLY A 72 0.75 -3.53 15.30
N GLY A 1 3.89 -23.14 10.43
CA GLY A 1 3.06 -23.36 9.27
C GLY A 1 3.81 -24.09 8.16
N SER A 2 4.27 -25.29 8.45
CA SER A 2 5.00 -26.09 7.48
C SER A 2 4.09 -26.52 6.34
N SER A 3 4.65 -26.59 5.13
CA SER A 3 3.89 -26.99 3.95
C SER A 3 4.56 -28.16 3.24
N GLY A 4 3.75 -28.94 2.53
CA GLY A 4 4.28 -30.08 1.81
C GLY A 4 3.50 -30.38 0.55
N SER A 5 2.25 -30.81 0.72
CA SER A 5 1.39 -31.14 -0.42
C SER A 5 0.27 -30.12 -0.56
N SER A 6 0.24 -29.44 -1.71
CA SER A 6 -0.79 -28.43 -1.97
C SER A 6 -2.08 -29.10 -2.45
N GLY A 7 -1.95 -30.00 -3.41
CA GLY A 7 -3.10 -30.69 -3.95
C GLY A 7 -4.25 -29.74 -4.26
N GLY A 8 -4.16 -29.05 -5.39
CA GLY A 8 -5.20 -28.12 -5.78
C GLY A 8 -4.66 -26.92 -6.54
N ILE A 9 -5.13 -25.74 -6.17
CA ILE A 9 -4.68 -24.50 -6.83
C ILE A 9 -3.44 -23.95 -6.14
N LYS A 10 -2.40 -23.69 -6.93
CA LYS A 10 -1.15 -23.15 -6.40
C LYS A 10 -1.41 -21.85 -5.64
N ASP A 11 -0.55 -21.55 -4.68
CA ASP A 11 -0.68 -20.34 -3.88
C ASP A 11 -0.68 -19.11 -4.77
N SER A 12 -1.33 -18.04 -4.29
CA SER A 12 -1.40 -16.79 -5.04
C SER A 12 -2.01 -15.68 -4.19
N PRO A 13 -1.62 -14.44 -4.49
CA PRO A 13 -2.10 -13.26 -3.77
C PRO A 13 -3.57 -12.97 -4.05
N VAL A 14 -4.42 -13.22 -3.05
CA VAL A 14 -5.85 -12.99 -3.18
C VAL A 14 -6.30 -11.81 -2.31
N ASN A 15 -5.75 -11.74 -1.11
CA ASN A 15 -6.10 -10.66 -0.18
C ASN A 15 -5.46 -9.34 -0.61
N LYS A 16 -6.30 -8.34 -0.86
CA LYS A 16 -5.82 -7.04 -1.28
C LYS A 16 -6.11 -5.98 -0.21
N VAL A 17 -5.16 -5.08 0.00
CA VAL A 17 -5.32 -4.02 0.99
C VAL A 17 -6.50 -3.13 0.66
N GLU A 18 -6.54 -2.63 -0.57
CA GLU A 18 -7.62 -1.76 -1.01
C GLU A 18 -7.69 -1.71 -2.54
N PRO A 19 -8.85 -1.27 -3.06
CA PRO A 19 -9.07 -1.16 -4.50
C PRO A 19 -8.24 -0.06 -5.14
N ASN A 20 -7.39 0.58 -4.33
CA ASN A 20 -6.53 1.65 -4.82
C ASN A 20 -5.27 1.10 -5.48
N ASP A 21 -5.37 -0.12 -6.01
CA ASP A 21 -4.23 -0.76 -6.66
C ASP A 21 -3.54 0.21 -7.61
N THR A 22 -4.32 1.00 -8.33
CA THR A 22 -3.77 1.96 -9.28
C THR A 22 -2.48 2.58 -8.74
N LEU A 23 -2.43 2.78 -7.43
CA LEU A 23 -1.25 3.35 -6.79
C LEU A 23 -0.04 2.42 -6.91
N GLU A 24 -0.26 1.15 -6.59
CA GLU A 24 0.81 0.16 -6.66
C GLU A 24 1.76 0.47 -7.83
N LYS A 25 1.19 0.91 -8.94
CA LYS A 25 1.98 1.24 -10.13
C LYS A 25 2.84 2.47 -9.88
N VAL A 26 2.18 3.63 -9.74
CA VAL A 26 2.89 4.88 -9.51
C VAL A 26 3.97 4.70 -8.45
N PHE A 27 3.69 3.87 -7.46
CA PHE A 27 4.65 3.63 -6.38
C PHE A 27 6.00 3.22 -6.94
N VAL A 28 6.00 2.28 -7.89
CA VAL A 28 7.22 1.80 -8.51
C VAL A 28 7.36 2.34 -9.94
N SER A 29 6.46 3.24 -10.31
CA SER A 29 6.48 3.82 -11.65
C SER A 29 7.07 5.23 -11.61
N VAL A 30 6.59 6.04 -10.69
CA VAL A 30 7.08 7.41 -10.54
C VAL A 30 7.90 7.57 -9.27
N THR A 31 7.37 7.06 -8.16
CA THR A 31 8.06 7.15 -6.88
C THR A 31 7.30 6.37 -5.80
N LYS A 32 8.06 5.81 -4.86
CA LYS A 32 7.46 5.04 -3.77
C LYS A 32 6.86 5.98 -2.72
N TYR A 33 7.54 7.09 -2.46
CA TYR A 33 7.08 8.06 -1.47
C TYR A 33 6.60 9.34 -2.15
N PRO A 34 5.34 9.34 -2.59
CA PRO A 34 4.74 10.50 -3.27
C PRO A 34 4.51 11.66 -2.32
N ASP A 35 4.10 12.80 -2.86
CA ASP A 35 3.84 13.99 -2.06
C ASP A 35 2.48 14.59 -2.40
N GLU A 36 2.01 15.49 -1.55
CA GLU A 36 0.72 16.13 -1.76
C GLU A 36 0.46 16.39 -3.25
N LYS A 37 1.49 16.91 -3.93
CA LYS A 37 1.39 17.19 -5.35
C LYS A 37 0.66 16.07 -6.09
N ARG A 38 1.15 14.85 -5.93
CA ARG A 38 0.55 13.69 -6.58
C ARG A 38 -0.81 13.37 -5.97
N LEU A 39 -0.85 13.32 -4.64
CA LEU A 39 -2.09 13.01 -3.92
C LEU A 39 -3.26 13.78 -4.53
N LYS A 40 -3.02 15.03 -4.91
CA LYS A 40 -4.05 15.86 -5.50
C LYS A 40 -4.77 15.14 -6.63
N GLY A 41 -3.99 14.52 -7.52
CA GLY A 41 -4.57 13.79 -8.63
C GLY A 41 -5.41 12.62 -8.17
N LEU A 42 -4.77 11.61 -7.59
CA LEU A 42 -5.46 10.42 -7.11
C LEU A 42 -6.72 10.81 -6.33
N SER A 43 -6.59 11.81 -5.46
CA SER A 43 -7.71 12.28 -4.66
C SER A 43 -9.00 12.28 -5.47
N LYS A 44 -8.90 12.69 -6.73
CA LYS A 44 -10.05 12.74 -7.62
C LYS A 44 -10.24 11.40 -8.33
N GLN A 45 -9.14 10.79 -8.75
CA GLN A 45 -9.20 9.51 -9.44
C GLN A 45 -9.99 8.49 -8.63
N LEU A 46 -9.53 8.21 -7.42
CA LEU A 46 -10.20 7.25 -6.54
C LEU A 46 -11.10 7.97 -5.53
N ASP A 47 -11.60 9.14 -5.92
CA ASP A 47 -12.46 9.91 -5.05
C ASP A 47 -12.05 9.76 -3.59
N TRP A 48 -10.74 9.76 -3.34
CA TRP A 48 -10.22 9.63 -1.99
C TRP A 48 -9.68 10.95 -1.47
N SER A 49 -9.20 10.95 -0.23
CA SER A 49 -8.66 12.16 0.38
C SER A 49 -7.13 12.12 0.40
N VAL A 50 -6.51 13.24 0.06
CA VAL A 50 -5.06 13.34 0.05
C VAL A 50 -4.45 12.65 1.26
N ARG A 51 -5.16 12.70 2.37
CA ARG A 51 -4.69 12.08 3.62
C ARG A 51 -5.05 10.60 3.66
N LYS A 52 -6.28 10.28 3.27
CA LYS A 52 -6.75 8.91 3.27
C LYS A 52 -5.87 8.04 2.37
N ILE A 53 -5.45 8.60 1.24
CA ILE A 53 -4.59 7.87 0.31
C ILE A 53 -3.23 7.58 0.91
N GLN A 54 -2.54 8.63 1.35
CA GLN A 54 -1.22 8.48 1.96
C GLN A 54 -1.13 7.18 2.75
N CYS A 55 -2.11 6.96 3.62
CA CYS A 55 -2.14 5.75 4.45
C CYS A 55 -1.87 4.51 3.60
N TRP A 56 -2.57 4.40 2.48
CA TRP A 56 -2.39 3.26 1.59
C TRP A 56 -0.92 3.02 1.28
N PHE A 57 -0.26 4.07 0.76
CA PHE A 57 1.16 3.98 0.43
C PHE A 57 1.98 3.47 1.61
N ARG A 58 1.68 4.01 2.79
CA ARG A 58 2.39 3.62 4.01
C ARG A 58 2.24 2.12 4.27
N HIS A 59 1.04 1.60 4.04
CA HIS A 59 0.76 0.18 4.24
C HIS A 59 1.53 -0.67 3.25
N ARG A 60 1.75 -0.13 2.06
CA ARG A 60 2.49 -0.85 1.02
C ARG A 60 3.94 -1.08 1.43
N ARG A 61 4.61 0.01 1.78
CA ARG A 61 6.01 -0.08 2.20
C ARG A 61 6.21 -1.18 3.23
N ASN A 62 5.31 -1.25 4.20
CA ASN A 62 5.38 -2.26 5.25
C ASN A 62 5.09 -3.65 4.69
N GLN A 63 4.02 -3.75 3.90
CA GLN A 63 3.62 -5.02 3.31
C GLN A 63 4.75 -5.60 2.47
N ASP A 64 5.53 -4.72 1.84
CA ASP A 64 6.64 -5.16 1.01
C ASP A 64 7.63 -6.00 1.81
N LYS A 65 8.10 -5.44 2.92
CA LYS A 65 9.05 -6.13 3.78
C LYS A 65 10.06 -6.92 2.95
N PRO A 66 10.73 -6.23 2.01
CA PRO A 66 11.73 -6.84 1.15
C PRO A 66 13.00 -7.24 1.90
N SER A 67 13.17 -6.67 3.09
CA SER A 67 14.35 -6.96 3.92
C SER A 67 14.17 -8.28 4.66
N GLY A 68 15.29 -8.85 5.11
CA GLY A 68 15.24 -10.11 5.84
C GLY A 68 16.61 -10.69 6.07
N PRO A 69 16.78 -11.37 7.21
CA PRO A 69 18.06 -11.99 7.58
C PRO A 69 18.39 -13.20 6.70
N SER A 70 19.26 -12.99 5.72
CA SER A 70 19.65 -14.06 4.81
C SER A 70 18.48 -15.01 4.55
N SER A 71 17.32 -14.44 4.28
CA SER A 71 16.13 -15.23 4.00
C SER A 71 15.83 -15.28 2.52
N GLY A 72 16.28 -16.36 1.86
CA GLY A 72 16.05 -16.51 0.44
C GLY A 72 14.61 -16.24 0.05
N GLY A 1 -27.25 -0.56 3.12
CA GLY A 1 -26.13 -0.89 2.27
C GLY A 1 -25.51 0.33 1.61
N SER A 2 -24.72 1.08 2.38
CA SER A 2 -24.08 2.28 1.88
C SER A 2 -22.81 1.94 1.11
N SER A 3 -22.25 2.92 0.41
CA SER A 3 -21.04 2.73 -0.36
C SER A 3 -19.89 3.55 0.20
N GLY A 4 -19.18 2.98 1.17
CA GLY A 4 -18.06 3.68 1.78
C GLY A 4 -18.10 3.60 3.30
N SER A 5 -19.19 4.06 3.89
CA SER A 5 -19.34 4.04 5.34
C SER A 5 -19.57 2.63 5.85
N SER A 6 -18.69 2.18 6.74
CA SER A 6 -18.78 0.84 7.31
C SER A 6 -17.76 0.65 8.42
N GLY A 7 -18.11 -0.17 9.40
CA GLY A 7 -17.22 -0.44 10.52
C GLY A 7 -17.34 -1.85 11.04
N GLY A 8 -16.20 -2.49 11.29
CA GLY A 8 -16.21 -3.85 11.80
C GLY A 8 -14.81 -4.39 12.03
N ILE A 9 -14.58 -4.92 13.23
CA ILE A 9 -13.28 -5.47 13.58
C ILE A 9 -13.26 -6.99 13.42
N LYS A 10 -12.87 -7.45 12.24
CA LYS A 10 -12.81 -8.88 11.96
C LYS A 10 -11.36 -9.32 11.69
N ASP A 11 -10.91 -10.31 12.46
CA ASP A 11 -9.55 -10.82 12.30
C ASP A 11 -9.47 -11.81 11.14
N SER A 12 -9.03 -11.31 9.98
CA SER A 12 -8.92 -12.14 8.79
C SER A 12 -7.85 -11.59 7.86
N PRO A 13 -7.12 -12.51 7.19
CA PRO A 13 -6.05 -12.14 6.25
C PRO A 13 -6.59 -11.51 4.98
N VAL A 14 -6.63 -10.17 4.95
CA VAL A 14 -7.12 -9.44 3.80
C VAL A 14 -6.33 -9.79 2.54
N ASN A 15 -7.02 -9.88 1.42
CA ASN A 15 -6.38 -10.21 0.15
C ASN A 15 -5.98 -8.94 -0.60
N LYS A 16 -6.94 -8.03 -0.76
CA LYS A 16 -6.69 -6.78 -1.46
C LYS A 16 -6.88 -5.59 -0.53
N VAL A 17 -5.77 -5.05 -0.03
CA VAL A 17 -5.81 -3.90 0.88
C VAL A 17 -6.97 -2.97 0.52
N GLU A 18 -6.88 -2.34 -0.65
CA GLU A 18 -7.92 -1.43 -1.10
C GLU A 18 -7.96 -1.37 -2.63
N PRO A 19 -9.08 -0.87 -3.17
CA PRO A 19 -9.29 -0.74 -4.62
C PRO A 19 -8.38 0.32 -5.24
N ASN A 20 -7.52 0.92 -4.42
CA ASN A 20 -6.60 1.94 -4.89
C ASN A 20 -5.33 1.32 -5.45
N ASP A 21 -5.45 0.09 -5.93
CA ASP A 21 -4.31 -0.62 -6.51
C ASP A 21 -3.52 0.30 -7.45
N THR A 22 -4.24 1.08 -8.24
CA THR A 22 -3.61 1.99 -9.19
C THR A 22 -2.31 2.54 -8.63
N LEU A 23 -2.29 2.78 -7.32
CA LEU A 23 -1.10 3.32 -6.66
C LEU A 23 0.05 2.32 -6.71
N GLU A 24 -0.24 1.07 -6.34
CA GLU A 24 0.78 0.02 -6.36
C GLU A 24 1.75 0.21 -7.52
N LYS A 25 1.25 0.75 -8.62
CA LYS A 25 2.06 0.98 -9.80
C LYS A 25 2.89 2.25 -9.64
N VAL A 26 2.22 3.39 -9.62
CA VAL A 26 2.89 4.68 -9.47
C VAL A 26 3.95 4.62 -8.38
N PHE A 27 3.66 3.88 -7.31
CA PHE A 27 4.58 3.75 -6.20
C PHE A 27 5.97 3.33 -6.69
N VAL A 28 6.00 2.34 -7.57
CA VAL A 28 7.26 1.84 -8.12
C VAL A 28 7.43 2.29 -9.57
N SER A 29 6.52 3.13 -10.04
CA SER A 29 6.57 3.63 -11.41
C SER A 29 7.14 5.04 -11.46
N VAL A 30 6.62 5.91 -10.60
CA VAL A 30 7.07 7.29 -10.54
C VAL A 30 7.86 7.56 -9.27
N THR A 31 7.34 7.07 -8.14
CA THR A 31 8.01 7.26 -6.86
C THR A 31 7.27 6.50 -5.75
N LYS A 32 8.04 5.96 -4.81
CA LYS A 32 7.46 5.21 -3.69
C LYS A 32 6.88 6.15 -2.65
N TYR A 33 7.52 7.30 -2.48
CA TYR A 33 7.06 8.28 -1.50
C TYR A 33 6.57 9.56 -2.20
N PRO A 34 5.31 9.52 -2.66
CA PRO A 34 4.68 10.64 -3.35
C PRO A 34 4.40 11.81 -2.42
N ASP A 35 4.13 12.98 -3.00
CA ASP A 35 3.84 14.17 -2.21
C ASP A 35 2.47 14.73 -2.55
N GLU A 36 2.01 15.68 -1.76
CA GLU A 36 0.69 16.30 -1.97
C GLU A 36 0.43 16.49 -3.46
N LYS A 37 1.38 17.12 -4.15
CA LYS A 37 1.24 17.36 -5.58
C LYS A 37 0.52 16.20 -6.27
N ARG A 38 1.08 15.00 -6.14
CA ARG A 38 0.51 13.81 -6.74
C ARG A 38 -0.83 13.46 -6.09
N LEU A 39 -0.82 13.38 -4.76
CA LEU A 39 -2.03 13.06 -4.02
C LEU A 39 -3.24 13.81 -4.57
N LYS A 40 -3.02 15.06 -4.98
CA LYS A 40 -4.08 15.89 -5.53
C LYS A 40 -4.86 15.13 -6.60
N GLY A 41 -4.13 14.50 -7.52
CA GLY A 41 -4.77 13.75 -8.58
C GLY A 41 -5.51 12.54 -8.07
N LEU A 42 -4.76 11.61 -7.48
CA LEU A 42 -5.37 10.38 -6.95
C LEU A 42 -6.59 10.69 -6.11
N SER A 43 -6.55 11.82 -5.41
CA SER A 43 -7.67 12.24 -4.56
C SER A 43 -8.97 12.24 -5.35
N LYS A 44 -8.92 12.73 -6.57
CA LYS A 44 -10.11 12.79 -7.43
C LYS A 44 -10.27 11.48 -8.20
N GLN A 45 -9.18 10.98 -8.76
CA GLN A 45 -9.21 9.73 -9.51
C GLN A 45 -9.96 8.65 -8.76
N LEU A 46 -9.52 8.38 -7.53
CA LEU A 46 -10.14 7.37 -6.69
C LEU A 46 -11.06 8.00 -5.65
N ASP A 47 -11.59 9.18 -5.97
CA ASP A 47 -12.47 9.89 -5.06
C ASP A 47 -12.06 9.67 -3.62
N TRP A 48 -10.76 9.78 -3.36
CA TRP A 48 -10.23 9.60 -2.01
C TRP A 48 -9.71 10.92 -1.45
N SER A 49 -9.14 10.86 -0.25
CA SER A 49 -8.61 12.05 0.40
C SER A 49 -7.08 12.03 0.42
N VAL A 50 -6.48 13.20 0.26
CA VAL A 50 -5.03 13.32 0.26
C VAL A 50 -4.40 12.52 1.41
N ARG A 51 -5.13 12.46 2.52
CA ARG A 51 -4.64 11.73 3.69
C ARG A 51 -4.95 10.24 3.57
N LYS A 52 -6.21 9.92 3.32
CA LYS A 52 -6.63 8.53 3.17
C LYS A 52 -5.69 7.77 2.24
N ILE A 53 -5.30 8.41 1.14
CA ILE A 53 -4.41 7.79 0.18
C ILE A 53 -3.03 7.56 0.79
N GLN A 54 -2.44 8.61 1.34
CA GLN A 54 -1.12 8.52 1.96
C GLN A 54 -0.99 7.23 2.78
N CYS A 55 -1.97 6.98 3.65
CA CYS A 55 -1.96 5.80 4.49
C CYS A 55 -1.76 4.54 3.64
N TRP A 56 -2.45 4.48 2.51
CA TRP A 56 -2.35 3.33 1.61
C TRP A 56 -0.90 3.12 1.17
N PHE A 57 -0.27 4.19 0.69
CA PHE A 57 1.12 4.12 0.23
C PHE A 57 2.03 3.57 1.32
N ARG A 58 1.70 3.90 2.58
CA ARG A 58 2.50 3.44 3.72
C ARG A 58 2.31 1.94 3.94
N HIS A 59 1.07 1.48 3.82
CA HIS A 59 0.75 0.07 4.01
C HIS A 59 1.37 -0.77 2.90
N ARG A 60 1.28 -0.28 1.67
CA ARG A 60 1.82 -0.99 0.52
C ARG A 60 3.20 -1.57 0.84
N ARG A 61 4.15 -0.68 1.11
CA ARG A 61 5.51 -1.09 1.43
C ARG A 61 5.50 -2.40 2.23
N ASN A 62 4.85 -2.37 3.39
CA ASN A 62 4.77 -3.55 4.24
C ASN A 62 4.24 -4.75 3.48
N GLN A 63 3.29 -4.50 2.57
CA GLN A 63 2.69 -5.56 1.77
C GLN A 63 3.69 -6.09 0.74
N ASP A 64 4.63 -5.25 0.35
CA ASP A 64 5.65 -5.63 -0.63
C ASP A 64 6.90 -6.16 0.07
N LYS A 65 6.70 -6.98 1.10
CA LYS A 65 7.81 -7.55 1.85
C LYS A 65 7.46 -8.94 2.35
N PRO A 66 8.48 -9.83 2.41
CA PRO A 66 8.30 -11.20 2.87
C PRO A 66 8.02 -11.28 4.36
N SER A 67 7.93 -10.12 5.00
CA SER A 67 7.66 -10.06 6.44
C SER A 67 6.74 -11.20 6.86
N GLY A 68 7.15 -11.94 7.89
CA GLY A 68 6.36 -13.04 8.38
C GLY A 68 7.09 -13.88 9.41
N PRO A 69 7.07 -13.44 10.67
CA PRO A 69 7.73 -14.15 11.78
C PRO A 69 7.05 -15.46 12.12
N SER A 70 5.97 -15.76 11.40
CA SER A 70 5.22 -17.00 11.64
C SER A 70 4.96 -17.20 13.13
N SER A 71 4.56 -16.13 13.80
CA SER A 71 4.29 -16.18 15.23
C SER A 71 3.29 -17.29 15.55
N GLY A 72 3.57 -18.05 16.60
CA GLY A 72 2.69 -19.14 16.99
C GLY A 72 2.52 -20.17 15.89
N GLY A 1 20.63 -5.95 12.03
CA GLY A 1 19.47 -6.64 11.50
C GLY A 1 19.86 -7.82 10.62
N SER A 2 19.15 -8.94 10.77
CA SER A 2 19.43 -10.13 9.99
C SER A 2 18.31 -11.14 10.12
N SER A 3 18.25 -12.08 9.17
CA SER A 3 17.21 -13.11 9.18
C SER A 3 17.81 -14.49 8.95
N GLY A 4 17.11 -15.52 9.40
CA GLY A 4 17.58 -16.88 9.25
C GLY A 4 16.55 -17.79 8.63
N SER A 5 16.18 -17.52 7.38
CA SER A 5 15.18 -18.31 6.68
C SER A 5 15.42 -18.28 5.17
N SER A 6 15.19 -19.42 4.52
CA SER A 6 15.38 -19.53 3.08
C SER A 6 14.18 -18.96 2.32
N GLY A 7 12.99 -19.38 2.73
CA GLY A 7 11.78 -18.91 2.07
C GLY A 7 11.34 -19.81 0.94
N GLY A 8 11.04 -19.21 -0.20
CA GLY A 8 10.61 -19.97 -1.36
C GLY A 8 9.17 -20.44 -1.25
N ILE A 9 8.24 -19.50 -1.37
CA ILE A 9 6.82 -19.82 -1.28
C ILE A 9 6.14 -19.71 -2.64
N LYS A 10 4.97 -20.33 -2.76
CA LYS A 10 4.22 -20.31 -4.01
C LYS A 10 3.10 -19.28 -3.95
N ASP A 11 2.14 -19.50 -3.04
CA ASP A 11 1.02 -18.59 -2.88
C ASP A 11 1.26 -17.62 -1.73
N SER A 12 2.02 -16.56 -2.00
CA SER A 12 2.33 -15.56 -0.99
C SER A 12 1.07 -14.82 -0.55
N PRO A 13 0.97 -14.55 0.76
CA PRO A 13 -0.17 -13.84 1.35
C PRO A 13 -0.23 -12.38 0.94
N VAL A 14 -1.02 -12.08 -0.09
CA VAL A 14 -1.16 -10.72 -0.57
C VAL A 14 -2.62 -10.35 -0.77
N ASN A 15 -3.26 -9.87 0.29
CA ASN A 15 -4.66 -9.49 0.24
C ASN A 15 -4.82 -8.06 -0.30
N LYS A 16 -5.75 -7.89 -1.22
CA LYS A 16 -6.00 -6.58 -1.83
C LYS A 16 -6.40 -5.56 -0.76
N VAL A 17 -5.41 -5.04 -0.04
CA VAL A 17 -5.66 -4.05 1.01
C VAL A 17 -6.84 -3.15 0.64
N GLU A 18 -6.76 -2.54 -0.55
CA GLU A 18 -7.83 -1.65 -1.01
C GLU A 18 -7.84 -1.58 -2.53
N PRO A 19 -8.98 -1.13 -3.09
CA PRO A 19 -9.14 -1.01 -4.54
C PRO A 19 -8.29 0.11 -5.13
N ASN A 20 -7.47 0.74 -4.29
CA ASN A 20 -6.60 1.82 -4.73
C ASN A 20 -5.31 1.27 -5.32
N ASP A 21 -5.37 0.06 -5.84
CA ASP A 21 -4.21 -0.58 -6.44
C ASP A 21 -3.45 0.39 -7.35
N THR A 22 -4.21 1.19 -8.11
CA THR A 22 -3.62 2.15 -9.02
C THR A 22 -2.33 2.72 -8.46
N LEU A 23 -2.31 2.97 -7.15
CA LEU A 23 -1.14 3.52 -6.48
C LEU A 23 0.05 2.57 -6.59
N GLU A 24 -0.19 1.30 -6.27
CA GLU A 24 0.85 0.29 -6.34
C GLU A 24 1.82 0.57 -7.50
N LYS A 25 1.26 0.93 -8.64
CA LYS A 25 2.06 1.23 -9.82
C LYS A 25 2.88 2.50 -9.62
N VAL A 26 2.20 3.63 -9.52
CA VAL A 26 2.88 4.91 -9.32
C VAL A 26 4.00 4.78 -8.30
N PHE A 27 3.75 4.01 -7.25
CA PHE A 27 4.76 3.80 -6.19
C PHE A 27 6.07 3.31 -6.80
N VAL A 28 5.98 2.35 -7.70
CA VAL A 28 7.16 1.79 -8.34
C VAL A 28 7.28 2.26 -9.80
N SER A 29 6.39 3.19 -10.18
CA SER A 29 6.40 3.72 -11.53
C SER A 29 6.98 5.13 -11.56
N VAL A 30 6.50 5.98 -10.67
CA VAL A 30 6.98 7.36 -10.59
C VAL A 30 7.85 7.57 -9.35
N THR A 31 7.37 7.10 -8.21
CA THR A 31 8.11 7.23 -6.96
C THR A 31 7.40 6.51 -5.83
N LYS A 32 8.17 5.87 -4.95
CA LYS A 32 7.62 5.15 -3.82
C LYS A 32 7.06 6.11 -2.78
N TYR A 33 7.74 7.23 -2.58
CA TYR A 33 7.31 8.23 -1.62
C TYR A 33 6.84 9.50 -2.33
N PRO A 34 5.59 9.48 -2.81
CA PRO A 34 4.99 10.63 -3.52
C PRO A 34 4.72 11.80 -2.58
N ASP A 35 4.37 12.94 -3.17
CA ASP A 35 4.08 14.14 -2.39
C ASP A 35 2.67 14.66 -2.71
N GLU A 36 2.17 15.53 -1.85
CA GLU A 36 0.85 16.11 -2.02
C GLU A 36 0.56 16.38 -3.50
N LYS A 37 1.52 17.02 -4.17
CA LYS A 37 1.39 17.33 -5.59
C LYS A 37 0.75 16.18 -6.35
N ARG A 38 1.20 14.97 -6.06
CA ARG A 38 0.67 13.77 -6.72
C ARG A 38 -0.70 13.40 -6.13
N LEU A 39 -0.80 13.43 -4.82
CA LEU A 39 -2.05 13.10 -4.13
C LEU A 39 -3.22 13.84 -4.76
N LYS A 40 -3.05 15.14 -4.98
CA LYS A 40 -4.09 15.97 -5.57
C LYS A 40 -4.85 15.19 -6.64
N GLY A 41 -4.11 14.52 -7.51
CA GLY A 41 -4.74 13.75 -8.57
C GLY A 41 -5.52 12.56 -8.05
N LEU A 42 -4.81 11.59 -7.49
CA LEU A 42 -5.45 10.39 -6.94
C LEU A 42 -6.71 10.75 -6.17
N SER A 43 -6.60 11.76 -5.31
CA SER A 43 -7.74 12.20 -4.50
C SER A 43 -9.01 12.20 -5.32
N LYS A 44 -8.90 12.61 -6.58
CA LYS A 44 -10.05 12.66 -7.48
C LYS A 44 -10.22 11.34 -8.22
N GLN A 45 -9.12 10.83 -8.76
CA GLN A 45 -9.14 9.57 -9.49
C GLN A 45 -9.92 8.51 -8.73
N LEU A 46 -9.48 8.22 -7.51
CA LEU A 46 -10.14 7.22 -6.66
C LEU A 46 -11.10 7.88 -5.68
N ASP A 47 -11.54 9.10 -6.01
CA ASP A 47 -12.45 9.84 -5.15
C ASP A 47 -12.07 9.67 -3.68
N TRP A 48 -10.77 9.70 -3.41
CA TRP A 48 -10.28 9.55 -2.05
C TRP A 48 -9.77 10.89 -1.51
N SER A 49 -9.24 10.87 -0.29
CA SER A 49 -8.71 12.07 0.34
C SER A 49 -7.19 12.03 0.42
N VAL A 50 -6.55 13.18 0.21
CA VAL A 50 -5.10 13.27 0.27
C VAL A 50 -4.55 12.48 1.46
N ARG A 51 -5.24 12.57 2.59
CA ARG A 51 -4.82 11.87 3.79
C ARG A 51 -5.10 10.38 3.68
N LYS A 52 -6.36 10.03 3.43
CA LYS A 52 -6.75 8.63 3.29
C LYS A 52 -5.79 7.88 2.37
N ILE A 53 -5.46 8.50 1.24
CA ILE A 53 -4.55 7.89 0.27
C ILE A 53 -3.20 7.59 0.91
N GLN A 54 -2.55 8.63 1.42
CA GLN A 54 -1.24 8.49 2.05
C GLN A 54 -1.17 7.19 2.86
N CYS A 55 -2.22 6.92 3.63
CA CYS A 55 -2.27 5.72 4.45
C CYS A 55 -2.04 4.48 3.60
N TRP A 56 -2.69 4.42 2.45
CA TRP A 56 -2.55 3.28 1.54
C TRP A 56 -1.08 3.03 1.21
N PHE A 57 -0.41 4.07 0.75
CA PHE A 57 1.00 3.97 0.38
C PHE A 57 1.81 3.35 1.52
N ARG A 58 1.62 3.86 2.73
CA ARG A 58 2.33 3.37 3.90
C ARG A 58 2.12 1.85 4.06
N HIS A 59 0.91 1.39 3.76
CA HIS A 59 0.58 -0.02 3.87
C HIS A 59 1.43 -0.85 2.92
N ARG A 60 1.37 -0.51 1.63
CA ARG A 60 2.14 -1.23 0.62
C ARG A 60 3.58 -1.47 1.08
N ARG A 61 4.25 -0.39 1.46
CA ARG A 61 5.64 -0.48 1.93
C ARG A 61 5.83 -1.73 2.78
N ASN A 62 5.02 -1.86 3.82
CA ASN A 62 5.11 -3.01 4.72
C ASN A 62 4.89 -4.31 3.96
N GLN A 63 3.88 -4.32 3.10
CA GLN A 63 3.54 -5.50 2.31
C GLN A 63 4.74 -5.96 1.48
N ASP A 64 5.29 -5.03 0.70
CA ASP A 64 6.44 -5.34 -0.15
C ASP A 64 7.43 -6.25 0.59
N LYS A 65 7.72 -5.91 1.83
CA LYS A 65 8.65 -6.69 2.64
C LYS A 65 7.97 -7.93 3.20
N PRO A 66 8.72 -9.04 3.29
CA PRO A 66 8.21 -10.31 3.81
C PRO A 66 7.94 -10.26 5.31
N SER A 67 8.85 -9.63 6.04
CA SER A 67 8.71 -9.52 7.49
C SER A 67 7.42 -8.79 7.86
N GLY A 68 7.15 -8.69 9.16
CA GLY A 68 5.94 -8.02 9.62
C GLY A 68 5.34 -8.70 10.83
N PRO A 69 4.38 -8.02 11.47
CA PRO A 69 3.69 -8.54 12.66
C PRO A 69 2.78 -9.71 12.34
N SER A 70 2.56 -9.95 11.05
CA SER A 70 1.69 -11.03 10.60
C SER A 70 2.04 -12.33 11.35
N SER A 71 1.05 -12.88 12.05
CA SER A 71 1.24 -14.11 12.80
C SER A 71 -0.09 -14.82 13.02
N GLY A 72 -0.03 -16.15 13.13
CA GLY A 72 -1.24 -16.94 13.32
C GLY A 72 -1.93 -17.27 12.01
N GLY A 1 11.07 4.92 28.30
CA GLY A 1 11.50 4.69 26.93
C GLY A 1 10.62 3.67 26.22
N SER A 2 10.46 2.50 26.83
CA SER A 2 9.65 1.44 26.24
C SER A 2 8.33 2.00 25.72
N SER A 3 7.83 1.40 24.64
CA SER A 3 6.57 1.83 24.03
C SER A 3 5.48 0.78 24.23
N GLY A 4 5.42 0.23 25.43
CA GLY A 4 4.42 -0.78 25.73
C GLY A 4 5.01 -2.18 25.80
N SER A 5 4.23 -3.11 26.35
CA SER A 5 4.69 -4.49 26.48
C SER A 5 3.49 -5.45 26.57
N SER A 6 3.69 -6.68 26.10
CA SER A 6 2.64 -7.69 26.13
C SER A 6 1.30 -7.09 25.69
N GLY A 7 1.34 -6.35 24.58
CA GLY A 7 0.13 -5.73 24.08
C GLY A 7 -0.73 -6.70 23.28
N GLY A 8 -0.29 -7.02 22.07
CA GLY A 8 -1.03 -7.94 21.23
C GLY A 8 -1.04 -7.52 19.78
N ILE A 9 -1.83 -8.21 18.97
CA ILE A 9 -1.93 -7.90 17.55
C ILE A 9 -3.37 -8.01 17.05
N LYS A 10 -3.58 -7.67 15.79
CA LYS A 10 -4.91 -7.74 15.19
C LYS A 10 -4.92 -8.65 13.96
N ASP A 11 -6.10 -9.03 13.52
CA ASP A 11 -6.24 -9.90 12.36
C ASP A 11 -5.60 -9.27 11.13
N SER A 12 -4.98 -10.10 10.29
CA SER A 12 -4.32 -9.62 9.09
C SER A 12 -5.33 -9.08 8.09
N PRO A 13 -4.88 -8.16 7.22
CA PRO A 13 -5.73 -7.55 6.20
C PRO A 13 -6.12 -8.53 5.10
N VAL A 14 -7.17 -8.19 4.36
CA VAL A 14 -7.65 -9.05 3.27
C VAL A 14 -6.57 -9.23 2.20
N ASN A 15 -6.82 -10.14 1.27
CA ASN A 15 -5.88 -10.41 0.19
C ASN A 15 -5.49 -9.12 -0.52
N LYS A 16 -6.48 -8.27 -0.79
CA LYS A 16 -6.24 -7.00 -1.46
C LYS A 16 -6.48 -5.83 -0.53
N VAL A 17 -5.41 -5.24 -0.02
CA VAL A 17 -5.50 -4.10 0.89
C VAL A 17 -6.70 -3.23 0.54
N GLU A 18 -6.64 -2.57 -0.61
CA GLU A 18 -7.72 -1.70 -1.05
C GLU A 18 -7.77 -1.63 -2.58
N PRO A 19 -8.91 -1.17 -3.11
CA PRO A 19 -9.12 -1.04 -4.56
C PRO A 19 -8.27 0.08 -5.17
N ASN A 20 -7.43 0.70 -4.33
CA ASN A 20 -6.57 1.78 -4.78
C ASN A 20 -5.29 1.23 -5.42
N ASP A 21 -5.36 -0.01 -5.90
CA ASP A 21 -4.21 -0.64 -6.53
C ASP A 21 -3.46 0.35 -7.42
N THR A 22 -4.23 1.13 -8.18
CA THR A 22 -3.63 2.12 -9.08
C THR A 22 -2.35 2.70 -8.50
N LEU A 23 -2.36 2.95 -7.19
CA LEU A 23 -1.20 3.51 -6.52
C LEU A 23 0.00 2.56 -6.61
N GLU A 24 -0.23 1.30 -6.25
CA GLU A 24 0.82 0.29 -6.30
C GLU A 24 1.77 0.55 -7.47
N LYS A 25 1.21 0.96 -8.59
CA LYS A 25 2.01 1.24 -9.79
C LYS A 25 2.83 2.51 -9.60
N VAL A 26 2.14 3.65 -9.53
CA VAL A 26 2.81 4.93 -9.35
C VAL A 26 3.91 4.84 -8.29
N PHE A 27 3.63 4.10 -7.23
CA PHE A 27 4.59 3.93 -6.14
C PHE A 27 5.93 3.41 -6.67
N VAL A 28 5.86 2.42 -7.56
CA VAL A 28 7.07 1.84 -8.15
C VAL A 28 7.23 2.28 -9.59
N SER A 29 6.35 3.16 -10.06
CA SER A 29 6.39 3.65 -11.42
C SER A 29 6.99 5.05 -11.48
N VAL A 30 6.48 5.93 -10.62
CA VAL A 30 6.94 7.31 -10.56
C VAL A 30 7.89 7.53 -9.39
N THR A 31 7.50 7.02 -8.22
CA THR A 31 8.32 7.15 -7.02
C THR A 31 7.70 6.40 -5.85
N LYS A 32 8.54 5.93 -4.93
CA LYS A 32 8.07 5.20 -3.77
C LYS A 32 7.35 6.13 -2.79
N TYR A 33 7.94 7.31 -2.57
CA TYR A 33 7.36 8.29 -1.65
C TYR A 33 6.93 9.54 -2.40
N PRO A 34 5.68 9.54 -2.87
CA PRO A 34 5.11 10.68 -3.62
C PRO A 34 4.88 11.89 -2.73
N ASP A 35 4.48 13.00 -3.34
CA ASP A 35 4.22 14.23 -2.60
C ASP A 35 2.78 14.69 -2.78
N GLU A 36 2.37 15.69 -2.01
CA GLU A 36 1.02 16.21 -2.09
C GLU A 36 0.63 16.52 -3.54
N LYS A 37 1.63 16.68 -4.39
CA LYS A 37 1.40 16.97 -5.80
C LYS A 37 0.75 15.78 -6.50
N ARG A 38 1.13 14.58 -6.08
CA ARG A 38 0.58 13.36 -6.66
C ARG A 38 -0.74 12.98 -6.00
N LEU A 39 -0.84 13.21 -4.69
CA LEU A 39 -2.04 12.89 -3.94
C LEU A 39 -3.23 13.71 -4.45
N LYS A 40 -2.99 14.99 -4.70
CA LYS A 40 -4.04 15.88 -5.19
C LYS A 40 -4.74 15.28 -6.40
N GLY A 41 -3.97 14.63 -7.28
CA GLY A 41 -4.55 14.01 -8.46
C GLY A 41 -5.38 12.79 -8.13
N LEU A 42 -4.77 11.83 -7.44
CA LEU A 42 -5.46 10.60 -7.06
C LEU A 42 -6.74 10.91 -6.30
N SER A 43 -6.67 11.91 -5.42
CA SER A 43 -7.83 12.31 -4.62
C SER A 43 -9.10 12.28 -5.46
N LYS A 44 -8.98 12.69 -6.73
CA LYS A 44 -10.13 12.71 -7.63
C LYS A 44 -10.29 11.37 -8.33
N GLN A 45 -9.17 10.83 -8.82
CA GLN A 45 -9.20 9.54 -9.52
C GLN A 45 -9.98 8.51 -8.73
N LEU A 46 -9.53 8.25 -7.49
CA LEU A 46 -10.20 7.28 -6.64
C LEU A 46 -11.11 7.98 -5.64
N ASP A 47 -11.61 9.15 -6.02
CA ASP A 47 -12.52 9.91 -5.17
C ASP A 47 -12.15 9.74 -3.69
N TRP A 48 -10.85 9.69 -3.42
CA TRP A 48 -10.36 9.53 -2.06
C TRP A 48 -9.84 10.84 -1.50
N SER A 49 -9.35 10.82 -0.27
CA SER A 49 -8.83 12.01 0.38
C SER A 49 -7.30 11.95 0.46
N VAL A 50 -6.67 13.13 0.35
CA VAL A 50 -5.22 13.21 0.41
C VAL A 50 -4.67 12.43 1.59
N ARG A 51 -5.42 12.41 2.69
CA ARG A 51 -5.01 11.70 3.89
C ARG A 51 -5.25 10.20 3.74
N LYS A 52 -6.50 9.84 3.47
CA LYS A 52 -6.86 8.44 3.30
C LYS A 52 -5.90 7.72 2.36
N ILE A 53 -5.60 8.36 1.23
CA ILE A 53 -4.69 7.80 0.25
C ILE A 53 -3.30 7.57 0.86
N GLN A 54 -2.69 8.65 1.34
CA GLN A 54 -1.37 8.57 1.94
C GLN A 54 -1.23 7.30 2.79
N CYS A 55 -2.20 7.06 3.65
CA CYS A 55 -2.18 5.88 4.51
C CYS A 55 -1.93 4.62 3.70
N TRP A 56 -2.64 4.49 2.58
CA TRP A 56 -2.49 3.33 1.71
C TRP A 56 -1.03 3.10 1.35
N PHE A 57 -0.40 4.14 0.80
CA PHE A 57 1.00 4.04 0.41
C PHE A 57 1.84 3.40 1.50
N ARG A 58 1.73 3.93 2.72
CA ARG A 58 2.47 3.42 3.86
C ARG A 58 2.27 1.92 3.99
N HIS A 59 1.06 1.45 3.74
CA HIS A 59 0.74 0.03 3.83
C HIS A 59 1.48 -0.77 2.75
N ARG A 60 1.42 -0.28 1.52
CA ARG A 60 2.08 -0.95 0.40
C ARG A 60 3.46 -1.45 0.81
N ARG A 61 4.35 -0.51 1.13
CA ARG A 61 5.70 -0.85 1.53
C ARG A 61 5.73 -2.14 2.34
N ASN A 62 4.99 -2.15 3.45
CA ASN A 62 4.92 -3.32 4.32
C ASN A 62 4.61 -4.57 3.51
N GLN A 63 3.66 -4.47 2.60
CA GLN A 63 3.26 -5.59 1.76
C GLN A 63 4.42 -6.02 0.87
N ASP A 64 5.16 -5.05 0.34
CA ASP A 64 6.29 -5.33 -0.53
C ASP A 64 7.40 -6.04 0.23
N LYS A 65 7.74 -5.51 1.40
CA LYS A 65 8.79 -6.09 2.23
C LYS A 65 8.49 -7.55 2.55
N PRO A 66 9.50 -8.41 2.38
CA PRO A 66 9.38 -9.85 2.64
C PRO A 66 9.23 -10.16 4.13
N SER A 67 10.12 -9.59 4.94
CA SER A 67 10.09 -9.80 6.38
C SER A 67 9.68 -11.23 6.71
N GLY A 68 10.35 -12.20 6.09
CA GLY A 68 10.04 -13.59 6.33
C GLY A 68 10.81 -14.52 5.41
N PRO A 69 12.05 -14.84 5.79
CA PRO A 69 12.92 -15.72 5.00
C PRO A 69 12.44 -17.18 5.03
N SER A 70 12.46 -17.82 3.86
CA SER A 70 12.02 -19.20 3.75
C SER A 70 12.92 -19.98 2.79
N SER A 71 12.84 -21.30 2.85
CA SER A 71 13.64 -22.16 1.98
C SER A 71 13.79 -21.56 0.59
N GLY A 72 15.01 -21.54 0.08
CA GLY A 72 15.26 -20.99 -1.23
C GLY A 72 15.96 -19.65 -1.18
N GLY A 1 -2.02 8.37 14.60
CA GLY A 1 -3.30 8.70 15.19
C GLY A 1 -3.47 8.10 16.57
N SER A 2 -4.71 8.09 17.06
CA SER A 2 -5.00 7.54 18.38
C SER A 2 -5.31 6.04 18.28
N SER A 3 -6.27 5.70 17.43
CA SER A 3 -6.66 4.31 17.25
C SER A 3 -6.71 3.58 18.59
N GLY A 4 -7.26 4.24 19.60
CA GLY A 4 -7.35 3.64 20.92
C GLY A 4 -8.70 3.04 21.18
N SER A 5 -9.17 2.19 20.27
CA SER A 5 -10.47 1.54 20.41
C SER A 5 -10.31 0.08 20.84
N SER A 6 -11.29 -0.42 21.57
CA SER A 6 -11.27 -1.79 22.05
C SER A 6 -12.16 -2.68 21.20
N GLY A 7 -11.55 -3.39 20.24
CA GLY A 7 -12.30 -4.26 19.37
C GLY A 7 -11.44 -4.90 18.31
N GLY A 8 -11.70 -4.55 17.05
CA GLY A 8 -10.93 -5.11 15.94
C GLY A 8 -10.50 -4.05 14.95
N ILE A 9 -9.52 -4.39 14.12
CA ILE A 9 -9.01 -3.46 13.12
C ILE A 9 -9.14 -4.05 11.72
N LYS A 10 -9.10 -5.37 11.62
CA LYS A 10 -9.20 -6.05 10.34
C LYS A 10 -10.43 -6.94 10.30
N ASP A 11 -11.27 -6.75 9.28
CA ASP A 11 -12.48 -7.54 9.13
C ASP A 11 -12.19 -8.90 8.51
N SER A 12 -11.49 -8.87 7.37
CA SER A 12 -11.13 -10.11 6.67
C SER A 12 -9.64 -10.16 6.38
N PRO A 13 -9.07 -11.37 6.46
CA PRO A 13 -7.64 -11.58 6.22
C PRO A 13 -7.27 -11.39 4.75
N VAL A 14 -8.22 -10.91 3.96
CA VAL A 14 -8.00 -10.68 2.53
C VAL A 14 -6.61 -10.12 2.28
N ASN A 15 -6.00 -10.53 1.17
CA ASN A 15 -4.66 -10.07 0.82
C ASN A 15 -4.72 -8.67 0.20
N LYS A 16 -5.72 -8.43 -0.63
CA LYS A 16 -5.89 -7.13 -1.28
C LYS A 16 -6.13 -6.04 -0.24
N VAL A 17 -5.10 -5.26 0.03
CA VAL A 17 -5.20 -4.17 0.99
C VAL A 17 -6.39 -3.26 0.68
N GLU A 18 -6.53 -2.89 -0.59
CA GLU A 18 -7.63 -2.03 -1.01
C GLU A 18 -7.67 -1.91 -2.53
N PRO A 19 -8.82 -1.48 -3.05
CA PRO A 19 -9.02 -1.31 -4.50
C PRO A 19 -8.21 -0.16 -5.07
N ASN A 20 -7.39 0.47 -4.22
CA ASN A 20 -6.57 1.58 -4.64
C ASN A 20 -5.27 1.10 -5.28
N ASP A 21 -5.30 -0.12 -5.81
CA ASP A 21 -4.13 -0.71 -6.45
C ASP A 21 -3.44 0.31 -7.34
N THR A 22 -4.23 1.09 -8.07
CA THR A 22 -3.69 2.11 -8.97
C THR A 22 -2.42 2.73 -8.40
N LEU A 23 -2.35 2.82 -7.07
CA LEU A 23 -1.20 3.39 -6.40
C LEU A 23 0.02 2.47 -6.53
N GLU A 24 -0.19 1.18 -6.25
CA GLU A 24 0.88 0.21 -6.34
C GLU A 24 1.79 0.48 -7.54
N LYS A 25 1.16 0.83 -8.66
CA LYS A 25 1.90 1.13 -9.88
C LYS A 25 2.73 2.40 -9.73
N VAL A 26 2.03 3.53 -9.63
CA VAL A 26 2.71 4.81 -9.48
C VAL A 26 3.84 4.74 -8.46
N PHE A 27 3.61 3.96 -7.40
CA PHE A 27 4.62 3.80 -6.35
C PHE A 27 5.97 3.40 -6.95
N VAL A 28 5.95 2.44 -7.86
CA VAL A 28 7.16 1.97 -8.51
C VAL A 28 7.24 2.45 -9.95
N SER A 29 6.31 3.32 -10.33
CA SER A 29 6.27 3.84 -11.69
C SER A 29 6.82 5.27 -11.72
N VAL A 30 6.34 6.11 -10.81
CA VAL A 30 6.79 7.49 -10.73
C VAL A 30 7.67 7.73 -9.50
N THR A 31 7.21 7.23 -8.36
CA THR A 31 7.95 7.38 -7.11
C THR A 31 7.32 6.57 -5.99
N LYS A 32 8.15 6.02 -5.13
CA LYS A 32 7.68 5.21 -4.00
C LYS A 32 7.11 6.10 -2.91
N TYR A 33 7.72 7.25 -2.71
CA TYR A 33 7.28 8.19 -1.68
C TYR A 33 6.73 9.47 -2.31
N PRO A 34 5.46 9.42 -2.75
CA PRO A 34 4.80 10.55 -3.37
C PRO A 34 4.52 11.69 -2.38
N ASP A 35 4.23 12.87 -2.90
CA ASP A 35 3.94 14.02 -2.06
C ASP A 35 2.59 14.64 -2.43
N GLU A 36 2.18 15.66 -1.67
CA GLU A 36 0.92 16.33 -1.92
C GLU A 36 0.60 16.38 -3.42
N LYS A 37 1.51 16.95 -4.18
CA LYS A 37 1.33 17.06 -5.63
C LYS A 37 0.70 15.78 -6.19
N ARG A 38 1.30 14.65 -5.89
CA ARG A 38 0.80 13.36 -6.36
C ARG A 38 -0.60 13.09 -5.81
N LEU A 39 -0.74 13.11 -4.49
CA LEU A 39 -2.02 12.86 -3.85
C LEU A 39 -3.13 13.66 -4.54
N LYS A 40 -2.92 14.96 -4.66
CA LYS A 40 -3.91 15.83 -5.31
C LYS A 40 -4.61 15.10 -6.45
N GLY A 41 -3.83 14.52 -7.35
CA GLY A 41 -4.39 13.80 -8.48
C GLY A 41 -5.25 12.64 -8.05
N LEU A 42 -4.62 11.61 -7.47
CA LEU A 42 -5.34 10.43 -7.01
C LEU A 42 -6.64 10.81 -6.31
N SER A 43 -6.55 11.79 -5.41
CA SER A 43 -7.72 12.24 -4.67
C SER A 43 -8.96 12.22 -5.55
N LYS A 44 -8.80 12.59 -6.82
CA LYS A 44 -9.90 12.61 -7.76
C LYS A 44 -10.05 11.26 -8.46
N GLN A 45 -8.91 10.67 -8.84
CA GLN A 45 -8.91 9.37 -9.52
C GLN A 45 -9.74 8.36 -8.74
N LEU A 46 -9.39 8.18 -7.47
CA LEU A 46 -10.10 7.22 -6.61
C LEU A 46 -11.04 7.95 -5.65
N ASP A 47 -11.45 9.16 -6.03
CA ASP A 47 -12.34 9.96 -5.21
C ASP A 47 -11.99 9.83 -3.72
N TRP A 48 -10.69 9.80 -3.44
CA TRP A 48 -10.22 9.67 -2.06
C TRP A 48 -9.71 11.00 -1.54
N SER A 49 -9.17 10.99 -0.31
CA SER A 49 -8.66 12.20 0.30
C SER A 49 -7.14 12.15 0.40
N VAL A 50 -6.49 13.30 0.26
CA VAL A 50 -5.04 13.39 0.33
C VAL A 50 -4.51 12.64 1.54
N ARG A 51 -5.30 12.61 2.60
CA ARG A 51 -4.91 11.92 3.83
C ARG A 51 -5.22 10.43 3.75
N LYS A 52 -6.41 10.10 3.25
CA LYS A 52 -6.82 8.71 3.11
C LYS A 52 -5.83 7.93 2.25
N ILE A 53 -5.51 8.47 1.08
CA ILE A 53 -4.58 7.82 0.17
C ILE A 53 -3.25 7.56 0.85
N GLN A 54 -2.69 8.60 1.47
CA GLN A 54 -1.41 8.47 2.16
C GLN A 54 -1.35 7.18 2.98
N CYS A 55 -2.46 6.85 3.63
CA CYS A 55 -2.54 5.64 4.44
C CYS A 55 -2.19 4.40 3.62
N TRP A 56 -2.77 4.32 2.42
CA TRP A 56 -2.54 3.19 1.53
C TRP A 56 -1.05 3.06 1.20
N PHE A 57 -0.47 4.14 0.69
CA PHE A 57 0.94 4.14 0.33
C PHE A 57 1.80 3.62 1.48
N ARG A 58 1.45 4.03 2.70
CA ARG A 58 2.19 3.60 3.87
C ARG A 58 2.17 2.08 4.00
N HIS A 59 0.98 1.50 3.98
CA HIS A 59 0.82 0.06 4.10
C HIS A 59 1.64 -0.67 3.04
N ARG A 60 1.58 -0.18 1.80
CA ARG A 60 2.33 -0.77 0.70
C ARG A 60 3.76 -1.06 1.11
N ARG A 61 4.50 -0.01 1.46
CA ARG A 61 5.89 -0.15 1.87
C ARG A 61 6.06 -1.33 2.83
N ASN A 62 5.44 -1.24 3.99
CA ASN A 62 5.51 -2.30 5.00
C ASN A 62 5.24 -3.66 4.37
N GLN A 63 4.22 -3.72 3.52
CA GLN A 63 3.86 -4.97 2.86
C GLN A 63 5.02 -5.48 1.99
N ASP A 64 5.70 -4.56 1.33
CA ASP A 64 6.83 -4.91 0.47
C ASP A 64 8.11 -5.03 1.29
N LYS A 65 8.02 -5.67 2.45
CA LYS A 65 9.17 -5.85 3.33
C LYS A 65 9.65 -7.29 3.30
N PRO A 66 10.48 -7.63 2.30
CA PRO A 66 11.03 -8.98 2.14
C PRO A 66 12.03 -9.33 3.22
N SER A 67 11.57 -9.99 4.28
CA SER A 67 12.43 -10.39 5.38
C SER A 67 11.81 -11.52 6.19
N GLY A 68 12.40 -12.70 6.11
CA GLY A 68 11.89 -13.84 6.84
C GLY A 68 12.96 -14.55 7.65
N PRO A 69 13.83 -15.29 6.96
CA PRO A 69 14.93 -16.03 7.61
C PRO A 69 16.01 -15.10 8.16
N SER A 70 15.81 -13.81 7.97
CA SER A 70 16.77 -12.81 8.45
C SER A 70 16.81 -12.80 9.98
N SER A 71 18.01 -12.59 10.53
CA SER A 71 18.18 -12.56 11.98
C SER A 71 17.09 -11.71 12.63
N GLY A 72 16.35 -12.32 13.54
CA GLY A 72 15.29 -11.60 14.23
C GLY A 72 14.86 -12.30 15.51
N GLY A 1 3.04 0.14 18.60
CA GLY A 1 1.83 -0.60 18.27
C GLY A 1 2.08 -2.08 18.10
N SER A 2 1.23 -2.90 18.72
CA SER A 2 1.37 -4.35 18.64
C SER A 2 0.00 -5.02 18.72
N SER A 3 -0.14 -6.16 18.04
CA SER A 3 -1.39 -6.90 18.03
C SER A 3 -1.16 -8.35 17.61
N GLY A 4 -1.40 -9.27 18.53
CA GLY A 4 -1.21 -10.68 18.25
C GLY A 4 -2.05 -11.14 17.07
N SER A 5 -1.84 -12.40 16.66
CA SER A 5 -2.58 -12.96 15.53
C SER A 5 -3.18 -14.31 15.91
N SER A 6 -2.40 -15.13 16.61
CA SER A 6 -2.86 -16.46 17.03
C SER A 6 -3.56 -17.17 15.88
N GLY A 7 -2.94 -17.16 14.71
CA GLY A 7 -3.51 -17.81 13.54
C GLY A 7 -2.80 -19.10 13.18
N GLY A 8 -3.23 -19.74 12.11
CA GLY A 8 -2.62 -20.98 11.68
C GLY A 8 -2.92 -21.31 10.24
N ILE A 9 -3.17 -22.58 9.97
CA ILE A 9 -3.48 -23.03 8.61
C ILE A 9 -4.84 -22.51 8.16
N LYS A 10 -4.88 -21.92 6.96
CA LYS A 10 -6.11 -21.38 6.41
C LYS A 10 -5.94 -21.03 4.93
N ASP A 11 -7.02 -20.58 4.30
CA ASP A 11 -6.98 -20.22 2.89
C ASP A 11 -7.88 -19.01 2.63
N SER A 12 -7.33 -18.01 1.94
CA SER A 12 -8.07 -16.79 1.63
C SER A 12 -7.86 -16.39 0.17
N PRO A 13 -8.91 -15.85 -0.45
CA PRO A 13 -8.87 -15.41 -1.85
C PRO A 13 -8.00 -14.18 -2.04
N VAL A 14 -7.99 -13.64 -3.26
CA VAL A 14 -7.20 -12.46 -3.57
C VAL A 14 -7.13 -11.51 -2.38
N ASN A 15 -5.93 -11.13 -1.99
CA ASN A 15 -5.72 -10.23 -0.87
C ASN A 15 -5.34 -8.83 -1.36
N LYS A 16 -6.32 -7.94 -1.42
CA LYS A 16 -6.10 -6.57 -1.87
C LYS A 16 -6.51 -5.57 -0.79
N VAL A 17 -5.51 -5.02 -0.09
CA VAL A 17 -5.76 -4.05 0.96
C VAL A 17 -6.93 -3.13 0.60
N GLU A 18 -6.85 -2.55 -0.60
CA GLU A 18 -7.91 -1.64 -1.06
C GLU A 18 -7.93 -1.59 -2.58
N PRO A 19 -9.05 -1.08 -3.13
CA PRO A 19 -9.22 -0.95 -4.59
C PRO A 19 -8.31 0.12 -5.19
N ASN A 20 -7.48 0.72 -4.35
CA ASN A 20 -6.57 1.76 -4.80
C ASN A 20 -5.28 1.16 -5.36
N ASP A 21 -5.40 -0.05 -5.90
CA ASP A 21 -4.24 -0.74 -6.48
C ASP A 21 -3.47 0.18 -7.43
N THR A 22 -4.21 1.00 -8.17
CA THR A 22 -3.60 1.92 -9.12
C THR A 22 -2.32 2.52 -8.56
N LEU A 23 -2.32 2.81 -7.27
CA LEU A 23 -1.15 3.39 -6.60
C LEU A 23 0.03 2.42 -6.66
N GLU A 24 -0.24 1.15 -6.41
CA GLU A 24 0.81 0.13 -6.43
C GLU A 24 1.76 0.35 -7.60
N LYS A 25 1.21 0.82 -8.72
CA LYS A 25 2.00 1.07 -9.91
C LYS A 25 2.83 2.35 -9.75
N VAL A 26 2.14 3.49 -9.72
CA VAL A 26 2.81 4.78 -9.57
C VAL A 26 3.89 4.71 -8.49
N PHE A 27 3.63 3.96 -7.45
CA PHE A 27 4.58 3.81 -6.34
C PHE A 27 5.96 3.41 -6.87
N VAL A 28 5.98 2.41 -7.76
CA VAL A 28 7.22 1.93 -8.34
C VAL A 28 7.37 2.39 -9.78
N SER A 29 6.42 3.19 -10.25
CA SER A 29 6.43 3.70 -11.61
C SER A 29 7.00 5.11 -11.66
N VAL A 30 6.49 5.98 -10.78
CA VAL A 30 6.95 7.36 -10.72
C VAL A 30 7.82 7.60 -9.49
N THR A 31 7.36 7.10 -8.34
CA THR A 31 8.09 7.27 -7.09
C THR A 31 7.43 6.48 -5.96
N LYS A 32 8.24 5.97 -5.05
CA LYS A 32 7.75 5.20 -3.91
C LYS A 32 7.22 6.12 -2.81
N TYR A 33 7.83 7.30 -2.71
CA TYR A 33 7.42 8.28 -1.70
C TYR A 33 6.83 9.52 -2.35
N PRO A 34 5.54 9.44 -2.71
CA PRO A 34 4.83 10.55 -3.34
C PRO A 34 4.58 11.71 -2.39
N ASP A 35 4.12 12.83 -2.93
CA ASP A 35 3.85 14.02 -2.11
C ASP A 35 2.48 14.60 -2.45
N GLU A 36 1.97 15.44 -1.56
CA GLU A 36 0.67 16.08 -1.78
C GLU A 36 0.46 16.40 -3.25
N LYS A 37 1.45 17.04 -3.87
CA LYS A 37 1.37 17.40 -5.28
C LYS A 37 0.71 16.28 -6.09
N ARG A 38 1.24 15.08 -5.97
CA ARG A 38 0.71 13.93 -6.69
C ARG A 38 -0.65 13.51 -6.12
N LEU A 39 -0.71 13.37 -4.81
CA LEU A 39 -1.96 12.98 -4.15
C LEU A 39 -3.14 13.73 -4.73
N LYS A 40 -2.97 15.03 -4.96
CA LYS A 40 -4.02 15.86 -5.52
C LYS A 40 -4.77 15.11 -6.62
N GLY A 41 -4.02 14.47 -7.52
CA GLY A 41 -4.63 13.74 -8.61
C GLY A 41 -5.41 12.53 -8.13
N LEU A 42 -4.71 11.57 -7.54
CA LEU A 42 -5.34 10.36 -7.03
C LEU A 42 -6.60 10.70 -6.24
N SER A 43 -6.54 11.78 -5.47
CA SER A 43 -7.68 12.20 -4.66
C SER A 43 -8.96 12.19 -5.49
N LYS A 44 -8.87 12.68 -6.73
CA LYS A 44 -10.03 12.72 -7.61
C LYS A 44 -10.23 11.37 -8.31
N GLN A 45 -9.15 10.86 -8.88
CA GLN A 45 -9.20 9.58 -9.59
C GLN A 45 -9.99 8.55 -8.78
N LEU A 46 -9.54 8.29 -7.55
CA LEU A 46 -10.19 7.33 -6.68
C LEU A 46 -11.11 8.03 -5.68
N ASP A 47 -11.57 9.22 -6.06
CA ASP A 47 -12.46 10.00 -5.18
C ASP A 47 -12.09 9.81 -3.73
N TRP A 48 -10.79 9.82 -3.44
CA TRP A 48 -10.31 9.65 -2.07
C TRP A 48 -9.75 10.96 -1.52
N SER A 49 -9.20 10.90 -0.33
CA SER A 49 -8.63 12.08 0.31
C SER A 49 -7.11 11.97 0.42
N VAL A 50 -6.43 13.09 0.21
CA VAL A 50 -4.97 13.12 0.29
C VAL A 50 -4.46 12.34 1.49
N ARG A 51 -5.16 12.49 2.62
CA ARG A 51 -4.79 11.79 3.84
C ARG A 51 -5.12 10.30 3.75
N LYS A 52 -6.36 10.00 3.43
CA LYS A 52 -6.81 8.61 3.31
C LYS A 52 -5.84 7.81 2.44
N ILE A 53 -5.45 8.39 1.31
CA ILE A 53 -4.52 7.73 0.40
C ILE A 53 -3.16 7.51 1.06
N GLN A 54 -2.56 8.59 1.54
CA GLN A 54 -1.26 8.52 2.19
C GLN A 54 -1.13 7.24 3.01
N CYS A 55 -2.19 6.89 3.73
CA CYS A 55 -2.20 5.69 4.56
C CYS A 55 -1.93 4.45 3.71
N TRP A 56 -2.63 4.36 2.58
CA TRP A 56 -2.47 3.22 1.67
C TRP A 56 -1.01 3.06 1.25
N PHE A 57 -0.42 4.13 0.75
CA PHE A 57 0.97 4.10 0.32
C PHE A 57 1.87 3.55 1.41
N ARG A 58 1.70 4.06 2.63
CA ARG A 58 2.50 3.61 3.76
C ARG A 58 2.34 2.11 4.00
N HIS A 59 1.09 1.67 4.14
CA HIS A 59 0.80 0.27 4.36
C HIS A 59 1.33 -0.59 3.21
N ARG A 60 1.25 -0.05 2.00
CA ARG A 60 1.72 -0.76 0.82
C ARG A 60 3.12 -1.33 1.04
N ARG A 61 4.09 -0.44 1.23
CA ARG A 61 5.47 -0.85 1.45
C ARG A 61 5.54 -2.13 2.26
N ASN A 62 4.94 -2.11 3.46
CA ASN A 62 4.93 -3.28 4.32
C ASN A 62 4.60 -4.54 3.53
N GLN A 63 3.45 -4.53 2.85
CA GLN A 63 3.02 -5.67 2.07
C GLN A 63 4.04 -6.01 0.99
N ASP A 64 4.48 -5.00 0.25
CA ASP A 64 5.47 -5.20 -0.80
C ASP A 64 6.47 -6.28 -0.42
N LYS A 65 6.99 -6.20 0.79
CA LYS A 65 7.96 -7.18 1.28
C LYS A 65 7.29 -8.54 1.52
N PRO A 66 7.98 -9.62 1.14
CA PRO A 66 7.47 -10.98 1.30
C PRO A 66 7.42 -11.40 2.76
N SER A 67 6.22 -11.75 3.23
CA SER A 67 6.03 -12.17 4.62
C SER A 67 5.03 -13.33 4.70
N GLY A 68 5.50 -14.47 5.21
CA GLY A 68 4.63 -15.62 5.34
C GLY A 68 5.23 -16.86 4.71
N PRO A 69 4.95 -18.03 5.31
CA PRO A 69 5.46 -19.32 4.83
C PRO A 69 4.82 -19.73 3.50
N SER A 70 5.38 -20.77 2.87
CA SER A 70 4.86 -21.25 1.61
C SER A 70 4.82 -22.78 1.58
N SER A 71 4.05 -23.33 0.66
CA SER A 71 3.92 -24.78 0.54
C SER A 71 4.32 -25.25 -0.86
N GLY A 72 5.35 -26.09 -0.92
CA GLY A 72 5.81 -26.59 -2.19
C GLY A 72 5.63 -28.09 -2.33
N GLY A 1 -7.17 -2.03 13.35
CA GLY A 1 -6.19 -2.85 14.03
C GLY A 1 -4.87 -2.12 14.26
N SER A 2 -4.76 -1.43 15.39
CA SER A 2 -3.56 -0.68 15.71
C SER A 2 -2.47 -1.60 16.25
N SER A 3 -2.76 -2.28 17.36
CA SER A 3 -1.81 -3.20 17.98
C SER A 3 -2.42 -4.59 18.15
N GLY A 4 -1.78 -5.59 17.56
CA GLY A 4 -2.27 -6.94 17.65
C GLY A 4 -1.35 -7.95 16.98
N SER A 5 -1.33 -7.95 15.66
CA SER A 5 -0.49 -8.86 14.90
C SER A 5 -0.73 -10.30 15.34
N SER A 6 -1.99 -10.67 15.51
CA SER A 6 -2.35 -12.01 15.92
C SER A 6 -3.75 -12.39 15.43
N GLY A 7 -4.07 -13.67 15.50
CA GLY A 7 -5.37 -14.14 15.06
C GLY A 7 -5.28 -15.02 13.83
N GLY A 8 -4.31 -15.93 13.83
CA GLY A 8 -4.14 -16.83 12.70
C GLY A 8 -3.31 -16.21 11.59
N ILE A 9 -2.11 -16.75 11.38
CA ILE A 9 -1.23 -16.25 10.34
C ILE A 9 -0.87 -17.35 9.34
N LYS A 10 -0.92 -18.59 9.79
CA LYS A 10 -0.62 -19.74 8.94
C LYS A 10 -1.25 -19.56 7.56
N ASP A 11 -2.55 -19.34 7.53
CA ASP A 11 -3.28 -19.15 6.27
C ASP A 11 -3.64 -17.69 6.07
N SER A 12 -2.68 -16.91 5.58
CA SER A 12 -2.90 -15.48 5.34
C SER A 12 -3.29 -15.23 3.88
N PRO A 13 -4.54 -14.79 3.68
CA PRO A 13 -5.06 -14.51 2.34
C PRO A 13 -4.42 -13.27 1.72
N VAL A 14 -3.98 -13.39 0.47
CA VAL A 14 -3.35 -12.29 -0.24
C VAL A 14 -4.39 -11.32 -0.79
N ASN A 15 -5.41 -11.03 0.01
CA ASN A 15 -6.48 -10.13 -0.40
C ASN A 15 -5.92 -8.74 -0.74
N LYS A 16 -6.74 -7.93 -1.39
CA LYS A 16 -6.32 -6.59 -1.78
C LYS A 16 -6.71 -5.57 -0.71
N VAL A 17 -5.71 -4.93 -0.11
CA VAL A 17 -5.95 -3.94 0.92
C VAL A 17 -7.09 -3.00 0.54
N GLU A 18 -6.99 -2.41 -0.65
CA GLU A 18 -8.01 -1.50 -1.13
C GLU A 18 -8.00 -1.42 -2.66
N PRO A 19 -9.09 -0.91 -3.23
CA PRO A 19 -9.23 -0.76 -4.69
C PRO A 19 -8.31 0.32 -5.26
N ASN A 20 -7.48 0.90 -4.39
CA ASN A 20 -6.56 1.94 -4.81
C ASN A 20 -5.27 1.33 -5.37
N ASP A 21 -5.41 0.20 -6.04
CA ASP A 21 -4.26 -0.48 -6.63
C ASP A 21 -3.48 0.45 -7.54
N THR A 22 -4.21 1.29 -8.29
CA THR A 22 -3.58 2.23 -9.20
C THR A 22 -2.29 2.79 -8.62
N LEU A 23 -2.24 2.89 -7.30
CA LEU A 23 -1.06 3.41 -6.61
C LEU A 23 0.09 2.41 -6.68
N GLU A 24 -0.21 1.14 -6.39
CA GLU A 24 0.80 0.10 -6.41
C GLU A 24 1.75 0.28 -7.59
N LYS A 25 1.23 0.86 -8.67
CA LYS A 25 2.02 1.09 -9.87
C LYS A 25 2.87 2.35 -9.72
N VAL A 26 2.22 3.50 -9.68
CA VAL A 26 2.92 4.77 -9.54
C VAL A 26 4.01 4.68 -8.47
N PHE A 27 3.71 3.95 -7.40
CA PHE A 27 4.66 3.78 -6.30
C PHE A 27 6.03 3.36 -6.83
N VAL A 28 6.03 2.36 -7.72
CA VAL A 28 7.27 1.86 -8.29
C VAL A 28 7.42 2.30 -9.75
N SER A 29 6.51 3.17 -10.19
CA SER A 29 6.54 3.67 -11.56
C SER A 29 7.13 5.08 -11.61
N VAL A 30 6.64 5.95 -10.73
CA VAL A 30 7.11 7.32 -10.68
C VAL A 30 7.92 7.58 -9.41
N THR A 31 7.40 7.11 -8.27
CA THR A 31 8.08 7.28 -7.00
C THR A 31 7.35 6.53 -5.88
N LYS A 32 8.11 5.98 -4.95
CA LYS A 32 7.54 5.23 -3.84
C LYS A 32 6.98 6.19 -2.78
N TYR A 33 7.65 7.32 -2.60
CA TYR A 33 7.22 8.32 -1.62
C TYR A 33 6.62 9.53 -2.32
N PRO A 34 5.34 9.42 -2.69
CA PRO A 34 4.61 10.51 -3.37
C PRO A 34 4.33 11.69 -2.43
N ASP A 35 4.15 12.86 -3.02
CA ASP A 35 3.88 14.07 -2.25
C ASP A 35 2.49 14.62 -2.56
N GLU A 36 2.05 15.60 -1.78
CA GLU A 36 0.74 16.20 -1.97
C GLU A 36 0.38 16.25 -3.45
N LYS A 37 1.33 16.70 -4.27
CA LYS A 37 1.12 16.79 -5.71
C LYS A 37 0.52 15.50 -6.26
N ARG A 38 1.17 14.38 -5.99
CA ARG A 38 0.70 13.08 -6.47
C ARG A 38 -0.65 12.74 -5.84
N LEU A 39 -0.88 13.24 -4.63
CA LEU A 39 -2.13 12.99 -3.93
C LEU A 39 -3.26 13.85 -4.49
N LYS A 40 -2.90 15.02 -5.01
CA LYS A 40 -3.89 15.92 -5.60
C LYS A 40 -4.74 15.22 -6.63
N GLY A 41 -4.08 14.55 -7.59
CA GLY A 41 -4.80 13.83 -8.61
C GLY A 41 -5.53 12.61 -8.09
N LEU A 42 -4.77 11.67 -7.53
CA LEU A 42 -5.35 10.45 -6.98
C LEU A 42 -6.61 10.76 -6.17
N SER A 43 -6.56 11.87 -5.44
CA SER A 43 -7.70 12.27 -4.61
C SER A 43 -8.99 12.28 -5.42
N LYS A 44 -8.90 12.71 -6.67
CA LYS A 44 -10.06 12.76 -7.55
C LYS A 44 -10.23 11.44 -8.30
N GLN A 45 -9.13 10.91 -8.81
CA GLN A 45 -9.16 9.65 -9.54
C GLN A 45 -9.90 8.58 -8.76
N LEU A 46 -9.52 8.40 -7.50
CA LEU A 46 -10.15 7.41 -6.64
C LEU A 46 -11.07 8.07 -5.62
N ASP A 47 -11.60 9.23 -5.99
CA ASP A 47 -12.50 9.97 -5.10
C ASP A 47 -12.09 9.80 -3.64
N TRP A 48 -10.78 9.80 -3.39
CA TRP A 48 -10.27 9.64 -2.04
C TRP A 48 -9.73 10.96 -1.50
N SER A 49 -9.17 10.93 -0.30
CA SER A 49 -8.61 12.13 0.32
C SER A 49 -7.09 12.06 0.37
N VAL A 50 -6.46 13.23 0.39
CA VAL A 50 -5.00 13.30 0.44
C VAL A 50 -4.45 12.52 1.61
N ARG A 51 -5.20 12.47 2.70
CA ARG A 51 -4.79 11.74 3.89
C ARG A 51 -5.12 10.26 3.77
N LYS A 52 -6.35 9.95 3.40
CA LYS A 52 -6.79 8.57 3.25
C LYS A 52 -5.83 7.79 2.34
N ILE A 53 -5.46 8.40 1.22
CA ILE A 53 -4.55 7.76 0.27
C ILE A 53 -3.18 7.54 0.90
N GLN A 54 -2.64 8.58 1.53
CA GLN A 54 -1.33 8.49 2.17
C GLN A 54 -1.20 7.18 2.95
N CYS A 55 -2.20 6.88 3.76
CA CYS A 55 -2.20 5.66 4.57
C CYS A 55 -1.95 4.44 3.70
N TRP A 56 -2.59 4.41 2.54
CA TRP A 56 -2.45 3.29 1.61
C TRP A 56 -0.99 3.09 1.23
N PHE A 57 -0.34 4.19 0.81
CA PHE A 57 1.06 4.13 0.41
C PHE A 57 1.94 3.62 1.54
N ARG A 58 1.68 4.11 2.76
CA ARG A 58 2.45 3.71 3.93
C ARG A 58 2.33 2.21 4.15
N HIS A 59 1.15 1.66 3.90
CA HIS A 59 0.92 0.22 4.08
C HIS A 59 1.63 -0.57 2.99
N ARG A 60 1.39 -0.20 1.74
CA ARG A 60 2.01 -0.90 0.62
C ARG A 60 3.44 -1.32 0.95
N ARG A 61 4.23 -0.38 1.44
CA ARG A 61 5.61 -0.65 1.80
C ARG A 61 5.72 -1.95 2.61
N ASN A 62 5.05 -1.98 3.75
CA ASN A 62 5.06 -3.16 4.61
C ASN A 62 5.04 -4.44 3.78
N GLN A 63 4.06 -4.54 2.88
CA GLN A 63 3.94 -5.71 2.03
C GLN A 63 5.23 -5.97 1.26
N ASP A 64 5.75 -4.93 0.63
CA ASP A 64 6.99 -5.05 -0.14
C ASP A 64 8.13 -5.52 0.75
N LYS A 65 8.27 -4.91 1.91
CA LYS A 65 9.33 -5.27 2.85
C LYS A 65 9.04 -6.63 3.49
N PRO A 66 10.10 -7.43 3.66
CA PRO A 66 10.00 -8.77 4.26
C PRO A 66 9.68 -8.70 5.75
N SER A 67 8.52 -9.22 6.13
CA SER A 67 8.11 -9.22 7.53
C SER A 67 8.62 -10.47 8.26
N GLY A 68 9.52 -10.26 9.21
CA GLY A 68 10.06 -11.37 9.96
C GLY A 68 11.53 -11.16 10.31
N PRO A 69 11.94 -11.68 11.47
CA PRO A 69 13.32 -11.55 11.95
C PRO A 69 14.29 -12.39 11.12
N SER A 70 15.53 -11.93 11.04
CA SER A 70 16.56 -12.64 10.28
C SER A 70 17.35 -13.59 11.17
N SER A 71 16.63 -14.30 12.04
CA SER A 71 17.25 -15.25 12.95
C SER A 71 18.06 -16.29 12.19
N GLY A 72 19.23 -16.63 12.71
CA GLY A 72 20.08 -17.62 12.08
C GLY A 72 21.32 -17.93 12.88
N GLY A 1 -4.97 20.93 22.20
CA GLY A 1 -5.93 19.86 22.33
C GLY A 1 -5.28 18.53 22.68
N SER A 2 -6.10 17.54 23.03
CA SER A 2 -5.59 16.23 23.40
C SER A 2 -5.16 15.45 22.15
N SER A 3 -4.44 14.36 22.37
CA SER A 3 -3.96 13.53 21.27
C SER A 3 -3.32 12.24 21.80
N GLY A 4 -2.90 11.38 20.88
CA GLY A 4 -2.29 10.13 21.27
C GLY A 4 -1.67 9.39 20.09
N SER A 5 -0.78 8.45 20.38
CA SER A 5 -0.11 7.68 19.34
C SER A 5 0.20 6.26 19.83
N SER A 6 0.44 5.36 18.88
CA SER A 6 0.74 3.97 19.21
C SER A 6 1.43 3.28 18.05
N GLY A 7 1.94 2.07 18.30
CA GLY A 7 2.62 1.32 17.25
C GLY A 7 2.46 -0.17 17.42
N GLY A 8 2.78 -0.92 16.37
CA GLY A 8 2.67 -2.37 16.42
C GLY A 8 2.67 -3.00 15.05
N ILE A 9 2.36 -4.29 14.99
CA ILE A 9 2.33 -5.02 13.72
C ILE A 9 0.98 -5.68 13.50
N LYS A 10 0.63 -5.89 12.23
CA LYS A 10 -0.63 -6.52 11.89
C LYS A 10 -0.41 -7.72 10.98
N ASP A 11 -1.49 -8.44 10.66
CA ASP A 11 -1.41 -9.61 9.79
C ASP A 11 -1.72 -9.23 8.34
N SER A 12 -1.06 -9.90 7.41
CA SER A 12 -1.26 -9.64 5.99
C SER A 12 -2.49 -10.36 5.47
N PRO A 13 -3.46 -9.60 4.98
CA PRO A 13 -4.72 -10.15 4.44
C PRO A 13 -4.50 -10.89 3.12
N VAL A 14 -5.18 -12.04 2.99
CA VAL A 14 -5.06 -12.85 1.79
C VAL A 14 -5.60 -12.12 0.57
N ASN A 15 -6.55 -11.21 0.80
CA ASN A 15 -7.15 -10.43 -0.27
C ASN A 15 -6.35 -9.15 -0.53
N LYS A 16 -6.86 -8.32 -1.44
CA LYS A 16 -6.20 -7.07 -1.77
C LYS A 16 -6.54 -5.98 -0.76
N VAL A 17 -5.51 -5.28 -0.29
CA VAL A 17 -5.71 -4.21 0.69
C VAL A 17 -6.88 -3.33 0.30
N GLU A 18 -6.95 -2.93 -0.96
CA GLU A 18 -8.02 -2.09 -1.45
C GLU A 18 -7.96 -1.93 -2.97
N PRO A 19 -9.08 -1.49 -3.57
CA PRO A 19 -9.17 -1.30 -5.02
C PRO A 19 -8.33 -0.13 -5.50
N ASN A 20 -7.57 0.47 -4.59
CA ASN A 20 -6.72 1.60 -4.92
C ASN A 20 -5.40 1.14 -5.53
N ASP A 21 -5.39 -0.09 -6.04
CA ASP A 21 -4.19 -0.66 -6.65
C ASP A 21 -3.50 0.38 -7.53
N THR A 22 -4.29 1.17 -8.25
CA THR A 22 -3.75 2.19 -9.13
C THR A 22 -2.49 2.82 -8.54
N LEU A 23 -2.43 2.87 -7.21
CA LEU A 23 -1.28 3.44 -6.52
C LEU A 23 -0.07 2.53 -6.63
N GLU A 24 -0.25 1.26 -6.29
CA GLU A 24 0.83 0.29 -6.36
C GLU A 24 1.75 0.58 -7.53
N LYS A 25 1.17 0.94 -8.67
CA LYS A 25 1.94 1.25 -9.86
C LYS A 25 2.81 2.48 -9.64
N VAL A 26 2.18 3.63 -9.51
CA VAL A 26 2.89 4.89 -9.29
C VAL A 26 3.98 4.73 -8.24
N PHE A 27 3.70 3.90 -7.24
CA PHE A 27 4.66 3.66 -6.16
C PHE A 27 6.01 3.23 -6.72
N VAL A 28 5.98 2.29 -7.65
CA VAL A 28 7.20 1.79 -8.27
C VAL A 28 7.35 2.31 -9.70
N SER A 29 6.46 3.22 -10.08
CA SER A 29 6.49 3.80 -11.42
C SER A 29 7.10 5.20 -11.40
N VAL A 30 6.62 6.02 -10.46
CA VAL A 30 7.12 7.39 -10.33
C VAL A 30 7.94 7.55 -9.06
N THR A 31 7.40 7.05 -7.95
CA THR A 31 8.08 7.15 -6.66
C THR A 31 7.31 6.43 -5.58
N LYS A 32 8.03 5.90 -4.59
CA LYS A 32 7.40 5.18 -3.49
C LYS A 32 6.70 6.14 -2.54
N TYR A 33 7.31 7.31 -2.31
CA TYR A 33 6.74 8.32 -1.43
C TYR A 33 6.33 9.56 -2.21
N PRO A 34 5.07 9.57 -2.69
CA PRO A 34 4.53 10.70 -3.46
C PRO A 34 4.33 11.94 -2.60
N ASP A 35 4.08 13.07 -3.25
CA ASP A 35 3.86 14.33 -2.55
C ASP A 35 2.46 14.88 -2.83
N GLU A 36 2.01 15.81 -2.00
CA GLU A 36 0.70 16.41 -2.16
C GLU A 36 0.41 16.71 -3.64
N LYS A 37 1.42 17.23 -4.33
CA LYS A 37 1.28 17.56 -5.73
C LYS A 37 0.66 16.40 -6.51
N ARG A 38 1.16 15.20 -6.26
CA ARG A 38 0.65 14.01 -6.93
C ARG A 38 -0.65 13.53 -6.29
N LEU A 39 -0.67 13.51 -4.96
CA LEU A 39 -1.85 13.08 -4.22
C LEU A 39 -3.09 13.83 -4.69
N LYS A 40 -2.91 15.11 -5.03
CA LYS A 40 -4.02 15.94 -5.49
C LYS A 40 -4.76 15.26 -6.64
N GLY A 41 -4.02 14.52 -7.46
CA GLY A 41 -4.62 13.84 -8.59
C GLY A 41 -5.44 12.62 -8.17
N LEU A 42 -4.77 11.66 -7.54
CA LEU A 42 -5.44 10.44 -7.08
C LEU A 42 -6.68 10.78 -6.25
N SER A 43 -6.54 11.79 -5.39
CA SER A 43 -7.64 12.21 -4.53
C SER A 43 -8.97 12.19 -5.29
N LYS A 44 -8.95 12.70 -6.52
CA LYS A 44 -10.14 12.74 -7.36
C LYS A 44 -10.33 11.42 -8.09
N GLN A 45 -9.23 10.88 -8.61
CA GLN A 45 -9.27 9.62 -9.35
C GLN A 45 -10.07 8.57 -8.58
N LEU A 46 -9.60 8.23 -7.39
CA LEU A 46 -10.27 7.24 -6.55
C LEU A 46 -11.15 7.92 -5.51
N ASP A 47 -11.65 9.10 -5.84
CA ASP A 47 -12.51 9.84 -4.93
C ASP A 47 -12.04 9.69 -3.49
N TRP A 48 -10.73 9.72 -3.30
CA TRP A 48 -10.15 9.58 -1.97
C TRP A 48 -9.62 10.92 -1.47
N SER A 49 -8.97 10.89 -0.30
CA SER A 49 -8.42 12.11 0.29
C SER A 49 -6.90 12.04 0.34
N VAL A 50 -6.25 13.19 0.20
CA VAL A 50 -4.80 13.26 0.23
C VAL A 50 -4.23 12.43 1.38
N ARG A 51 -4.90 12.48 2.53
CA ARG A 51 -4.46 11.74 3.70
C ARG A 51 -4.80 10.25 3.56
N LYS A 52 -6.07 9.97 3.25
CA LYS A 52 -6.52 8.59 3.08
C LYS A 52 -5.58 7.82 2.16
N ILE A 53 -5.28 8.40 1.00
CA ILE A 53 -4.40 7.76 0.03
C ILE A 53 -3.04 7.43 0.67
N GLN A 54 -2.37 8.45 1.17
CA GLN A 54 -1.06 8.27 1.81
C GLN A 54 -1.05 7.00 2.66
N CYS A 55 -2.10 6.82 3.45
CA CYS A 55 -2.21 5.65 4.32
C CYS A 55 -2.02 4.37 3.52
N TRP A 56 -2.69 4.28 2.38
CA TRP A 56 -2.61 3.10 1.53
C TRP A 56 -1.16 2.83 1.12
N PHE A 57 -0.45 3.90 0.77
CA PHE A 57 0.94 3.78 0.36
C PHE A 57 1.79 3.13 1.46
N ARG A 58 1.79 3.75 2.62
CA ARG A 58 2.55 3.24 3.76
C ARG A 58 2.31 1.75 3.94
N HIS A 59 1.05 1.35 4.06
CA HIS A 59 0.68 -0.04 4.24
C HIS A 59 1.36 -0.91 3.19
N ARG A 60 1.58 -0.35 2.01
CA ARG A 60 2.21 -1.08 0.92
C ARG A 60 3.64 -1.47 1.28
N ARG A 61 4.49 -0.46 1.46
CA ARG A 61 5.89 -0.69 1.81
C ARG A 61 6.03 -1.89 2.75
N ASN A 62 5.06 -2.05 3.63
CA ASN A 62 5.06 -3.15 4.59
C ASN A 62 4.51 -4.42 3.95
N GLN A 63 3.45 -4.28 3.17
CA GLN A 63 2.82 -5.41 2.50
C GLN A 63 3.84 -6.15 1.64
N ASP A 64 4.44 -5.44 0.69
CA ASP A 64 5.42 -6.04 -0.21
C ASP A 64 6.40 -6.92 0.57
N LYS A 65 6.75 -6.50 1.78
CA LYS A 65 7.67 -7.25 2.62
C LYS A 65 6.99 -7.70 3.92
N PRO A 66 6.25 -8.80 3.84
CA PRO A 66 5.52 -9.36 4.98
C PRO A 66 6.47 -9.96 6.03
N SER A 67 7.75 -10.02 5.69
CA SER A 67 8.76 -10.56 6.59
C SER A 67 8.54 -10.05 8.02
N GLY A 68 8.07 -10.94 8.89
CA GLY A 68 7.83 -10.55 10.26
C GLY A 68 7.70 -11.76 11.18
N PRO A 69 6.64 -12.56 10.98
CA PRO A 69 6.38 -13.75 11.79
C PRO A 69 7.39 -14.86 11.51
N SER A 70 8.34 -14.59 10.63
CA SER A 70 9.36 -15.56 10.27
C SER A 70 8.78 -16.65 9.37
N SER A 71 8.14 -16.24 8.29
CA SER A 71 7.53 -17.18 7.35
C SER A 71 7.88 -16.81 5.91
N GLY A 72 8.06 -17.82 5.07
CA GLY A 72 8.39 -17.59 3.68
C GLY A 72 9.87 -17.37 3.47
N GLY A 1 24.43 -20.73 13.28
CA GLY A 1 23.79 -20.60 11.99
C GLY A 1 24.66 -21.08 10.85
N SER A 2 25.00 -20.18 9.94
CA SER A 2 25.83 -20.52 8.80
C SER A 2 25.28 -21.73 8.05
N SER A 3 23.96 -21.75 7.89
CA SER A 3 23.29 -22.85 7.20
C SER A 3 22.55 -22.35 5.97
N GLY A 4 21.95 -23.28 5.23
CA GLY A 4 21.21 -22.92 4.03
C GLY A 4 19.97 -23.76 3.83
N SER A 5 18.81 -23.12 3.81
CA SER A 5 17.54 -23.83 3.63
C SER A 5 16.63 -23.07 2.66
N SER A 6 15.88 -23.83 1.87
CA SER A 6 14.97 -23.24 0.89
C SER A 6 13.67 -24.04 0.81
N GLY A 7 12.73 -23.55 0.00
CA GLY A 7 11.47 -24.24 -0.17
C GLY A 7 10.30 -23.28 -0.28
N GLY A 8 10.01 -22.57 0.80
CA GLY A 8 8.91 -21.62 0.80
C GLY A 8 7.57 -22.29 1.05
N ILE A 9 7.25 -22.51 2.32
CA ILE A 9 5.99 -23.15 2.69
C ILE A 9 5.05 -22.16 3.35
N LYS A 10 4.30 -21.43 2.53
CA LYS A 10 3.34 -20.44 3.03
C LYS A 10 1.97 -20.65 2.42
N ASP A 11 0.96 -20.00 3.00
CA ASP A 11 -0.41 -20.11 2.51
C ASP A 11 -1.25 -18.93 2.96
N SER A 12 -1.71 -18.13 2.00
CA SER A 12 -2.52 -16.95 2.30
C SER A 12 -3.44 -16.61 1.14
N PRO A 13 -4.60 -16.02 1.45
CA PRO A 13 -5.58 -15.63 0.44
C PRO A 13 -5.10 -14.46 -0.41
N VAL A 14 -5.99 -13.96 -1.27
CA VAL A 14 -5.66 -12.84 -2.15
C VAL A 14 -6.30 -11.55 -1.65
N ASN A 15 -6.37 -11.40 -0.33
CA ASN A 15 -6.96 -10.21 0.27
C ASN A 15 -6.26 -8.95 -0.23
N LYS A 16 -7.03 -8.07 -0.87
CA LYS A 16 -6.49 -6.82 -1.40
C LYS A 16 -6.63 -5.70 -0.38
N VAL A 17 -5.54 -4.98 -0.14
CA VAL A 17 -5.54 -3.87 0.80
C VAL A 17 -6.68 -2.90 0.51
N GLU A 18 -6.83 -2.55 -0.75
CA GLU A 18 -7.89 -1.62 -1.17
C GLU A 18 -7.98 -1.53 -2.69
N PRO A 19 -9.11 -1.02 -3.20
CA PRO A 19 -9.33 -0.88 -4.63
C PRO A 19 -8.46 0.21 -5.26
N ASN A 20 -7.58 0.79 -4.44
CA ASN A 20 -6.69 1.84 -4.91
C ASN A 20 -5.37 1.25 -5.41
N ASP A 21 -5.40 -0.03 -5.74
CA ASP A 21 -4.21 -0.73 -6.23
C ASP A 21 -3.46 0.14 -7.25
N THR A 22 -4.21 0.94 -8.01
CA THR A 22 -3.63 1.81 -9.01
C THR A 22 -2.35 2.47 -8.49
N LEU A 23 -2.31 2.72 -7.19
CA LEU A 23 -1.16 3.35 -6.56
C LEU A 23 0.03 2.41 -6.57
N GLU A 24 -0.21 1.13 -6.31
CA GLU A 24 0.85 0.13 -6.29
C GLU A 24 1.81 0.33 -7.46
N LYS A 25 1.26 0.70 -8.61
CA LYS A 25 2.06 0.93 -9.80
C LYS A 25 2.91 2.19 -9.66
N VAL A 26 2.24 3.35 -9.65
CA VAL A 26 2.91 4.62 -9.51
C VAL A 26 4.01 4.56 -8.44
N PHE A 27 3.71 3.86 -7.34
CA PHE A 27 4.66 3.73 -6.24
C PHE A 27 6.02 3.30 -6.76
N VAL A 28 6.03 2.30 -7.64
CA VAL A 28 7.28 1.79 -8.20
C VAL A 28 7.43 2.21 -9.66
N SER A 29 6.52 3.06 -10.12
CA SER A 29 6.54 3.54 -11.51
C SER A 29 7.11 4.95 -11.58
N VAL A 30 6.60 5.83 -10.73
CA VAL A 30 7.06 7.22 -10.71
C VAL A 30 7.89 7.49 -9.46
N THR A 31 7.39 7.07 -8.30
CA THR A 31 8.09 7.27 -7.05
C THR A 31 7.42 6.50 -5.91
N LYS A 32 8.23 6.04 -4.95
CA LYS A 32 7.72 5.29 -3.82
C LYS A 32 6.99 6.22 -2.84
N TYR A 33 7.56 7.38 -2.60
CA TYR A 33 6.97 8.36 -1.69
C TYR A 33 6.46 9.58 -2.45
N PRO A 34 5.17 9.55 -2.80
CA PRO A 34 4.54 10.66 -3.54
C PRO A 34 4.38 11.91 -2.67
N ASP A 35 4.22 13.06 -3.33
CA ASP A 35 4.05 14.32 -2.63
C ASP A 35 2.65 14.89 -2.84
N GLU A 36 2.26 15.82 -1.99
CA GLU A 36 0.94 16.45 -2.09
C GLU A 36 0.51 16.57 -3.55
N LYS A 37 1.29 17.33 -4.32
CA LYS A 37 0.98 17.53 -5.73
C LYS A 37 0.38 16.27 -6.35
N ARG A 38 0.99 15.12 -6.07
CA ARG A 38 0.52 13.85 -6.59
C ARG A 38 -0.78 13.43 -5.90
N LEU A 39 -0.81 13.57 -4.58
CA LEU A 39 -1.99 13.21 -3.80
C LEU A 39 -3.24 13.86 -4.38
N LYS A 40 -3.15 15.14 -4.68
CA LYS A 40 -4.27 15.88 -5.25
C LYS A 40 -4.91 15.11 -6.41
N GLY A 41 -4.07 14.61 -7.30
CA GLY A 41 -4.56 13.86 -8.45
C GLY A 41 -5.31 12.61 -8.04
N LEU A 42 -4.58 11.64 -7.48
CA LEU A 42 -5.19 10.39 -7.05
C LEU A 42 -6.45 10.64 -6.22
N SER A 43 -6.41 11.70 -5.41
CA SER A 43 -7.55 12.05 -4.56
C SER A 43 -8.83 12.12 -5.39
N LYS A 44 -8.72 12.66 -6.59
CA LYS A 44 -9.87 12.79 -7.48
C LYS A 44 -10.10 11.50 -8.26
N GLN A 45 -9.04 10.97 -8.87
CA GLN A 45 -9.12 9.73 -9.63
C GLN A 45 -9.89 8.67 -8.87
N LEU A 46 -9.49 8.45 -7.62
CA LEU A 46 -10.14 7.45 -6.78
C LEU A 46 -11.05 8.10 -5.75
N ASP A 47 -11.46 9.35 -6.03
CA ASP A 47 -12.34 10.09 -5.14
C ASP A 47 -11.97 9.84 -3.68
N TRP A 48 -10.66 9.88 -3.40
CA TRP A 48 -10.18 9.66 -2.04
C TRP A 48 -9.73 10.97 -1.40
N SER A 49 -9.16 10.88 -0.21
CA SER A 49 -8.69 12.05 0.51
C SER A 49 -7.17 12.04 0.66
N VAL A 50 -6.54 13.18 0.45
CA VAL A 50 -5.09 13.30 0.56
C VAL A 50 -4.57 12.49 1.74
N ARG A 51 -5.40 12.32 2.76
CA ARG A 51 -5.02 11.57 3.95
C ARG A 51 -5.12 10.07 3.69
N LYS A 52 -6.31 9.60 3.34
CA LYS A 52 -6.54 8.19 3.07
C LYS A 52 -5.48 7.66 2.11
N ILE A 53 -5.25 8.37 1.02
CA ILE A 53 -4.27 7.97 0.02
C ILE A 53 -2.91 7.71 0.66
N GLN A 54 -2.53 8.58 1.60
CA GLN A 54 -1.25 8.44 2.29
C GLN A 54 -1.23 7.18 3.13
N CYS A 55 -2.36 6.83 3.71
CA CYS A 55 -2.47 5.64 4.55
C CYS A 55 -2.29 4.38 3.71
N TRP A 56 -2.65 4.46 2.45
CA TRP A 56 -2.54 3.33 1.54
C TRP A 56 -1.09 3.09 1.12
N PHE A 57 -0.43 4.18 0.70
CA PHE A 57 0.96 4.09 0.27
C PHE A 57 1.85 3.54 1.39
N ARG A 58 1.54 3.94 2.62
CA ARG A 58 2.30 3.49 3.78
C ARG A 58 2.18 1.99 3.97
N HIS A 59 0.96 1.48 3.83
CA HIS A 59 0.71 0.05 3.99
C HIS A 59 1.44 -0.75 2.91
N ARG A 60 1.38 -0.28 1.67
CA ARG A 60 2.03 -0.94 0.56
C ARG A 60 3.43 -1.41 0.96
N ARG A 61 4.32 -0.46 1.21
CA ARG A 61 5.69 -0.77 1.59
C ARG A 61 5.73 -1.99 2.51
N ASN A 62 4.86 -2.01 3.50
CA ASN A 62 4.80 -3.12 4.45
C ASN A 62 4.31 -4.39 3.76
N GLN A 63 3.35 -4.22 2.85
CA GLN A 63 2.79 -5.36 2.11
C GLN A 63 3.85 -6.03 1.25
N ASP A 64 4.84 -5.24 0.83
CA ASP A 64 5.92 -5.76 -0.01
C ASP A 64 7.03 -6.35 0.84
N LYS A 65 6.65 -7.12 1.85
CA LYS A 65 7.62 -7.75 2.74
C LYS A 65 8.84 -8.23 1.96
N PRO A 66 10.01 -8.14 2.59
CA PRO A 66 11.28 -8.55 1.98
C PRO A 66 11.37 -10.07 1.83
N SER A 67 11.89 -10.53 0.69
CA SER A 67 12.03 -11.95 0.42
C SER A 67 12.98 -12.60 1.43
N GLY A 68 12.80 -13.89 1.65
CA GLY A 68 13.65 -14.62 2.59
C GLY A 68 12.91 -15.74 3.29
N PRO A 69 12.82 -16.90 2.64
CA PRO A 69 12.13 -18.08 3.19
C PRO A 69 12.90 -18.68 4.37
N SER A 70 14.10 -18.16 4.63
CA SER A 70 14.92 -18.66 5.72
C SER A 70 14.75 -17.79 6.96
N SER A 71 13.80 -18.16 7.80
CA SER A 71 13.53 -17.41 9.03
C SER A 71 12.97 -18.32 10.12
N GLY A 72 13.02 -17.85 11.36
CA GLY A 72 12.52 -18.63 12.47
C GLY A 72 13.59 -18.94 13.50
#